data_3EKX
# 
_entry.id   3EKX 
# 
_audit_conform.dict_name       mmcif_pdbx.dic 
_audit_conform.dict_version    5.377 
_audit_conform.dict_location   http://mmcif.pdb.org/dictionaries/ascii/mmcif_pdbx.dic 
# 
loop_
_database_2.database_id 
_database_2.database_code 
_database_2.pdbx_database_accession 
_database_2.pdbx_DOI 
PDB   3EKX         pdb_00003ekx 10.2210/pdb3ekx/pdb 
RCSB  RCSB049451   ?            ?                   
WWPDB D_1000049451 ?            ?                   
# 
loop_
_pdbx_database_related.db_name 
_pdbx_database_related.db_id 
_pdbx_database_related.details 
_pdbx_database_related.content_type 
PDB 3EKP . unspecified 
PDB 3EKQ . unspecified 
PDB 3EKV . unspecified 
PDB 3EKW . unspecified 
PDB 3EKT . unspecified 
PDB 3EKY . unspecified 
PDB 3EL0 . unspecified 
PDB 3EL1 . unspecified 
PDB 3EL4 . unspecified 
PDB 3EL5 . unspecified 
# 
_pdbx_database_status.status_code                     REL 
_pdbx_database_status.entry_id                        3EKX 
_pdbx_database_status.recvd_initial_deposition_date   2008-09-19 
_pdbx_database_status.deposit_site                    RCSB 
_pdbx_database_status.process_site                    RCSB 
_pdbx_database_status.status_code_sf                  REL 
_pdbx_database_status.status_code_mr                  ? 
_pdbx_database_status.SG_entry                        ? 
_pdbx_database_status.status_code_cs                  ? 
_pdbx_database_status.pdb_format_compatible           Y 
_pdbx_database_status.methods_development_category    ? 
_pdbx_database_status.status_code_nmr_data            ? 
# 
loop_
_audit_author.name 
_audit_author.pdbx_ordinal 
'Schiffer, C.A.' 1 
'Nalam, M.N.L.'  2 
# 
_citation.id                        primary 
_citation.title                     'Extreme Entropy-Enthalpy Compensation in a Drug-Resistant Variant of HIV-1 Protease.' 
_citation.journal_abbrev            'Acs Chem.Biol.' 
_citation.journal_volume            7 
_citation.page_first                1536 
_citation.page_last                 1546 
_citation.year                      2012 
_citation.journal_id_ASTM           ? 
_citation.country                   US 
_citation.journal_id_ISSN           1554-8929 
_citation.journal_id_CSD            ? 
_citation.book_publisher            ? 
_citation.pdbx_database_id_PubMed   22712830 
_citation.pdbx_database_id_DOI      10.1021/cb300191k 
# 
loop_
_citation_author.citation_id 
_citation_author.name 
_citation_author.ordinal 
_citation_author.identifier_ORCID 
primary 'King, N.M.'          1 ? 
primary 'Prabu-Jeyabalan, M.' 2 ? 
primary 'Bandaranayake, R.M.' 3 ? 
primary 'Nalam, M.N.'         4 ? 
primary 'Nalivaika, E.A.'     5 ? 
primary 'Ozen, A.'            6 ? 
primary 'Yilmaz, N.K.'        7 ? 
primary 'Schiffer, C.A.'      8 ? 
# 
_cell.entry_id           3EKX 
_cell.length_a           50.924 
_cell.length_b           57.848 
_cell.length_c           61.572 
_cell.angle_alpha        90.00 
_cell.angle_beta         90.00 
_cell.angle_gamma        90.00 
_cell.Z_PDB              8 
_cell.pdbx_unique_axis   ? 
_cell.length_a_esd       ? 
_cell.length_b_esd       ? 
_cell.length_c_esd       ? 
_cell.angle_alpha_esd    ? 
_cell.angle_beta_esd     ? 
_cell.angle_gamma_esd    ? 
# 
_symmetry.entry_id                         3EKX 
_symmetry.space_group_name_H-M             'P 21 21 21' 
_symmetry.pdbx_full_space_group_name_H-M   ? 
_symmetry.cell_setting                     ? 
_symmetry.Int_Tables_number                19 
_symmetry.space_group_name_Hall            ? 
# 
loop_
_entity.id 
_entity.type 
_entity.src_method 
_entity.pdbx_description 
_entity.formula_weight 
_entity.pdbx_number_of_molecules 
_entity.pdbx_ec 
_entity.pdbx_mutation 
_entity.pdbx_fragment 
_entity.details 
1 polymer     man Protease 10815.790 2   3.4.23.16 'Q7K, V64I' 'UNP residues 491-589' ? 
2 non-polymer syn 
'2-[2-HYDROXY-3-(3-HYDROXY-2-METHYL-BENZOYLAMINO)-4-PHENYL SULFANYL-BUTYL]-DECAHYDRO-ISOQUINOLINE-3-CARBOXYLIC ACID TERT-BUTYLAMIDE' 
567.782   1   ?         ?           ?                      ? 
3 non-polymer syn 'ACETATE ION' 59.044    1   ?         ?           ?                      ? 
4 water       nat water 18.015    118 ?         ?           ?                      ? 
# 
_entity_name_com.entity_id   1 
_entity_name_com.name        'Retropepsin, PR' 
# 
_entity_poly.entity_id                      1 
_entity_poly.type                           'polypeptide(L)' 
_entity_poly.nstd_linkage                   no 
_entity_poly.nstd_monomer                   no 
_entity_poly.pdbx_seq_one_letter_code       
;PQITLWKRPLVTIRIGGQLKEALLDTGADDTVLEEMNLPGKWKPKMIGGIGGFIKVRQYDQIPIEICGHKAIGTVLVGPT
PVNIIGRNLLTQIGCTLNF
;
_entity_poly.pdbx_seq_one_letter_code_can   
;PQITLWKRPLVTIRIGGQLKEALLDTGADDTVLEEMNLPGKWKPKMIGGIGGFIKVRQYDQIPIEICGHKAIGTVLVGPT
PVNIIGRNLLTQIGCTLNF
;
_entity_poly.pdbx_strand_id                 A,B 
_entity_poly.pdbx_target_identifier         ? 
# 
loop_
_entity_poly_seq.entity_id 
_entity_poly_seq.num 
_entity_poly_seq.mon_id 
_entity_poly_seq.hetero 
1 1  PRO n 
1 2  GLN n 
1 3  ILE n 
1 4  THR n 
1 5  LEU n 
1 6  TRP n 
1 7  LYS n 
1 8  ARG n 
1 9  PRO n 
1 10 LEU n 
1 11 VAL n 
1 12 THR n 
1 13 ILE n 
1 14 ARG n 
1 15 ILE n 
1 16 GLY n 
1 17 GLY n 
1 18 GLN n 
1 19 LEU n 
1 20 LYS n 
1 21 GLU n 
1 22 ALA n 
1 23 LEU n 
1 24 LEU n 
1 25 ASP n 
1 26 THR n 
1 27 GLY n 
1 28 ALA n 
1 29 ASP n 
1 30 ASP n 
1 31 THR n 
1 32 VAL n 
1 33 LEU n 
1 34 GLU n 
1 35 GLU n 
1 36 MET n 
1 37 ASN n 
1 38 LEU n 
1 39 PRO n 
1 40 GLY n 
1 41 LYS n 
1 42 TRP n 
1 43 LYS n 
1 44 PRO n 
1 45 LYS n 
1 46 MET n 
1 47 ILE n 
1 48 GLY n 
1 49 GLY n 
1 50 ILE n 
1 51 GLY n 
1 52 GLY n 
1 53 PHE n 
1 54 ILE n 
1 55 LYS n 
1 56 VAL n 
1 57 ARG n 
1 58 GLN n 
1 59 TYR n 
1 60 ASP n 
1 61 GLN n 
1 62 ILE n 
1 63 PRO n 
1 64 ILE n 
1 65 GLU n 
1 66 ILE n 
1 67 CYS n 
1 68 GLY n 
1 69 HIS n 
1 70 LYS n 
1 71 ALA n 
1 72 ILE n 
1 73 GLY n 
1 74 THR n 
1 75 VAL n 
1 76 LEU n 
1 77 VAL n 
1 78 GLY n 
1 79 PRO n 
1 80 THR n 
1 81 PRO n 
1 82 VAL n 
1 83 ASN n 
1 84 ILE n 
1 85 ILE n 
1 86 GLY n 
1 87 ARG n 
1 88 ASN n 
1 89 LEU n 
1 90 LEU n 
1 91 THR n 
1 92 GLN n 
1 93 ILE n 
1 94 GLY n 
1 95 CYS n 
1 96 THR n 
1 97 LEU n 
1 98 ASN n 
1 99 PHE n 
# 
_entity_src_gen.entity_id                          1 
_entity_src_gen.pdbx_src_id                        1 
_entity_src_gen.pdbx_alt_source_flag               sample 
_entity_src_gen.pdbx_seq_type                      ? 
_entity_src_gen.pdbx_beg_seq_num                   ? 
_entity_src_gen.pdbx_end_seq_num                   ? 
_entity_src_gen.gene_src_common_name               HIV-1 
_entity_src_gen.gene_src_genus                     ? 
_entity_src_gen.pdbx_gene_src_gene                 gag-pol 
_entity_src_gen.gene_src_species                   ? 
_entity_src_gen.gene_src_strain                    HXB2 
_entity_src_gen.gene_src_tissue                    ? 
_entity_src_gen.gene_src_tissue_fraction           ? 
_entity_src_gen.gene_src_details                   ? 
_entity_src_gen.pdbx_gene_src_fragment             ? 
_entity_src_gen.pdbx_gene_src_scientific_name      'HIV-1 M:B_ARV2/SF2' 
_entity_src_gen.pdbx_gene_src_ncbi_taxonomy_id     11685 
_entity_src_gen.pdbx_gene_src_variant              ? 
_entity_src_gen.pdbx_gene_src_cell_line            ? 
_entity_src_gen.pdbx_gene_src_atcc                 ? 
_entity_src_gen.pdbx_gene_src_organ                ? 
_entity_src_gen.pdbx_gene_src_organelle            ? 
_entity_src_gen.pdbx_gene_src_cell                 ? 
_entity_src_gen.pdbx_gene_src_cellular_location    ? 
_entity_src_gen.host_org_common_name               ? 
_entity_src_gen.pdbx_host_org_scientific_name      'Escherichia coli' 
_entity_src_gen.pdbx_host_org_ncbi_taxonomy_id     562 
_entity_src_gen.host_org_genus                     ? 
_entity_src_gen.pdbx_host_org_gene                 ? 
_entity_src_gen.pdbx_host_org_organ                ? 
_entity_src_gen.host_org_species                   ? 
_entity_src_gen.pdbx_host_org_tissue               ? 
_entity_src_gen.pdbx_host_org_tissue_fraction      ? 
_entity_src_gen.pdbx_host_org_strain               TAP106 
_entity_src_gen.pdbx_host_org_variant              ? 
_entity_src_gen.pdbx_host_org_cell_line            ? 
_entity_src_gen.pdbx_host_org_atcc                 ? 
_entity_src_gen.pdbx_host_org_culture_collection   ? 
_entity_src_gen.pdbx_host_org_cell                 ? 
_entity_src_gen.pdbx_host_org_organelle            ? 
_entity_src_gen.pdbx_host_org_cellular_location    ? 
_entity_src_gen.pdbx_host_org_vector_type          Plasmid 
_entity_src_gen.pdbx_host_org_vector               ? 
_entity_src_gen.host_org_details                   ? 
_entity_src_gen.expression_system_id               ? 
_entity_src_gen.plasmid_name                       PXC35 
_entity_src_gen.plasmid_details                    ? 
_entity_src_gen.pdbx_description                   ? 
# 
_struct_ref.id                         1 
_struct_ref.db_name                    UNP 
_struct_ref.db_code                    POL_HV1A2 
_struct_ref.pdbx_db_accession          P03369 
_struct_ref.entity_id                  1 
_struct_ref.pdbx_seq_one_letter_code   
;PQITLWQRPLVTIRIGGQLKEALLDTGADDTVLEEMNLPGKWKPKMIGGIGGFIKVRQYDQIPVEICGHKAIGTVLVGPT
PVNIIGRNLLTQIGCTLNF
;
_struct_ref.pdbx_align_begin           491 
_struct_ref.pdbx_db_isoform            ? 
# 
loop_
_struct_ref_seq.align_id 
_struct_ref_seq.ref_id 
_struct_ref_seq.pdbx_PDB_id_code 
_struct_ref_seq.pdbx_strand_id 
_struct_ref_seq.seq_align_beg 
_struct_ref_seq.pdbx_seq_align_beg_ins_code 
_struct_ref_seq.seq_align_end 
_struct_ref_seq.pdbx_seq_align_end_ins_code 
_struct_ref_seq.pdbx_db_accession 
_struct_ref_seq.db_align_beg 
_struct_ref_seq.pdbx_db_align_beg_ins_code 
_struct_ref_seq.db_align_end 
_struct_ref_seq.pdbx_db_align_end_ins_code 
_struct_ref_seq.pdbx_auth_seq_align_beg 
_struct_ref_seq.pdbx_auth_seq_align_end 
1 1 3EKX A 1 ? 99 ? P03369 491 ? 589 ? 1 99 
2 1 3EKX B 1 ? 99 ? P03369 491 ? 589 ? 1 99 
# 
loop_
_struct_ref_seq_dif.align_id 
_struct_ref_seq_dif.pdbx_pdb_id_code 
_struct_ref_seq_dif.mon_id 
_struct_ref_seq_dif.pdbx_pdb_strand_id 
_struct_ref_seq_dif.seq_num 
_struct_ref_seq_dif.pdbx_pdb_ins_code 
_struct_ref_seq_dif.pdbx_seq_db_name 
_struct_ref_seq_dif.pdbx_seq_db_accession_code 
_struct_ref_seq_dif.db_mon_id 
_struct_ref_seq_dif.pdbx_seq_db_seq_num 
_struct_ref_seq_dif.details 
_struct_ref_seq_dif.pdbx_auth_seq_num 
_struct_ref_seq_dif.pdbx_ordinal 
1 3EKX LYS A 7  ? UNP P03369 GLN 497 'engineered mutation' 7  1 
1 3EKX ILE A 64 ? UNP P03369 VAL 554 'engineered mutation' 64 2 
2 3EKX LYS B 7  ? UNP P03369 GLN 497 'engineered mutation' 7  3 
2 3EKX ILE B 64 ? UNP P03369 VAL 554 'engineered mutation' 64 4 
# 
loop_
_chem_comp.id 
_chem_comp.type 
_chem_comp.mon_nstd_flag 
_chem_comp.name 
_chem_comp.pdbx_synonyms 
_chem_comp.formula 
_chem_comp.formula_weight 
1UN non-polymer         . 
'2-[2-HYDROXY-3-(3-HYDROXY-2-METHYL-BENZOYLAMINO)-4-PHENYL SULFANYL-BUTYL]-DECAHYDRO-ISOQUINOLINE-3-CARBOXYLIC ACID TERT-BUTYLAMIDE' 
'NELFINAVIR MESYLATE AG1343' 'C32 H45 N3 O4 S' 567.782 
ACT non-polymer         . 'ACETATE ION' ?                            'C2 H3 O2 -1'     59.044  
ALA 'L-peptide linking' y ALANINE ?                            'C3 H7 N O2'      89.093  
ARG 'L-peptide linking' y ARGININE ?                            'C6 H15 N4 O2 1'  175.209 
ASN 'L-peptide linking' y ASPARAGINE ?                            'C4 H8 N2 O3'     132.118 
ASP 'L-peptide linking' y 'ASPARTIC ACID' ?                            'C4 H7 N O4'      133.103 
CYS 'L-peptide linking' y CYSTEINE ?                            'C3 H7 N O2 S'    121.158 
GLN 'L-peptide linking' y GLUTAMINE ?                            'C5 H10 N2 O3'    146.144 
GLU 'L-peptide linking' y 'GLUTAMIC ACID' ?                            'C5 H9 N O4'      147.129 
GLY 'peptide linking'   y GLYCINE ?                            'C2 H5 N O2'      75.067  
HIS 'L-peptide linking' y HISTIDINE ?                            'C6 H10 N3 O2 1'  156.162 
HOH non-polymer         . WATER ?                            'H2 O'            18.015  
ILE 'L-peptide linking' y ISOLEUCINE ?                            'C6 H13 N O2'     131.173 
LEU 'L-peptide linking' y LEUCINE ?                            'C6 H13 N O2'     131.173 
LYS 'L-peptide linking' y LYSINE ?                            'C6 H15 N2 O2 1'  147.195 
MET 'L-peptide linking' y METHIONINE ?                            'C5 H11 N O2 S'   149.211 
PHE 'L-peptide linking' y PHENYLALANINE ?                            'C9 H11 N O2'     165.189 
PRO 'L-peptide linking' y PROLINE ?                            'C5 H9 N O2'      115.130 
THR 'L-peptide linking' y THREONINE ?                            'C4 H9 N O3'      119.119 
TRP 'L-peptide linking' y TRYPTOPHAN ?                            'C11 H12 N2 O2'   204.225 
TYR 'L-peptide linking' y TYROSINE ?                            'C9 H11 N O3'     181.189 
VAL 'L-peptide linking' y VALINE ?                            'C5 H11 N O2'     117.146 
# 
_exptl.entry_id          3EKX 
_exptl.method            'X-RAY DIFFRACTION' 
_exptl.crystals_number   1 
# 
_exptl_crystal.id                    1 
_exptl_crystal.density_meas          ? 
_exptl_crystal.density_Matthews      2.10 
_exptl_crystal.density_percent_sol   41.32 
_exptl_crystal.description           ? 
_exptl_crystal.F_000                 ? 
_exptl_crystal.preparation           ? 
# 
_exptl_crystal_grow.crystal_id      1 
_exptl_crystal_grow.method          'VAPOR DIFFUSION, HANGING DROP' 
_exptl_crystal_grow.temp            300 
_exptl_crystal_grow.temp_details    ? 
_exptl_crystal_grow.pH              6.2 
_exptl_crystal_grow.pdbx_details    
;126mM Sodium Phosphate pH 6.2; 63mM sodium citrate; 24-29% ammonium sulphate 
, VAPOR DIFFUSION, HANGING DROP, temperature 300K
;
_exptl_crystal_grow.pdbx_pH_range   ? 
# 
_diffrn.id                     1 
_diffrn.ambient_temp           200 
_diffrn.ambient_temp_details   ? 
_diffrn.crystal_id             1 
# 
_diffrn_detector.diffrn_id              1 
_diffrn_detector.detector               'IMAGE PLATE' 
_diffrn_detector.type                   'RIGAKU RAXIS IV' 
_diffrn_detector.pdbx_collection_date   ? 
_diffrn_detector.details                'Yale mirrors' 
# 
_diffrn_radiation.diffrn_id                        1 
_diffrn_radiation.wavelength_id                    1 
_diffrn_radiation.pdbx_monochromatic_or_laue_m_l   M 
_diffrn_radiation.monochromator                    'yale mirrors' 
_diffrn_radiation.pdbx_diffrn_protocol             'SINGLE WAVELENGTH' 
_diffrn_radiation.pdbx_scattering_type             x-ray 
# 
_diffrn_radiation_wavelength.id           1 
_diffrn_radiation_wavelength.wavelength   1.5418 
_diffrn_radiation_wavelength.wt           1.0 
# 
_diffrn_source.diffrn_id                   1 
_diffrn_source.source                      'ROTATING ANODE' 
_diffrn_source.type                        RIGAKU 
_diffrn_source.pdbx_synchrotron_site       ? 
_diffrn_source.pdbx_synchrotron_beamline   ? 
_diffrn_source.pdbx_wavelength             ? 
_diffrn_source.pdbx_wavelength_list        1.5418 
# 
_reflns.entry_id                     3EKX 
_reflns.observed_criterion_sigma_F   0 
_reflns.observed_criterion_sigma_I   0 
_reflns.d_resolution_high            1.97 
_reflns.d_resolution_low             50 
_reflns.number_all                   ? 
_reflns.number_obs                   13251 
_reflns.percent_possible_obs         98.4 
_reflns.pdbx_Rmerge_I_obs            0.049 
_reflns.pdbx_Rsym_value              0.049 
_reflns.pdbx_netI_over_sigmaI        22.6 
_reflns.B_iso_Wilson_estimate        ? 
_reflns.pdbx_redundancy              6.1 
_reflns.R_free_details               ? 
_reflns.limit_h_max                  ? 
_reflns.limit_h_min                  ? 
_reflns.limit_k_max                  ? 
_reflns.limit_k_min                  ? 
_reflns.limit_l_max                  ? 
_reflns.limit_l_min                  ? 
_reflns.observed_criterion_F_max     ? 
_reflns.observed_criterion_F_min     ? 
_reflns.pdbx_chi_squared             ? 
_reflns.pdbx_scaling_rejects         ? 
_reflns.pdbx_ordinal                 1 
_reflns.pdbx_diffrn_id               1 
# 
_refine.entry_id                                 3EKX 
_refine.ls_number_reflns_obs                     12557 
_refine.ls_number_reflns_all                     ? 
_refine.pdbx_ls_sigma_I                          0 
_refine.pdbx_ls_sigma_F                          0 
_refine.pdbx_data_cutoff_high_absF               ? 
_refine.pdbx_data_cutoff_low_absF                ? 
_refine.pdbx_data_cutoff_high_rms_absF           ? 
_refine.ls_d_res_low                             39.25 
_refine.ls_d_res_high                            1.97 
_refine.ls_percent_reflns_obs                    98.33 
_refine.ls_R_factor_obs                          0.18627 
_refine.ls_R_factor_all                          0.184 
_refine.ls_R_factor_R_work                       0.184 
_refine.ls_R_factor_R_free                       0.22999 
_refine.ls_R_factor_R_free_error                 ? 
_refine.ls_R_factor_R_free_error_details         ? 
_refine.ls_percent_reflns_R_free                 4.9 
_refine.ls_number_reflns_R_free                  652 
_refine.ls_number_parameters                     ? 
_refine.ls_number_restraints                     ? 
_refine.occupancy_min                            ? 
_refine.occupancy_max                            ? 
_refine.correlation_coeff_Fo_to_Fc               0.956 
_refine.correlation_coeff_Fo_to_Fc_free          0.933 
_refine.B_iso_mean                               33.032 
_refine.aniso_B[1][1]                            -1.12 
_refine.aniso_B[2][2]                            1.63 
_refine.aniso_B[3][3]                            -0.51 
_refine.aniso_B[1][2]                            0.00 
_refine.aniso_B[1][3]                            0.00 
_refine.aniso_B[2][3]                            0.00 
_refine.solvent_model_details                    'BABINET MODEL WITH MASK' 
_refine.solvent_model_param_ksol                 ? 
_refine.solvent_model_param_bsol                 ? 
_refine.pdbx_solvent_vdw_probe_radii             1.20 
_refine.pdbx_solvent_ion_probe_radii             0.80 
_refine.pdbx_solvent_shrinkage_radii             0.80 
_refine.pdbx_ls_cross_valid_method               THROUGHOUT 
_refine.details                                  'HYDROGENS HAVE BEEN ADDED IN THE RIDING POSITIONS' 
_refine.pdbx_starting_model                      1F7A 
_refine.pdbx_method_to_determine_struct          'MOLECULAR REPLACEMENT' 
_refine.pdbx_isotropic_thermal_model             ? 
_refine.pdbx_stereochemistry_target_values       'MAXIMUM LIKELIHOOD' 
_refine.pdbx_stereochem_target_val_spec_case     ? 
_refine.pdbx_R_Free_selection_details            RANDOM 
_refine.pdbx_overall_ESU_R                       0.197 
_refine.pdbx_overall_ESU_R_Free                  0.169 
_refine.overall_SU_ML                            0.114 
_refine.overall_SU_B                             7.775 
_refine.ls_redundancy_reflns_obs                 ? 
_refine.B_iso_min                                ? 
_refine.B_iso_max                                ? 
_refine.overall_SU_R_Cruickshank_DPI             ? 
_refine.overall_SU_R_free                        ? 
_refine.ls_wR_factor_R_free                      ? 
_refine.ls_wR_factor_R_work                      ? 
_refine.overall_FOM_free_R_set                   ? 
_refine.overall_FOM_work_R_set                   ? 
_refine.pdbx_overall_phase_error                 ? 
_refine.pdbx_refine_id                           'X-RAY DIFFRACTION' 
_refine.pdbx_TLS_residual_ADP_flag               'LIKELY RESIDUAL' 
_refine.pdbx_diffrn_id                           1 
_refine.pdbx_overall_SU_R_free_Cruickshank_DPI   ? 
_refine.pdbx_overall_SU_R_Blow_DPI               ? 
_refine.pdbx_overall_SU_R_free_Blow_DPI          ? 
# 
_refine_hist.pdbx_refine_id                   'X-RAY DIFFRACTION' 
_refine_hist.cycle_id                         LAST 
_refine_hist.pdbx_number_atoms_protein        1490 
_refine_hist.pdbx_number_atoms_nucleic_acid   0 
_refine_hist.pdbx_number_atoms_ligand         44 
_refine_hist.number_atoms_solvent             118 
_refine_hist.number_atoms_total               1652 
_refine_hist.d_res_high                       1.97 
_refine_hist.d_res_low                        39.25 
# 
loop_
_refine_ls_restr.type 
_refine_ls_restr.dev_ideal 
_refine_ls_restr.dev_ideal_target 
_refine_ls_restr.weight 
_refine_ls_restr.number 
_refine_ls_restr.pdbx_refine_id 
_refine_ls_restr.pdbx_restraint_function 
r_bond_refined_d         0.005  0.022  ? 1581 'X-RAY DIFFRACTION' ? 
r_bond_other_d           0.001  0.020  ? 1543 'X-RAY DIFFRACTION' ? 
r_angle_refined_deg      1.327  2.013  ? 2159 'X-RAY DIFFRACTION' ? 
r_angle_other_deg        1.641  3.000  ? 3580 'X-RAY DIFFRACTION' ? 
r_dihedral_angle_1_deg   6.147  5.000  ? 202  'X-RAY DIFFRACTION' ? 
r_dihedral_angle_2_deg   41.068 25.385 ? 52   'X-RAY DIFFRACTION' ? 
r_dihedral_angle_3_deg   13.841 15.000 ? 257  'X-RAY DIFFRACTION' ? 
r_dihedral_angle_4_deg   10.493 15.000 ? 6    'X-RAY DIFFRACTION' ? 
r_chiral_restr           0.072  0.200  ? 258  'X-RAY DIFFRACTION' ? 
r_gen_planes_refined     0.004  0.020  ? 1730 'X-RAY DIFFRACTION' ? 
r_gen_planes_other       0.018  0.020  ? 280  'X-RAY DIFFRACTION' ? 
r_nbd_refined            0.184  0.200  ? 224  'X-RAY DIFFRACTION' ? 
r_nbd_other              0.198  0.200  ? 1536 'X-RAY DIFFRACTION' ? 
r_nbtor_refined          0.168  0.200  ? 746  'X-RAY DIFFRACTION' ? 
r_nbtor_other            0.085  0.200  ? 931  'X-RAY DIFFRACTION' ? 
r_xyhbond_nbd_refined    0.164  0.200  ? 87   'X-RAY DIFFRACTION' ? 
r_symmetry_vdw_refined   0.092  0.200  ? 6    'X-RAY DIFFRACTION' ? 
r_symmetry_vdw_other     0.187  0.200  ? 45   'X-RAY DIFFRACTION' ? 
r_symmetry_hbond_refined 0.400  0.200  ? 9    'X-RAY DIFFRACTION' ? 
r_mcbond_it              0.657  1.500  ? 1293 'X-RAY DIFFRACTION' ? 
r_mcbond_other           0.123  1.500  ? 422  'X-RAY DIFFRACTION' ? 
r_mcangle_it             0.791  2.000  ? 1621 'X-RAY DIFFRACTION' ? 
r_scbond_it              1.224  3.000  ? 655  'X-RAY DIFFRACTION' ? 
r_scangle_it             1.868  4.500  ? 538  'X-RAY DIFFRACTION' ? 
# 
_refine_ls_shell.pdbx_total_number_of_bins_used   20 
_refine_ls_shell.d_res_high                       1.97 
_refine_ls_shell.d_res_low                        2.018 
_refine_ls_shell.number_reflns_R_work             785 
_refine_ls_shell.R_factor_R_work                  0.188 
_refine_ls_shell.percent_reflns_obs               85.51 
_refine_ls_shell.R_factor_R_free                  0.236 
_refine_ls_shell.R_factor_R_free_error            ? 
_refine_ls_shell.percent_reflns_R_free            ? 
_refine_ls_shell.number_reflns_R_free             53 
_refine_ls_shell.number_reflns_all                ? 
_refine_ls_shell.R_factor_all                     ? 
_refine_ls_shell.number_reflns_obs                ? 
_refine_ls_shell.redundancy_reflns_obs            ? 
_refine_ls_shell.pdbx_refine_id                   'X-RAY DIFFRACTION' 
# 
_struct.entry_id                  3EKX 
_struct.title                     'Crystal structure of the wild-type HIV-1 protease with the inhibitor, Nelfinavir' 
_struct.pdbx_model_details        ? 
_struct.pdbx_CASP_flag            ? 
_struct.pdbx_model_type_details   ? 
# 
_struct_keywords.entry_id        3EKX 
_struct_keywords.pdbx_keywords   HYDROLASE 
_struct_keywords.text            'HIV protease, protease inhibitors, drug resistance, amprenavir, AIDS, Protease, HYDROLASE' 
# 
loop_
_struct_asym.id 
_struct_asym.pdbx_blank_PDB_chainid_flag 
_struct_asym.pdbx_modified 
_struct_asym.entity_id 
_struct_asym.details 
A N N 1 ? 
B N N 1 ? 
C N N 2 ? 
D N N 3 ? 
E N N 4 ? 
F N N 4 ? 
# 
_struct_biol.id        1 
_struct_biol.details   ? 
# 
loop_
_struct_conf.conf_type_id 
_struct_conf.id 
_struct_conf.pdbx_PDB_helix_id 
_struct_conf.beg_label_comp_id 
_struct_conf.beg_label_asym_id 
_struct_conf.beg_label_seq_id 
_struct_conf.pdbx_beg_PDB_ins_code 
_struct_conf.end_label_comp_id 
_struct_conf.end_label_asym_id 
_struct_conf.end_label_seq_id 
_struct_conf.pdbx_end_PDB_ins_code 
_struct_conf.beg_auth_comp_id 
_struct_conf.beg_auth_asym_id 
_struct_conf.beg_auth_seq_id 
_struct_conf.end_auth_comp_id 
_struct_conf.end_auth_asym_id 
_struct_conf.end_auth_seq_id 
_struct_conf.pdbx_PDB_helix_class 
_struct_conf.details 
_struct_conf.pdbx_PDB_helix_length 
HELX_P HELX_P1 1 GLY A 86 ? THR A 91 ? GLY A 86 THR A 91 1 ? 6 
HELX_P HELX_P2 2 GLY B 86 ? THR B 91 ? GLY B 86 THR B 91 1 ? 6 
# 
_struct_conf_type.id          HELX_P 
_struct_conf_type.criteria    ? 
_struct_conf_type.reference   ? 
# 
loop_
_struct_sheet.id 
_struct_sheet.type 
_struct_sheet.number_strands 
_struct_sheet.details 
A ? 4 ? 
B ? 8 ? 
C ? 8 ? 
# 
loop_
_struct_sheet_order.sheet_id 
_struct_sheet_order.range_id_1 
_struct_sheet_order.range_id_2 
_struct_sheet_order.offset 
_struct_sheet_order.sense 
A 1 2 ? anti-parallel 
A 2 3 ? anti-parallel 
A 3 4 ? anti-parallel 
B 1 2 ? anti-parallel 
B 2 3 ? anti-parallel 
B 3 4 ? parallel      
B 4 5 ? anti-parallel 
B 5 6 ? parallel      
B 6 7 ? anti-parallel 
B 7 8 ? anti-parallel 
C 1 2 ? anti-parallel 
C 2 3 ? anti-parallel 
C 3 4 ? parallel      
C 4 5 ? anti-parallel 
C 5 6 ? parallel      
C 6 7 ? anti-parallel 
C 7 8 ? anti-parallel 
# 
loop_
_struct_sheet_range.sheet_id 
_struct_sheet_range.id 
_struct_sheet_range.beg_label_comp_id 
_struct_sheet_range.beg_label_asym_id 
_struct_sheet_range.beg_label_seq_id 
_struct_sheet_range.pdbx_beg_PDB_ins_code 
_struct_sheet_range.end_label_comp_id 
_struct_sheet_range.end_label_asym_id 
_struct_sheet_range.end_label_seq_id 
_struct_sheet_range.pdbx_end_PDB_ins_code 
_struct_sheet_range.beg_auth_comp_id 
_struct_sheet_range.beg_auth_asym_id 
_struct_sheet_range.beg_auth_seq_id 
_struct_sheet_range.end_auth_comp_id 
_struct_sheet_range.end_auth_asym_id 
_struct_sheet_range.end_auth_seq_id 
A 1 GLN A 2  ? ILE A 3  ? GLN A 2  ILE A 3  
A 2 THR B 96 ? ASN B 98 ? THR B 96 ASN B 98 
A 3 THR A 96 ? ASN A 98 ? THR A 96 ASN A 98 
A 4 GLN B 2  ? ILE B 3  ? GLN B 2  ILE B 3  
B 1 LYS A 43 ? GLY A 49 ? LYS A 43 GLY A 49 
B 2 GLY A 52 ? ILE A 66 ? GLY A 52 ILE A 66 
B 3 HIS A 69 ? GLY A 78 ? HIS A 69 GLY A 78 
B 4 VAL A 32 ? GLU A 34 ? VAL A 32 GLU A 34 
B 5 ASN A 83 ? ILE A 85 ? ASN A 83 ILE A 85 
B 6 GLN A 18 ? LEU A 24 ? GLN A 18 LEU A 24 
B 7 LEU A 10 ? ILE A 15 ? LEU A 10 ILE A 15 
B 8 GLY A 52 ? ILE A 66 ? GLY A 52 ILE A 66 
C 1 LYS B 43 ? GLY B 49 ? LYS B 43 GLY B 49 
C 2 GLY B 52 ? ILE B 66 ? GLY B 52 ILE B 66 
C 3 HIS B 69 ? VAL B 77 ? HIS B 69 VAL B 77 
C 4 VAL B 32 ? LEU B 33 ? VAL B 32 LEU B 33 
C 5 ILE B 84 ? ILE B 85 ? ILE B 84 ILE B 85 
C 6 GLN B 18 ? LEU B 24 ? GLN B 18 LEU B 24 
C 7 LEU B 10 ? ILE B 15 ? LEU B 10 ILE B 15 
C 8 GLY B 52 ? ILE B 66 ? GLY B 52 ILE B 66 
# 
loop_
_pdbx_struct_sheet_hbond.sheet_id 
_pdbx_struct_sheet_hbond.range_id_1 
_pdbx_struct_sheet_hbond.range_id_2 
_pdbx_struct_sheet_hbond.range_1_label_atom_id 
_pdbx_struct_sheet_hbond.range_1_label_comp_id 
_pdbx_struct_sheet_hbond.range_1_label_asym_id 
_pdbx_struct_sheet_hbond.range_1_label_seq_id 
_pdbx_struct_sheet_hbond.range_1_PDB_ins_code 
_pdbx_struct_sheet_hbond.range_1_auth_atom_id 
_pdbx_struct_sheet_hbond.range_1_auth_comp_id 
_pdbx_struct_sheet_hbond.range_1_auth_asym_id 
_pdbx_struct_sheet_hbond.range_1_auth_seq_id 
_pdbx_struct_sheet_hbond.range_2_label_atom_id 
_pdbx_struct_sheet_hbond.range_2_label_comp_id 
_pdbx_struct_sheet_hbond.range_2_label_asym_id 
_pdbx_struct_sheet_hbond.range_2_label_seq_id 
_pdbx_struct_sheet_hbond.range_2_PDB_ins_code 
_pdbx_struct_sheet_hbond.range_2_auth_atom_id 
_pdbx_struct_sheet_hbond.range_2_auth_comp_id 
_pdbx_struct_sheet_hbond.range_2_auth_asym_id 
_pdbx_struct_sheet_hbond.range_2_auth_seq_id 
A 1 2 N ILE A 3  ? N ILE A 3  O LEU B 97 ? O LEU B 97 
A 2 3 O ASN B 98 ? O ASN B 98 N THR A 96 ? N THR A 96 
A 3 4 N LEU A 97 ? N LEU A 97 O ILE B 3  ? O ILE B 3  
B 1 2 N LYS A 43 ? N LYS A 43 O GLN A 58 ? O GLN A 58 
B 2 3 N TYR A 59 ? N TYR A 59 O VAL A 75 ? O VAL A 75 
B 3 4 O LEU A 76 ? O LEU A 76 N LEU A 33 ? N LEU A 33 
B 4 5 N VAL A 32 ? N VAL A 32 O ILE A 84 ? O ILE A 84 
B 5 6 O ASN A 83 ? O ASN A 83 N LEU A 23 ? N LEU A 23 
B 6 7 O LYS A 20 ? O LYS A 20 N ILE A 13 ? N ILE A 13 
B 7 8 N ARG A 14 ? N ARG A 14 O GLU A 65 ? O GLU A 65 
C 1 2 N LYS B 45 ? N LYS B 45 O VAL B 56 ? O VAL B 56 
C 2 3 N ILE B 66 ? N ILE B 66 O HIS B 69 ? O HIS B 69 
C 3 4 O LEU B 76 ? O LEU B 76 N LEU B 33 ? N LEU B 33 
C 4 5 N VAL B 32 ? N VAL B 32 O ILE B 84 ? O ILE B 84 
C 5 6 O ILE B 85 ? O ILE B 85 N LEU B 23 ? N LEU B 23 
C 6 7 O LYS B 20 ? O LYS B 20 N ILE B 13 ? N ILE B 13 
C 7 8 N ARG B 14 ? N ARG B 14 O GLU B 65 ? O GLU B 65 
# 
loop_
_struct_site.id 
_struct_site.pdbx_evidence_code 
_struct_site.pdbx_auth_asym_id 
_struct_site.pdbx_auth_comp_id 
_struct_site.pdbx_auth_seq_id 
_struct_site.pdbx_auth_ins_code 
_struct_site.pdbx_num_residues 
_struct_site.details 
AC1 Software B 1UN 201 ? 14 'BINDING SITE FOR RESIDUE 1UN B 201' 
AC2 Software B ACT 506 ? 4  'BINDING SITE FOR RESIDUE ACT B 506' 
# 
loop_
_struct_site_gen.id 
_struct_site_gen.site_id 
_struct_site_gen.pdbx_num_res 
_struct_site_gen.label_comp_id 
_struct_site_gen.label_asym_id 
_struct_site_gen.label_seq_id 
_struct_site_gen.pdbx_auth_ins_code 
_struct_site_gen.auth_comp_id 
_struct_site_gen.auth_asym_id 
_struct_site_gen.auth_seq_id 
_struct_site_gen.label_atom_id 
_struct_site_gen.label_alt_id 
_struct_site_gen.symmetry 
_struct_site_gen.details 
1  AC1 14 ASP A 25 ? ASP A 25  . ? 1_555 ? 
2  AC1 14 GLY A 27 ? GLY A 27  . ? 1_555 ? 
3  AC1 14 ASP A 29 ? ASP A 29  . ? 1_555 ? 
4  AC1 14 ASP A 30 ? ASP A 30  . ? 1_555 ? 
5  AC1 14 GLY A 49 ? GLY A 49  . ? 1_555 ? 
6  AC1 14 ILE A 84 ? ILE A 84  . ? 1_555 ? 
7  AC1 14 ASP B 25 ? ASP B 25  . ? 1_555 ? 
8  AC1 14 GLY B 27 ? GLY B 27  . ? 1_555 ? 
9  AC1 14 GLY B 48 ? GLY B 48  . ? 1_555 ? 
10 AC1 14 ILE B 50 ? ILE B 50  . ? 1_555 ? 
11 AC1 14 PRO B 81 ? PRO B 81  . ? 1_555 ? 
12 AC1 14 ILE B 84 ? ILE B 84  . ? 1_555 ? 
13 AC1 14 HOH F .  ? HOH B 156 . ? 1_555 ? 
14 AC1 14 HOH F .  ? HOH B 539 . ? 1_555 ? 
15 AC2 4  LYS A 7  ? LYS A 7   . ? 1_555 ? 
16 AC2 4  ARG A 8  ? ARG A 8   . ? 1_555 ? 
17 AC2 4  ARG B 87 ? ARG B 87  . ? 1_555 ? 
18 AC2 4  HOH F .  ? HOH B 508 . ? 1_555 ? 
# 
_atom_sites.entry_id                    3EKX 
_atom_sites.fract_transf_matrix[1][1]   0.01349131 
_atom_sites.fract_transf_matrix[1][2]   0.01306306 
_atom_sites.fract_transf_matrix[1][3]   -0.00574046 
_atom_sites.fract_transf_matrix[2][1]   0.01142453 
_atom_sites.fract_transf_matrix[2][2]   -0.01278026 
_atom_sites.fract_transf_matrix[2][3]   -0.00223281 
_atom_sites.fract_transf_matrix[3][1]   -0.00490542 
_atom_sites.fract_transf_matrix[3][2]   -0.00169644 
_atom_sites.fract_transf_matrix[3][3]   -0.01538925 
_atom_sites.fract_transf_vector[1]      0.400210 
_atom_sites.fract_transf_vector[2]      0.480718 
_atom_sites.fract_transf_vector[3]      0.294392 
# 
loop_
_atom_type.symbol 
C 
N 
O 
S 
# 
loop_
_atom_site.group_PDB 
_atom_site.id 
_atom_site.type_symbol 
_atom_site.label_atom_id 
_atom_site.label_alt_id 
_atom_site.label_comp_id 
_atom_site.label_asym_id 
_atom_site.label_entity_id 
_atom_site.label_seq_id 
_atom_site.pdbx_PDB_ins_code 
_atom_site.Cartn_x 
_atom_site.Cartn_y 
_atom_site.Cartn_z 
_atom_site.occupancy 
_atom_site.B_iso_or_equiv 
_atom_site.pdbx_formal_charge 
_atom_site.auth_seq_id 
_atom_site.auth_comp_id 
_atom_site.auth_asym_id 
_atom_site.auth_atom_id 
_atom_site.pdbx_PDB_model_num 
ATOM   1    N N   . PRO A 1 1  ? -17.491 3.394   -7.574  1.00 41.23 ? 1   PRO A N   1 
ATOM   2    C CA  . PRO A 1 1  ? -17.228 4.744   -7.090  1.00 40.98 ? 1   PRO A CA  1 
ATOM   3    C C   . PRO A 1 1  ? -15.798 5.219   -7.338  1.00 40.55 ? 1   PRO A C   1 
ATOM   4    O O   . PRO A 1 1  ? -14.943 4.438   -7.762  1.00 40.17 ? 1   PRO A O   1 
ATOM   5    C CB  . PRO A 1 1  ? -17.475 4.617   -5.584  1.00 41.15 ? 1   PRO A CB  1 
ATOM   6    C CG  . PRO A 1 1  ? -17.066 3.224   -5.272  1.00 41.26 ? 1   PRO A CG  1 
ATOM   7    C CD  . PRO A 1 1  ? -17.460 2.409   -6.478  1.00 41.71 ? 1   PRO A CD  1 
ATOM   8    N N   . GLN A 1 2  ? -15.565 6.500   -7.071  1.00 40.14 ? 2   GLN A N   1 
ATOM   9    C CA  . GLN A 1 2  ? -14.225 7.073   -7.059  1.00 39.99 ? 2   GLN A CA  1 
ATOM   10   C C   . GLN A 1 2  ? -13.858 7.404   -5.618  1.00 39.75 ? 2   GLN A C   1 
ATOM   11   O O   . GLN A 1 2  ? -14.656 8.004   -4.897  1.00 39.16 ? 2   GLN A O   1 
ATOM   12   C CB  . GLN A 1 2  ? -14.163 8.355   -7.887  1.00 40.24 ? 2   GLN A CB  1 
ATOM   13   C CG  . GLN A 1 2  ? -12.833 9.084   -7.751  1.00 40.54 ? 2   GLN A CG  1 
ATOM   14   C CD  . GLN A 1 2  ? -12.735 10.281  -8.661  1.00 40.96 ? 2   GLN A CD  1 
ATOM   15   O OE1 . GLN A 1 2  ? -12.826 11.422  -8.208  1.00 44.22 ? 2   GLN A OE1 1 
ATOM   16   N NE2 . GLN A 1 2  ? -12.548 10.031  -9.951  1.00 40.99 ? 2   GLN A NE2 1 
ATOM   17   N N   . ILE A 1 3  ? -12.645 7.029   -5.220  1.00 38.77 ? 3   ILE A N   1 
ATOM   18   C CA  . ILE A 1 3  ? -12.166 7.254   -3.861  1.00 38.50 ? 3   ILE A CA  1 
ATOM   19   C C   . ILE A 1 3  ? -10.902 8.112   -3.891  1.00 38.03 ? 3   ILE A C   1 
ATOM   20   O O   . ILE A 1 3  ? -9.905  7.740   -4.515  1.00 37.99 ? 3   ILE A O   1 
ATOM   21   C CB  . ILE A 1 3  ? -11.970 5.898   -3.159  1.00 38.49 ? 3   ILE A CB  1 
ATOM   22   C CG1 . ILE A 1 3  ? -13.343 5.255   -2.938  1.00 39.22 ? 3   ILE A CG1 1 
ATOM   23   C CG2 . ILE A 1 3  ? -11.243 6.047   -1.827  1.00 38.98 ? 3   ILE A CG2 1 
ATOM   24   C CD1 . ILE A 1 3  ? -13.298 3.787   -2.654  1.00 39.30 ? 3   ILE A CD1 1 
ATOM   25   N N   . THR A 1 4  ? -10.957 9.281   -3.256  1.00 37.54 ? 4   THR A N   1 
ATOM   26   C CA  . THR A 1 4  ? -9.798  10.164  -3.190  1.00 36.45 ? 4   THR A CA  1 
ATOM   27   C C   . THR A 1 4  ? -8.830  9.670   -2.117  1.00 35.56 ? 4   THR A C   1 
ATOM   28   O O   . THR A 1 4  ? -9.148  8.771   -1.334  1.00 34.98 ? 4   THR A O   1 
ATOM   29   C CB  . THR A 1 4  ? -10.156 11.648  -2.923  1.00 36.80 ? 4   THR A CB  1 
ATOM   30   O OG1 . THR A 1 4  ? -10.879 11.767  -1.695  1.00 37.28 ? 4   THR A OG1 1 
ATOM   31   C CG2 . THR A 1 4  ? -10.956 12.260  -4.080  1.00 36.67 ? 4   THR A CG2 1 
ATOM   32   N N   . LEU A 1 5  ? -7.642  10.261  -2.080  1.00 34.21 ? 5   LEU A N   1 
ATOM   33   C CA  . LEU A 1 5  ? -6.590  9.753   -1.202  1.00 34.15 ? 5   LEU A CA  1 
ATOM   34   C C   . LEU A 1 5  ? -6.174  10.792  -0.175  1.00 33.38 ? 5   LEU A C   1 
ATOM   35   O O   . LEU A 1 5  ? -5.101  10.699  0.407   1.00 32.26 ? 5   LEU A O   1 
ATOM   36   C CB  . LEU A 1 5  ? -5.396  9.263   -2.025  1.00 33.90 ? 5   LEU A CB  1 
ATOM   37   C CG  . LEU A 1 5  ? -5.775  8.102   -2.957  1.00 33.70 ? 5   LEU A CG  1 
ATOM   38   C CD1 . LEU A 1 5  ? -4.663  7.868   -3.959  1.00 34.06 ? 5   LEU A CD1 1 
ATOM   39   C CD2 . LEU A 1 5  ? -6.047  6.831   -2.176  1.00 34.21 ? 5   LEU A CD2 1 
ATOM   40   N N   . TRP A 1 6  ? -7.049  11.767  0.050   1.00 33.12 ? 6   TRP A N   1 
ATOM   41   C CA  . TRP A 1 6  ? -6.899  12.700  1.160   1.00 33.88 ? 6   TRP A CA  1 
ATOM   42   C C   . TRP A 1 6  ? -6.823  11.991  2.506   1.00 33.53 ? 6   TRP A C   1 
ATOM   43   O O   . TRP A 1 6  ? -6.095  12.416  3.398   1.00 32.71 ? 6   TRP A O   1 
ATOM   44   C CB  . TRP A 1 6  ? -8.086  13.663  1.193   1.00 34.97 ? 6   TRP A CB  1 
ATOM   45   C CG  . TRP A 1 6  ? -8.144  14.516  -0.015  1.00 35.61 ? 6   TRP A CG  1 
ATOM   46   C CD1 . TRP A 1 6  ? -9.110  14.534  -0.973  1.00 36.92 ? 6   TRP A CD1 1 
ATOM   47   C CD2 . TRP A 1 6  ? -7.154  15.462  -0.419  1.00 36.10 ? 6   TRP A CD2 1 
ATOM   48   N NE1 . TRP A 1 6  ? -8.801  15.467  -1.936  1.00 37.94 ? 6   TRP A NE1 1 
ATOM   49   C CE2 . TRP A 1 6  ? -7.602  16.049  -1.619  1.00 37.55 ? 6   TRP A CE2 1 
ATOM   50   C CE3 . TRP A 1 6  ? -5.943  15.887  0.132   1.00 36.36 ? 6   TRP A CE3 1 
ATOM   51   C CZ2 . TRP A 1 6  ? -6.868  17.025  -2.291  1.00 37.58 ? 6   TRP A CZ2 1 
ATOM   52   C CZ3 . TRP A 1 6  ? -5.219  16.861  -0.528  1.00 37.11 ? 6   TRP A CZ3 1 
ATOM   53   C CH2 . TRP A 1 6  ? -5.681  17.419  -1.730  1.00 36.94 ? 6   TRP A CH2 1 
ATOM   54   N N   . LYS A 1 7  ? -7.622  10.937  2.643   1.00 33.47 ? 7   LYS A N   1 
ATOM   55   C CA  . LYS A 1 7  ? -7.621  10.080  3.817   1.00 33.46 ? 7   LYS A CA  1 
ATOM   56   C C   . LYS A 1 7  ? -7.286  8.658   3.391   1.00 33.57 ? 7   LYS A C   1 
ATOM   57   O O   . LYS A 1 7  ? -7.255  8.352   2.197   1.00 33.65 ? 7   LYS A O   1 
ATOM   58   C CB  . LYS A 1 7  ? -8.997  10.112  4.475   1.00 33.72 ? 7   LYS A CB  1 
ATOM   59   N N   . ARG A 1 8  ? -7.021  7.793   4.366   1.00 33.34 ? 8   ARG A N   1 
ATOM   60   C CA  . ARG A 1 8  ? -6.835  6.372   4.089   1.00 33.16 ? 8   ARG A CA  1 
ATOM   61   C C   . ARG A 1 8  ? -8.085  5.870   3.382   1.00 32.75 ? 8   ARG A C   1 
ATOM   62   O O   . ARG A 1 8  ? -9.202  6.115   3.841   1.00 32.36 ? 8   ARG A O   1 
ATOM   63   C CB  . ARG A 1 8  ? -6.625  5.578   5.378   1.00 33.16 ? 8   ARG A CB  1 
ATOM   64   C CG  . ARG A 1 8  ? -5.269  5.814   6.042   1.00 33.30 ? 8   ARG A CG  1 
ATOM   65   C CD  . ARG A 1 8  ? -5.044  4.903   7.251   1.00 35.03 ? 8   ARG A CD  1 
ATOM   66   N NE  . ARG A 1 8  ? -3.671  5.040   7.740   1.00 36.70 ? 8   ARG A NE  1 
ATOM   67   C CZ  . ARG A 1 8  ? -3.083  4.261   8.647   1.00 40.31 ? 8   ARG A CZ  1 
ATOM   68   N NH1 . ARG A 1 8  ? -3.728  3.251   9.222   1.00 43.16 ? 8   ARG A NH1 1 
ATOM   69   N NH2 . ARG A 1 8  ? -1.822  4.499   8.998   1.00 40.09 ? 8   ARG A NH2 1 
ATOM   70   N N   . PRO A 1 9  ? -7.912  5.198   2.238   1.00 32.84 ? 9   PRO A N   1 
ATOM   71   C CA  . PRO A 1 9  ? -9.084  4.717   1.512   1.00 32.99 ? 9   PRO A CA  1 
ATOM   72   C C   . PRO A 1 9  ? -9.714  3.494   2.183   1.00 32.63 ? 9   PRO A C   1 
ATOM   73   O O   . PRO A 1 9  ? -9.492  2.363   1.765   1.00 31.11 ? 9   PRO A O   1 
ATOM   74   C CB  . PRO A 1 9  ? -8.506  4.398   0.130   1.00 32.67 ? 9   PRO A CB  1 
ATOM   75   C CG  . PRO A 1 9  ? -7.104  3.982   0.428   1.00 32.98 ? 9   PRO A CG  1 
ATOM   76   C CD  . PRO A 1 9  ? -6.660  4.902   1.518   1.00 32.56 ? 9   PRO A CD  1 
ATOM   77   N N   . LEU A 1 10 ? -10.491 3.736   3.235   1.00 32.82 ? 10  LEU A N   1 
ATOM   78   C CA  . LEU A 1 10 ? -11.114 2.659   3.995   1.00 33.55 ? 10  LEU A CA  1 
ATOM   79   C C   . LEU A 1 10 ? -12.528 2.415   3.484   1.00 34.10 ? 10  LEU A C   1 
ATOM   80   O O   . LEU A 1 10 ? -13.268 3.364   3.237   1.00 33.67 ? 10  LEU A O   1 
ATOM   81   C CB  . LEU A 1 10 ? -11.147 2.986   5.484   1.00 33.41 ? 10  LEU A CB  1 
ATOM   82   C CG  . LEU A 1 10 ? -9.798  3.120   6.187   1.00 33.63 ? 10  LEU A CG  1 
ATOM   83   C CD1 . LEU A 1 10 ? -10.001 3.741   7.564   1.00 34.86 ? 10  LEU A CD1 1 
ATOM   84   C CD2 . LEU A 1 10 ? -9.115  1.773   6.305   1.00 34.19 ? 10  LEU A CD2 1 
ATOM   85   N N   . VAL A 1 11 ? -12.886 1.143   3.317   1.00 34.53 ? 11  VAL A N   1 
ATOM   86   C CA  . VAL A 1 11 ? -14.202 0.761   2.823   1.00 35.29 ? 11  VAL A CA  1 
ATOM   87   C C   . VAL A 1 11 ? -14.735 -0.383  3.673   1.00 36.16 ? 11  VAL A C   1 
ATOM   88   O O   . VAL A 1 11 ? -13.968 -1.051  4.370   1.00 36.24 ? 11  VAL A O   1 
ATOM   89   C CB  . VAL A 1 11 ? -14.158 0.275   1.354   1.00 35.16 ? 11  VAL A CB  1 
ATOM   90   C CG1 . VAL A 1 11 ? -13.682 1.382   0.420   1.00 35.08 ? 11  VAL A CG1 1 
ATOM   91   C CG2 . VAL A 1 11 ? -13.288 -0.968  1.216   1.00 35.19 ? 11  VAL A CG2 1 
ATOM   92   N N   . THR A 1 12 ? -16.037 -0.639  3.589   1.00 36.89 ? 12  THR A N   1 
ATOM   93   C CA  . THR A 1 12 ? -16.595 -1.791  4.294   1.00 37.49 ? 12  THR A CA  1 
ATOM   94   C C   . THR A 1 12 ? -16.443 -3.041  3.442   1.00 38.45 ? 12  THR A C   1 
ATOM   95   O O   . THR A 1 12 ? -16.736 -3.022  2.243   1.00 38.95 ? 12  THR A O   1 
ATOM   96   C CB  . THR A 1 12 ? -18.078 -1.611  4.653   1.00 37.55 ? 12  THR A CB  1 
ATOM   97   O OG1 . THR A 1 12 ? -18.246 -0.369  5.334   1.00 36.55 ? 12  THR A OG1 1 
ATOM   98   C CG2 . THR A 1 12 ? -18.568 -2.744  5.560   1.00 37.26 ? 12  THR A CG2 1 
ATOM   99   N N   . ILE A 1 13 ? -15.989 -4.115  4.081   1.00 39.27 ? 13  ILE A N   1 
ATOM   100  C CA  . ILE A 1 13 ? -15.934 -5.431  3.462   1.00 39.82 ? 13  ILE A CA  1 
ATOM   101  C C   . ILE A 1 13 ? -16.817 -6.384  4.251   1.00 40.38 ? 13  ILE A C   1 
ATOM   102  O O   . ILE A 1 13 ? -17.135 -6.154  5.418   1.00 39.74 ? 13  ILE A O   1 
ATOM   103  C CB  . ILE A 1 13 ? -14.500 -6.005  3.399   1.00 40.12 ? 13  ILE A CB  1 
ATOM   104  C CG1 . ILE A 1 13 ? -13.978 -6.340  4.802   1.00 40.43 ? 13  ILE A CG1 1 
ATOM   105  C CG2 . ILE A 1 13 ? -13.579 -5.020  2.691   1.00 40.28 ? 13  ILE A CG2 1 
ATOM   106  C CD1 . ILE A 1 13 ? -12.686 -7.111  4.827   1.00 40.50 ? 13  ILE A CD1 1 
ATOM   107  N N   . ARG A 1 14 ? -17.222 -7.450  3.578   1.00 41.13 ? 14  ARG A N   1 
ATOM   108  C CA  . ARG A 1 14 ? -17.964 -8.519  4.214   1.00 41.41 ? 14  ARG A CA  1 
ATOM   109  C C   . ARG A 1 14 ? -17.236 -9.837  3.988   1.00 41.29 ? 14  ARG A C   1 
ATOM   110  O O   . ARG A 1 14 ? -16.937 -10.201 2.851   1.00 41.19 ? 14  ARG A O   1 
ATOM   111  C CB  . ARG A 1 14 ? -19.383 -8.601  3.664   1.00 41.55 ? 14  ARG A CB  1 
ATOM   112  C CG  . ARG A 1 14 ? -20.230 -9.606  4.417   1.00 42.17 ? 14  ARG A CG  1 
ATOM   113  C CD  . ARG A 1 14 ? -21.705 -9.452  4.116   1.00 42.82 ? 14  ARG A CD  1 
ATOM   114  N NE  . ARG A 1 14 ? -22.113 -10.259 2.969   1.00 44.37 ? 14  ARG A NE  1 
ATOM   115  C CZ  . ARG A 1 14 ? -21.579 -11.228 2.463   0.00 50.36 ? 14  ARG A CZ  1 
ATOM   116  N NH1 . ARG A 1 14 ? -20.322 -11.538 2.762   0.00 53.31 ? 14  ARG A NH1 1 
ATOM   117  N NH2 . ARG A 1 14 ? -22.208 -11.887 1.498   0.00 51.37 ? 14  ARG A NH2 1 
ATOM   118  N N   . ILE A 1 15 ? -16.948 -10.528 5.085   1.00 41.36 ? 15  ILE A N   1 
ATOM   119  C CA  . ILE A 1 15 ? -16.333 -11.847 5.044   1.00 42.02 ? 15  ILE A CA  1 
ATOM   120  C C   . ILE A 1 15 ? -17.020 -12.711 6.101   1.00 42.29 ? 15  ILE A C   1 
ATOM   121  O O   . ILE A 1 15 ? -17.186 -12.287 7.243   1.00 42.13 ? 15  ILE A O   1 
ATOM   122  C CB  . ILE A 1 15 ? -14.807 -11.758 5.240   1.00 41.72 ? 15  ILE A CB  1 
ATOM   123  C CG1 . ILE A 1 15 ? -14.164 -13.144 5.193   1.00 42.63 ? 15  ILE A CG1 1 
ATOM   124  C CG2 . ILE A 1 15 ? -14.447 -11.038 6.533   1.00 42.67 ? 15  ILE A CG2 1 
ATOM   125  C CD1 . ILE A 1 15 ? -12.691 -13.097 4.870   1.00 42.49 ? 15  ILE A CD1 1 
ATOM   126  N N   . GLY A 1 16 ? -17.444 -13.907 5.704   1.00 42.82 ? 16  GLY A N   1 
ATOM   127  C CA  . GLY A 1 16 ? -18.298 -14.746 6.539   1.00 42.97 ? 16  GLY A CA  1 
ATOM   128  C C   . GLY A 1 16 ? -19.628 -14.082 6.853   1.00 43.35 ? 16  GLY A C   1 
ATOM   129  O O   . GLY A 1 16 ? -20.190 -14.290 7.931   1.00 43.39 ? 16  GLY A O   1 
ATOM   130  N N   . GLY A 1 17 ? -20.142 -13.277 5.926   1.00 43.51 ? 17  GLY A N   1 
ATOM   131  C CA  . GLY A 1 17 ? -21.298 -12.430 6.221   1.00 43.46 ? 17  GLY A CA  1 
ATOM   132  C C   . GLY A 1 17 ? -21.063 -11.382 7.303   1.00 43.80 ? 17  GLY A C   1 
ATOM   133  O O   . GLY A 1 17 ? -22.000 -10.663 7.663   1.00 43.98 ? 17  GLY A O   1 
ATOM   134  N N   . GLN A 1 18 ? -19.837 -11.298 7.829   1.00 43.92 ? 18  GLN A N   1 
ATOM   135  C CA  . GLN A 1 18 ? -19.447 -10.307 8.841   1.00 43.45 ? 18  GLN A CA  1 
ATOM   136  C C   . GLN A 1 18 ? -18.890 -9.056  8.166   1.00 42.79 ? 18  GLN A C   1 
ATOM   137  O O   . GLN A 1 18 ? -18.192 -9.161  7.158   1.00 43.29 ? 18  GLN A O   1 
ATOM   138  C CB  . GLN A 1 18 ? -18.418 -10.887 9.831   1.00 43.59 ? 18  GLN A CB  1 
ATOM   139  C CG  . GLN A 1 18 ? -17.226 -9.977  10.145  1.00 44.49 ? 18  GLN A CG  1 
ATOM   140  C CD  . GLN A 1 18 ? -16.789 -9.998  11.596  1.00 44.87 ? 18  GLN A CD  1 
ATOM   141  O OE1 . GLN A 1 18 ? -16.698 -11.056 12.225  1.00 46.33 ? 18  GLN A OE1 1 
ATOM   142  N NE2 . GLN A 1 18 ? -16.498 -8.813  12.130  1.00 47.56 ? 18  GLN A NE2 1 
ATOM   143  N N   . LEU A 1 19 ? -19.181 -7.885  8.728   1.00 41.92 ? 19  LEU A N   1 
ATOM   144  C CA  . LEU A 1 19 ? -18.684 -6.621  8.176   1.00 41.24 ? 19  LEU A CA  1 
ATOM   145  C C   . LEU A 1 19 ? -17.419 -6.120  8.871   1.00 40.19 ? 19  LEU A C   1 
ATOM   146  O O   . LEU A 1 19 ? -17.323 -6.149  10.095  1.00 40.11 ? 19  LEU A O   1 
ATOM   147  C CB  . LEU A 1 19 ? -19.757 -5.532  8.264   1.00 41.57 ? 19  LEU A CB  1 
ATOM   148  C CG  . LEU A 1 19 ? -21.044 -5.688  7.452   1.00 42.30 ? 19  LEU A CG  1 
ATOM   149  C CD1 . LEU A 1 19 ? -21.823 -4.379  7.494   1.00 42.83 ? 19  LEU A CD1 1 
ATOM   150  C CD2 . LEU A 1 19 ? -20.773 -6.096  6.009   1.00 43.33 ? 19  LEU A CD2 1 
ATOM   151  N N   . LYS A 1 20 ? -16.461 -5.643  8.080   1.00 39.14 ? 20  LYS A N   1 
ATOM   152  C CA  . LYS A 1 20 ? -15.221 -5.063  8.589   1.00 38.28 ? 20  LYS A CA  1 
ATOM   153  C C   . LYS A 1 20 ? -14.846 -3.835  7.773   1.00 37.20 ? 20  LYS A C   1 
ATOM   154  O O   . LYS A 1 20 ? -15.290 -3.668  6.641   1.00 36.84 ? 20  LYS A O   1 
ATOM   155  C CB  . LYS A 1 20 ? -14.062 -6.057  8.491   1.00 38.08 ? 20  LYS A CB  1 
ATOM   156  C CG  . LYS A 1 20 ? -14.151 -7.258  9.412   1.00 38.51 ? 20  LYS A CG  1 
ATOM   157  C CD  . LYS A 1 20 ? -13.236 -8.376  8.925   1.00 39.14 ? 20  LYS A CD  1 
ATOM   158  C CE  . LYS A 1 20 ? -13.381 -9.619  9.775   1.00 39.20 ? 20  LYS A CE  1 
ATOM   159  N NZ  . LYS A 1 20 ? -12.956 -9.368  11.180  1.00 40.83 ? 20  LYS A NZ  1 
ATOM   160  N N   . GLU A 1 21 ? -13.999 -2.996  8.357   1.00 36.15 ? 21  GLU A N   1 
ATOM   161  C CA  . GLU A 1 21 ? -13.414 -1.871  7.650   1.00 36.08 ? 21  GLU A CA  1 
ATOM   162  C C   . GLU A 1 21 ? -12.016 -2.276  7.188   1.00 34.85 ? 21  GLU A C   1 
ATOM   163  O O   . GLU A 1 21 ? -11.239 -2.839  7.961   1.00 34.38 ? 21  GLU A O   1 
ATOM   164  C CB  . GLU A 1 21 ? -13.365 -0.648  8.562   1.00 36.50 ? 21  GLU A CB  1 
ATOM   165  C CG  . GLU A 1 21 ? -13.807 0.639   7.900   1.00 40.40 ? 21  GLU A CG  1 
ATOM   166  C CD  . GLU A 1 21 ? -15.276 0.687   7.484   1.00 42.77 ? 21  GLU A CD  1 
ATOM   167  O OE1 . GLU A 1 21 ? -15.652 1.658   6.792   1.00 46.81 ? 21  GLU A OE1 1 
ATOM   168  O OE2 . GLU A 1 21 ? -16.068 -0.206  7.852   1.00 43.36 ? 21  GLU A OE2 1 
ATOM   169  N N   . ALA A 1 22 ? -11.715 -1.987  5.927   1.00 33.50 ? 22  ALA A N   1 
ATOM   170  C CA  . ALA A 1 22 ? -10.478 -2.432  5.298   1.00 33.10 ? 22  ALA A CA  1 
ATOM   171  C C   . ALA A 1 22 ? -9.917  -1.385  4.341   1.00 32.32 ? 22  ALA A C   1 
ATOM   172  O O   . ALA A 1 22 ? -10.661 -0.594  3.767   1.00 31.46 ? 22  ALA A O   1 
ATOM   173  C CB  . ALA A 1 22 ? -10.706 -3.734  4.556   1.00 33.24 ? 22  ALA A CB  1 
ATOM   174  N N   . LEU A 1 23 ? -8.598  -1.412  4.179   1.00 31.52 ? 23  LEU A N   1 
ATOM   175  C CA  . LEU A 1 23 ? -7.851  -0.425  3.407   1.00 31.33 ? 23  LEU A CA  1 
ATOM   176  C C   . LEU A 1 23 ? -7.619  -0.908  1.983   1.00 30.82 ? 23  LEU A C   1 
ATOM   177  O O   . LEU A 1 23 ? -7.046  -1.980  1.786   1.00 31.01 ? 23  LEU A O   1 
ATOM   178  C CB  . LEU A 1 23 ? -6.486  -0.232  4.074   1.00 30.88 ? 23  LEU A CB  1 
ATOM   179  C CG  . LEU A 1 23 ? -5.513  0.833   3.576   1.00 30.83 ? 23  LEU A CG  1 
ATOM   180  C CD1 . LEU A 1 23 ? -6.090  2.206   3.748   1.00 31.69 ? 23  LEU A CD1 1 
ATOM   181  C CD2 . LEU A 1 23 ? -4.196  0.715   4.348   1.00 32.01 ? 23  LEU A CD2 1 
ATOM   182  N N   . LEU A 1 24 ? -8.023  -0.118  0.992   1.00 30.32 ? 24  LEU A N   1 
ATOM   183  C CA  . LEU A 1 24 ? -7.743  -0.449  -0.400  1.00 30.83 ? 24  LEU A CA  1 
ATOM   184  C C   . LEU A 1 24 ? -6.293  -0.083  -0.676  1.00 30.63 ? 24  LEU A C   1 
ATOM   185  O O   . LEU A 1 24 ? -5.949  1.102   -0.691  1.00 30.85 ? 24  LEU A O   1 
ATOM   186  C CB  . LEU A 1 24 ? -8.658  0.296   -1.372  1.00 30.80 ? 24  LEU A CB  1 
ATOM   187  C CG  . LEU A 1 24 ? -10.156 0.114   -1.123  1.00 31.10 ? 24  LEU A CG  1 
ATOM   188  C CD1 . LEU A 1 24 ? -10.921 1.012   -2.067  1.00 32.52 ? 24  LEU A CD1 1 
ATOM   189  C CD2 . LEU A 1 24 ? -10.589 -1.344  -1.255  1.00 31.49 ? 24  LEU A CD2 1 
ATOM   190  N N   . ASP A 1 25 ? -5.479  -1.108  -0.918  1.00 30.34 ? 25  ASP A N   1 
ATOM   191  C CA  . ASP A 1 25 ? -4.027  -0.995  -0.886  1.00 30.28 ? 25  ASP A CA  1 
ATOM   192  C C   . ASP A 1 25 ? -3.354  -1.500  -2.167  1.00 30.02 ? 25  ASP A C   1 
ATOM   193  O O   . ASP A 1 25 ? -3.059  -2.686  -2.324  1.00 29.13 ? 25  ASP A O   1 
ATOM   194  C CB  . ASP A 1 25 ? -3.501  -1.761  0.329   1.00 30.18 ? 25  ASP A CB  1 
ATOM   195  C CG  . ASP A 1 25 ? -2.042  -1.468  0.625   1.00 31.54 ? 25  ASP A CG  1 
ATOM   196  O OD1 . ASP A 1 25 ? -1.584  -1.896  1.703   1.00 33.63 ? 25  ASP A OD1 1 
ATOM   197  O OD2 . ASP A 1 25 ? -1.358  -0.819  -0.197  1.00 32.28 ? 25  ASP A OD2 1 
ATOM   198  N N   . THR A 1 26 ? -3.096  -0.573  -3.084  1.00 29.67 ? 26  THR A N   1 
ATOM   199  C CA  . THR A 1 26 ? -2.407  -0.900  -4.335  1.00 29.52 ? 26  THR A CA  1 
ATOM   200  C C   . THR A 1 26 ? -0.957  -1.346  -4.137  1.00 29.53 ? 26  THR A C   1 
ATOM   201  O O   . THR A 1 26 ? -0.361  -1.962  -5.022  1.00 29.99 ? 26  THR A O   1 
ATOM   202  C CB  . THR A 1 26 ? -2.448  0.298   -5.296  1.00 29.23 ? 26  THR A CB  1 
ATOM   203  O OG1 . THR A 1 26 ? -1.822  1.439   -4.691  1.00 27.42 ? 26  THR A OG1 1 
ATOM   204  C CG2 . THR A 1 26 ? -3.891  0.635   -5.647  1.00 29.40 ? 26  THR A CG2 1 
ATOM   205  N N   . GLY A 1 27 ? -0.373  -1.034  -2.986  1.00 29.93 ? 27  GLY A N   1 
ATOM   206  C CA  . GLY A 1 27 ? 0.988   -1.473  -2.679  1.00 30.07 ? 27  GLY A CA  1 
ATOM   207  C C   . GLY A 1 27 ? 1.128   -2.840  -2.025  1.00 30.49 ? 27  GLY A C   1 
ATOM   208  O O   . GLY A 1 27 ? 2.249   -3.259  -1.714  1.00 30.84 ? 27  GLY A O   1 
ATOM   209  N N   . ALA A 1 28 ? 0.013   -3.526  -1.797  1.00 29.85 ? 28  ALA A N   1 
ATOM   210  C CA  . ALA A 1 28 ? 0.017   -4.884  -1.255  1.00 30.29 ? 28  ALA A CA  1 
ATOM   211  C C   . ALA A 1 28 ? -0.307  -5.895  -2.352  1.00 30.14 ? 28  ALA A C   1 
ATOM   212  O O   . ALA A 1 28 ? -1.301  -5.735  -3.056  1.00 30.69 ? 28  ALA A O   1 
ATOM   213  C CB  . ALA A 1 28 ? -1.008  -5.005  -0.147  1.00 29.95 ? 28  ALA A CB  1 
ATOM   214  N N   . ASP A 1 29 ? 0.514   -6.935  -2.483  1.00 30.65 ? 29  ASP A N   1 
ATOM   215  C CA  . ASP A 1 29 ? 0.276   -7.996  -3.465  1.00 30.97 ? 29  ASP A CA  1 
ATOM   216  C C   . ASP A 1 29 ? -0.875  -8.883  -2.993  1.00 30.94 ? 29  ASP A C   1 
ATOM   217  O O   . ASP A 1 29 ? -1.623  -9.447  -3.802  1.00 30.52 ? 29  ASP A O   1 
ATOM   218  C CB  . ASP A 1 29 ? 1.506   -8.892  -3.646  1.00 31.02 ? 29  ASP A CB  1 
ATOM   219  C CG  . ASP A 1 29 ? 2.744   -8.142  -4.094  1.00 32.23 ? 29  ASP A CG  1 
ATOM   220  O OD1 . ASP A 1 29 ? 2.650   -7.036  -4.661  1.00 30.73 ? 29  ASP A OD1 1 
ATOM   221  O OD2 . ASP A 1 29 ? 3.842   -8.702  -3.900  1.00 34.54 ? 29  ASP A OD2 1 
ATOM   222  N N   . ASP A 1 30 ? -0.987  -9.000  -1.672  1.00 30.92 ? 30  ASP A N   1 
ATOM   223  C CA  . ASP A 1 30 ? -1.909  -9.919  -1.010  1.00 31.38 ? 30  ASP A CA  1 
ATOM   224  C C   . ASP A 1 30 ? -2.913  -9.167  -0.161  1.00 31.71 ? 30  ASP A C   1 
ATOM   225  O O   . ASP A 1 30 ? -2.707  -7.995  0.176   1.00 31.79 ? 30  ASP A O   1 
ATOM   226  C CB  . ASP A 1 30 ? -1.154  -10.877 -0.083  1.00 31.61 ? 30  ASP A CB  1 
ATOM   227  C CG  . ASP A 1 30 ? 0.085   -11.451 -0.735  1.00 32.44 ? 30  ASP A CG  1 
ATOM   228  O OD1 . ASP A 1 30 ? -0.069  -12.229 -1.691  1.00 32.78 ? 30  ASP A OD1 1 
ATOM   229  O OD2 . ASP A 1 30 ? 1.208   -11.109 -0.310  1.00 35.79 ? 30  ASP A OD2 1 
ATOM   230  N N   . THR A 1 31 ? -3.968  -9.883  0.204   1.00 31.54 ? 31  THR A N   1 
ATOM   231  C CA  . THR A 1 31 ? -4.993  -9.385  1.110   1.00 32.48 ? 31  THR A CA  1 
ATOM   232  C C   . THR A 1 31 ? -4.677  -9.935  2.497   1.00 32.68 ? 31  THR A C   1 
ATOM   233  O O   . THR A 1 31 ? -4.493  -11.140 2.652   1.00 32.73 ? 31  THR A O   1 
ATOM   234  C CB  . THR A 1 31 ? -6.386  -9.806  0.595   1.00 32.55 ? 31  THR A CB  1 
ATOM   235  O OG1 . THR A 1 31 ? -6.670  -9.066  -0.598  1.00 32.88 ? 31  THR A OG1 1 
ATOM   236  C CG2 . THR A 1 31 ? -7.488  -9.566  1.619   1.00 32.67 ? 31  THR A CG2 1 
ATOM   237  N N   . VAL A 1 32 ? -4.575  -9.051  3.487   1.00 33.12 ? 32  VAL A N   1 
ATOM   238  C CA  . VAL A 1 32 ? -4.180  -9.436  4.836   1.00 33.49 ? 32  VAL A CA  1 
ATOM   239  C C   . VAL A 1 32 ? -5.180  -8.910  5.859   1.00 33.86 ? 32  VAL A C   1 
ATOM   240  O O   . VAL A 1 32 ? -5.317  -7.702  6.049   1.00 33.35 ? 32  VAL A O   1 
ATOM   241  C CB  . VAL A 1 32 ? -2.777  -8.904  5.208   1.00 33.52 ? 32  VAL A CB  1 
ATOM   242  C CG1 . VAL A 1 32 ? -2.264  -9.590  6.468   1.00 34.59 ? 32  VAL A CG1 1 
ATOM   243  C CG2 . VAL A 1 32 ? -1.799  -9.109  4.057   1.00 33.78 ? 32  VAL A CG2 1 
ATOM   244  N N   . LEU A 1 33 ? -5.862  -9.820  6.541   1.00 34.53 ? 33  LEU A N   1 
ATOM   245  C CA  . LEU A 1 33 ? -6.865  -9.429  7.525   1.00 35.42 ? 33  LEU A CA  1 
ATOM   246  C C   . LEU A 1 33 ? -6.375  -9.628  8.954   1.00 35.90 ? 33  LEU A C   1 
ATOM   247  O O   . LEU A 1 33 ? -5.565  -10.512 9.235   1.00 35.70 ? 33  LEU A O   1 
ATOM   248  C CB  . LEU A 1 33 ? -8.165  -10.202 7.296   1.00 35.82 ? 33  LEU A CB  1 
ATOM   249  C CG  . LEU A 1 33 ? -8.738  -10.106 5.878   1.00 36.91 ? 33  LEU A CG  1 
ATOM   250  C CD1 . LEU A 1 33 ? -10.116 -10.745 5.810   1.00 38.92 ? 33  LEU A CD1 1 
ATOM   251  C CD2 . LEU A 1 33 ? -8.827  -8.673  5.375   1.00 37.14 ? 33  LEU A CD2 1 
ATOM   252  N N   . GLU A 1 34 ? -6.895  -8.790  9.845   1.00 36.60 ? 34  GLU A N   1 
ATOM   253  C CA  . GLU A 1 34 ? -6.643  -8.885  11.275  1.00 37.18 ? 34  GLU A CA  1 
ATOM   254  C C   . GLU A 1 34 ? -7.054  -10.264 11.789  1.00 37.25 ? 34  GLU A C   1 
ATOM   255  O O   . GLU A 1 34 ? -7.942  -10.912 11.237  1.00 36.24 ? 34  GLU A O   1 
ATOM   256  C CB  . GLU A 1 34 ? -7.410  -7.777  12.014  1.00 37.36 ? 34  GLU A CB  1 
ATOM   257  C CG  . GLU A 1 34 ? -7.041  -6.363  11.543  1.00 38.68 ? 34  GLU A CG  1 
ATOM   258  C CD  . GLU A 1 34 ? -7.862  -5.256  12.184  1.00 39.15 ? 34  GLU A CD  1 
ATOM   259  O OE1 . GLU A 1 34 ? -8.195  -4.262  11.494  1.00 41.42 ? 34  GLU A OE1 1 
ATOM   260  O OE2 . GLU A 1 34 ? -8.156  -5.368  13.390  1.00 42.73 ? 34  GLU A OE2 1 
ATOM   261  N N   . GLU A 1 35 ? -6.389  -10.716 12.845  1.00 37.99 ? 35  GLU A N   1 
ATOM   262  C CA  . GLU A 1 35 ? -6.692  -12.010 13.444  1.00 38.87 ? 35  GLU A CA  1 
ATOM   263  C C   . GLU A 1 35 ? -8.199  -12.280 13.511  1.00 39.30 ? 35  GLU A C   1 
ATOM   264  O O   . GLU A 1 35 ? -8.967  -11.507 14.086  1.00 38.29 ? 35  GLU A O   1 
ATOM   265  C CB  . GLU A 1 35 ? -6.079  -12.105 14.840  1.00 38.82 ? 35  GLU A CB  1 
ATOM   266  C CG  . GLU A 1 35 ? -6.298  -13.427 15.547  1.00 39.59 ? 35  GLU A CG  1 
ATOM   267  C CD  . GLU A 1 35 ? -5.907  -14.615 14.688  1.00 42.79 ? 35  GLU A CD  1 
ATOM   268  O OE1 . GLU A 1 35 ? -6.726  -15.551 14.576  1.00 43.51 ? 35  GLU A OE1 1 
ATOM   269  O OE2 . GLU A 1 35 ? -4.785  -14.606 14.136  1.00 43.44 ? 35  GLU A OE2 1 
ATOM   270  N N   . MET A 1 36 ? -8.601  -13.396 12.916  1.00 39.94 ? 36  MET A N   1 
ATOM   271  C CA  . MET A 1 36 ? -9.976  -13.854 12.979  1.00 41.69 ? 36  MET A CA  1 
ATOM   272  C C   . MET A 1 36 ? -9.997  -15.366 12.822  1.00 42.05 ? 36  MET A C   1 
ATOM   273  O O   . MET A 1 36 ? -9.192  -15.937 12.088  1.00 42.24 ? 36  MET A O   1 
ATOM   274  C CB  . MET A 1 36 ? -10.824 -13.187 11.896  1.00 41.66 ? 36  MET A CB  1 
ATOM   275  C CG  . MET A 1 36 ? -10.282 -13.382 10.494  1.00 43.28 ? 36  MET A CG  1 
ATOM   276  S SD  . MET A 1 36 ? -11.353 -12.713 9.211   1.00 44.62 ? 36  MET A SD  1 
ATOM   277  C CE  . MET A 1 36 ? -12.976 -13.135 9.841   1.00 45.09 ? 36  MET A CE  1 
ATOM   278  N N   . ASN A 1 37 ? -10.935 -16.012 13.504  1.00 42.66 ? 37  ASN A N   1 
ATOM   279  C CA  . ASN A 1 37 ? -10.914 -17.463 13.602  1.00 43.61 ? 37  ASN A CA  1 
ATOM   280  C C   . ASN A 1 37 ? -11.727 -18.131 12.496  1.00 43.87 ? 37  ASN A C   1 
ATOM   281  O O   . ASN A 1 37 ? -12.787 -18.709 12.731  1.00 43.93 ? 37  ASN A O   1 
ATOM   282  C CB  . ASN A 1 37 ? -11.365 -17.893 14.999  1.00 43.61 ? 37  ASN A CB  1 
ATOM   283  C CG  . ASN A 1 37 ? -10.669 -19.152 15.462  1.00 45.72 ? 37  ASN A CG  1 
ATOM   284  O OD1 . ASN A 1 37 ? -10.176 -19.934 14.646  1.00 47.30 ? 37  ASN A OD1 1 
ATOM   285  N ND2 . ASN A 1 37 ? -10.620 -19.355 16.778  1.00 48.04 ? 37  ASN A ND2 1 
ATOM   286  N N   . LEU A 1 38 ? -11.181 -18.069 11.287  1.00 44.58 ? 38  LEU A N   1 
ATOM   287  C CA  . LEU A 1 38 ? -11.884 -18.467 10.072  1.00 45.05 ? 38  LEU A CA  1 
ATOM   288  C C   . LEU A 1 38 ? -11.878 -19.985 9.900   1.00 45.04 ? 38  LEU A C   1 
ATOM   289  O O   . LEU A 1 38 ? -10.863 -20.633 10.145  1.00 45.50 ? 38  LEU A O   1 
ATOM   290  C CB  . LEU A 1 38 ? -11.200 -17.808 8.870   1.00 45.24 ? 38  LEU A CB  1 
ATOM   291  C CG  . LEU A 1 38 ? -12.009 -17.154 7.753   1.00 46.27 ? 38  LEU A CG  1 
ATOM   292  C CD1 . LEU A 1 38 ? -13.105 -16.255 8.288   1.00 46.81 ? 38  LEU A CD1 1 
ATOM   293  C CD2 . LEU A 1 38 ? -11.038 -16.362 6.896   1.00 46.54 ? 38  LEU A CD2 1 
ATOM   294  N N   . PRO A 1 39 ? -13.015 -20.562 9.486   1.00 44.95 ? 39  PRO A N   1 
ATOM   295  C CA  . PRO A 1 39 ? -13.044 -22.013 9.308   1.00 44.90 ? 39  PRO A CA  1 
ATOM   296  C C   . PRO A 1 39 ? -12.200 -22.493 8.132   1.00 44.67 ? 39  PRO A C   1 
ATOM   297  O O   . PRO A 1 39 ? -11.966 -21.750 7.186   1.00 44.70 ? 39  PRO A O   1 
ATOM   298  C CB  . PRO A 1 39 ? -14.523 -22.314 9.042   1.00 44.90 ? 39  PRO A CB  1 
ATOM   299  C CG  . PRO A 1 39 ? -15.112 -21.042 8.567   1.00 44.75 ? 39  PRO A CG  1 
ATOM   300  C CD  . PRO A 1 39 ? -14.321 -19.938 9.204   1.00 45.00 ? 39  PRO A CD  1 
ATOM   301  N N   . GLY A 1 40 ? -11.747 -23.736 8.206   1.00 44.68 ? 40  GLY A N   1 
ATOM   302  C CA  . GLY A 1 40 ? -11.159 -24.403 7.054   1.00 44.44 ? 40  GLY A CA  1 
ATOM   303  C C   . GLY A 1 40 ? -9.668  -24.607 7.201   1.00 44.26 ? 40  GLY A C   1 
ATOM   304  O O   . GLY A 1 40 ? -9.049  -24.167 8.176   1.00 44.40 ? 40  GLY A O   1 
ATOM   305  N N   . LYS A 1 41 ? -9.110  -25.285 6.207   1.00 43.49 ? 41  LYS A N   1 
ATOM   306  C CA  . LYS A 1 41 ? -7.685  -25.539 6.156   1.00 43.15 ? 41  LYS A CA  1 
ATOM   307  C C   . LYS A 1 41 ? -6.980  -24.236 5.808   1.00 42.88 ? 41  LYS A C   1 
ATOM   308  O O   . LYS A 1 41 ? -7.562  -23.320 5.223   1.00 42.63 ? 41  LYS A O   1 
ATOM   309  C CB  . LYS A 1 41 ? -7.373  -26.616 5.128   1.00 43.30 ? 41  LYS A CB  1 
ATOM   310  N N   . TRP A 1 42 ? -5.714  -24.165 6.190   1.00 42.31 ? 42  TRP A N   1 
ATOM   311  C CA  . TRP A 1 42 ? -4.895  -23.000 5.907   1.00 42.18 ? 42  TRP A CA  1 
ATOM   312  C C   . TRP A 1 42 ? -3.469  -23.491 5.801   1.00 41.81 ? 42  TRP A C   1 
ATOM   313  O O   . TRP A 1 42 ? -3.179  -24.639 6.164   1.00 42.02 ? 42  TRP A O   1 
ATOM   314  C CB  . TRP A 1 42 ? -5.039  -21.943 7.008   1.00 42.88 ? 42  TRP A CB  1 
ATOM   315  C CG  . TRP A 1 42 ? -4.769  -22.424 8.412   1.00 43.08 ? 42  TRP A CG  1 
ATOM   316  C CD1 . TRP A 1 42 ? -5.666  -23.013 9.259   1.00 44.10 ? 42  TRP A CD1 1 
ATOM   317  C CD2 . TRP A 1 42 ? -3.537  -22.335 9.140   1.00 44.10 ? 42  TRP A CD2 1 
ATOM   318  N NE1 . TRP A 1 42 ? -5.067  -23.316 10.456  1.00 43.63 ? 42  TRP A NE1 1 
ATOM   319  C CE2 . TRP A 1 42 ? -3.759  -22.915 10.407  1.00 44.41 ? 42  TRP A CE2 1 
ATOM   320  C CE3 . TRP A 1 42 ? -2.259  -21.852 8.835   1.00 43.69 ? 42  TRP A CE3 1 
ATOM   321  C CZ2 . TRP A 1 42 ? -2.757  -22.995 11.378  1.00 44.03 ? 42  TRP A CZ2 1 
ATOM   322  C CZ3 . TRP A 1 42 ? -1.271  -21.934 9.792   1.00 43.77 ? 42  TRP A CZ3 1 
ATOM   323  C CH2 . TRP A 1 42 ? -1.522  -22.500 11.052  1.00 44.10 ? 42  TRP A CH2 1 
ATOM   324  N N   . LYS A 1 43 ? -2.605  -22.628 5.275   1.00 40.90 ? 43  LYS A N   1 
ATOM   325  C CA  . LYS A 1 43 ? -1.184  -22.927 5.139   1.00 39.99 ? 43  LYS A CA  1 
ATOM   326  C C   . LYS A 1 43 ? -0.391  -21.789 5.768   1.00 38.91 ? 43  LYS A C   1 
ATOM   327  O O   . LYS A 1 43 ? -0.760  -20.625 5.616   1.00 38.82 ? 43  LYS A O   1 
ATOM   328  C CB  . LYS A 1 43 ? -0.812  -23.090 3.674   1.00 40.42 ? 43  LYS A CB  1 
ATOM   329  N N   . PRO A 1 44 ? 0.671   -22.121 6.516   1.00 37.84 ? 44  PRO A N   1 
ATOM   330  C CA  . PRO A 1 44 ? 1.531   -21.087 7.083   1.00 37.11 ? 44  PRO A CA  1 
ATOM   331  C C   . PRO A 1 44 ? 2.270   -20.337 5.981   1.00 36.11 ? 44  PRO A C   1 
ATOM   332  O O   . PRO A 1 44 ? 2.688   -20.934 4.982   1.00 34.30 ? 44  PRO A O   1 
ATOM   333  C CB  . PRO A 1 44 ? 2.536   -21.863 7.943   1.00 37.02 ? 44  PRO A CB  1 
ATOM   334  C CG  . PRO A 1 44 ? 2.056   -23.254 8.008   1.00 37.86 ? 44  PRO A CG  1 
ATOM   335  C CD  . PRO A 1 44 ? 1.127   -23.479 6.859   1.00 37.87 ? 44  PRO A CD  1 
ATOM   336  N N   . LYS A 1 45 ? 2.439   -19.038 6.185   1.00 35.64 ? 45  LYS A N   1 
ATOM   337  C CA  . LYS A 1 45 ? 3.107   -18.194 5.206   1.00 35.92 ? 45  LYS A CA  1 
ATOM   338  C C   . LYS A 1 45 ? 3.786   -17.036 5.926   1.00 35.58 ? 45  LYS A C   1 
ATOM   339  O O   . LYS A 1 45 ? 3.416   -16.687 7.045   1.00 34.55 ? 45  LYS A O   1 
ATOM   340  C CB  . LYS A 1 45 ? 2.086   -17.683 4.189   1.00 35.90 ? 45  LYS A CB  1 
ATOM   341  C CG  . LYS A 1 45 ? 2.669   -16.899 3.021   1.00 36.42 ? 45  LYS A CG  1 
ATOM   342  C CD  . LYS A 1 45 ? 1.557   -16.457 2.089   1.00 36.73 ? 45  LYS A CD  1 
ATOM   343  C CE  . LYS A 1 45 ? 2.064   -15.521 1.013   1.00 37.79 ? 45  LYS A CE  1 
ATOM   344  N NZ  . LYS A 1 45 ? 2.661   -16.264 -0.123  1.00 37.92 ? 45  LYS A NZ  1 
ATOM   345  N N   . MET A 1 46 ? 4.796   -16.463 5.281   1.00 35.43 ? 46  MET A N   1 
ATOM   346  C CA  . MET A 1 46 ? 5.433   -15.258 5.774   1.00 35.88 ? 46  MET A CA  1 
ATOM   347  C C   . MET A 1 46 ? 5.297   -14.183 4.723   1.00 35.34 ? 46  MET A C   1 
ATOM   348  O O   . MET A 1 46 ? 5.519   -14.449 3.545   1.00 34.52 ? 46  MET A O   1 
ATOM   349  C CB  . MET A 1 46 ? 6.921   -15.503 5.966   1.00 36.87 ? 46  MET A CB  1 
ATOM   350  C CG  . MET A 1 46 ? 7.177   -16.689 6.825   1.00 40.23 ? 46  MET A CG  1 
ATOM   351  S SD  . MET A 1 46 ? 7.362   -16.069 8.478   1.00 47.05 ? 46  MET A SD  1 
ATOM   352  C CE  . MET A 1 46 ? 8.601   -17.246 8.973   1.00 42.00 ? 46  MET A CE  1 
ATOM   353  N N   . ILE A 1 47 ? 4.968   -12.973 5.158   1.00 34.67 ? 47  ILE A N   1 
ATOM   354  C CA  . ILE A 1 47 ? 4.871   -11.853 4.242   1.00 34.96 ? 47  ILE A CA  1 
ATOM   355  C C   . ILE A 1 47 ? 5.635   -10.669 4.820   1.00 34.67 ? 47  ILE A C   1 
ATOM   356  O O   . ILE A 1 47 ? 5.629   -10.440 6.034   1.00 33.89 ? 47  ILE A O   1 
ATOM   357  C CB  . ILE A 1 47 ? 3.402   -11.467 3.953   1.00 35.45 ? 47  ILE A CB  1 
ATOM   358  C CG1 . ILE A 1 47 ? 2.663   -11.116 5.245   1.00 35.56 ? 47  ILE A CG1 1 
ATOM   359  C CG2 . ILE A 1 47 ? 2.715   -12.590 3.183   1.00 36.47 ? 47  ILE A CG2 1 
ATOM   360  C CD1 . ILE A 1 47 ? 1.266   -10.566 5.013   1.00 36.16 ? 47  ILE A CD1 1 
ATOM   361  N N   . GLY A 1 48 ? 6.299   -9.939  3.931   1.00 34.32 ? 48  GLY A N   1 
ATOM   362  C CA  . GLY A 1 48 ? 7.175   -8.854  4.325   1.00 34.53 ? 48  GLY A CA  1 
ATOM   363  C C   . GLY A 1 48 ? 6.566   -7.513  3.981   1.00 34.81 ? 48  GLY A C   1 
ATOM   364  O O   . GLY A 1 48 ? 6.046   -7.318  2.885   1.00 35.47 ? 48  GLY A O   1 
ATOM   365  N N   . GLY A 1 49 ? 6.646   -6.590  4.931   1.00 34.33 ? 49  GLY A N   1 
ATOM   366  C CA  . GLY A 1 49 ? 6.318   -5.194  4.683   1.00 34.08 ? 49  GLY A CA  1 
ATOM   367  C C   . GLY A 1 49 ? 7.475   -4.352  5.179   1.00 33.97 ? 49  GLY A C   1 
ATOM   368  O O   . GLY A 1 49 ? 8.571   -4.860  5.416   1.00 32.90 ? 49  GLY A O   1 
ATOM   369  N N   A ILE A 1 50 ? 7.230   -3.051  5.281   0.50 33.42 ? 50  ILE A N   1 
ATOM   370  N N   B ILE A 1 50 ? 7.226   -3.065  5.393   0.50 33.75 ? 50  ILE A N   1 
ATOM   371  C CA  A ILE A 1 50 ? 8.140   -2.176  6.003   0.50 33.48 ? 50  ILE A CA  1 
ATOM   372  C CA  B ILE A 1 50 ? 8.297   -2.119  5.719   0.50 34.09 ? 50  ILE A CA  1 
ATOM   373  C C   A ILE A 1 50 ? 8.247   -2.746  7.408   0.50 33.11 ? 50  ILE A C   1 
ATOM   374  C C   B ILE A 1 50 ? 9.230   -2.549  6.853   0.50 34.01 ? 50  ILE A C   1 
ATOM   375  O O   A ILE A 1 50 ? 7.262   -3.200  7.990   0.50 32.24 ? 50  ILE A O   1 
ATOM   376  O O   B ILE A 1 50 ? 10.453  -2.475  6.711   0.50 34.27 ? 50  ILE A O   1 
ATOM   377  C CB  A ILE A 1 50 ? 7.639   -0.716  6.020   0.50 33.36 ? 50  ILE A CB  1 
ATOM   378  C CB  B ILE A 1 50 ? 7.725   -0.701  5.974   0.50 34.09 ? 50  ILE A CB  1 
ATOM   379  C CG1 A ILE A 1 50 ? 7.926   -0.054  4.669   0.50 34.16 ? 50  ILE A CG1 1 
ATOM   380  C CG1 B ILE A 1 50 ? 7.787   0.109   4.675   0.50 35.05 ? 50  ILE A CG1 1 
ATOM   381  C CG2 A ILE A 1 50 ? 8.282   0.098   7.144   0.50 33.73 ? 50  ILE A CG2 1 
ATOM   382  C CG2 B ILE A 1 50 ? 8.469   0.043   7.087   0.50 34.55 ? 50  ILE A CG2 1 
ATOM   383  C CD1 A ILE A 1 50 ? 9.393   0.055   4.301   0.50 34.09 ? 50  ILE A CD1 1 
ATOM   384  C CD1 B ILE A 1 50 ? 9.159   0.658   4.324   0.50 35.08 ? 50  ILE A CD1 1 
ATOM   385  N N   A GLY A 1 51 ? 9.469   -2.786  7.922   0.50 33.30 ? 51  GLY A N   1 
ATOM   386  N N   B GLY A 1 51 ? 8.666   -2.996  7.971   0.50 33.94 ? 51  GLY A N   1 
ATOM   387  C CA  A GLY A 1 51 ? 9.681   -3.264  9.276   0.50 33.33 ? 51  GLY A CA  1 
ATOM   388  C CA  B GLY A 1 51 ? 9.472   -3.259  9.161   0.50 33.75 ? 51  GLY A CA  1 
ATOM   389  C C   A GLY A 1 51 ? 10.055  -4.728  9.387   0.50 33.29 ? 51  GLY A C   1 
ATOM   390  C C   B GLY A 1 51 ? 9.976   -4.677  9.364   0.50 33.54 ? 51  GLY A C   1 
ATOM   391  O O   A GLY A 1 51 ? 10.675  -5.111  10.373  0.50 33.08 ? 51  GLY A O   1 
ATOM   392  O O   B GLY A 1 51 ? 10.611  -4.966  10.373  0.50 33.21 ? 51  GLY A O   1 
ATOM   393  N N   . GLY A 1 52 ? 9.689   -5.557  8.411   1.00 33.18 ? 52  GLY A N   1 
ATOM   394  C CA  . GLY A 1 52 ? 10.104  -6.963  8.458   1.00 33.54 ? 52  GLY A CA  1 
ATOM   395  C C   . GLY A 1 52 ? 8.990   -7.891  8.017   1.00 33.22 ? 52  GLY A C   1 
ATOM   396  O O   . GLY A 1 52 ? 8.033   -7.457  7.368   1.00 32.28 ? 52  GLY A O   1 
ATOM   397  N N   . PHE A 1 53 ? 9.122   -9.162  8.380   1.00 32.93 ? 53  PHE A N   1 
ATOM   398  C CA  . PHE A 1 53 ? 8.133   -10.177 8.034   1.00 33.86 ? 53  PHE A CA  1 
ATOM   399  C C   . PHE A 1 53 ? 7.211   -10.477 9.206   1.00 34.15 ? 53  PHE A C   1 
ATOM   400  O O   . PHE A 1 53 ? 7.617   -10.366 10.367  1.00 34.12 ? 53  PHE A O   1 
ATOM   401  C CB  . PHE A 1 53 ? 8.828   -11.463 7.568   1.00 33.59 ? 53  PHE A CB  1 
ATOM   402  C CG  . PHE A 1 53 ? 9.329   -11.381 6.156   1.00 33.54 ? 53  PHE A CG  1 
ATOM   403  C CD1 . PHE A 1 53 ? 10.466  -10.653 5.857   1.00 34.36 ? 53  PHE A CD1 1 
ATOM   404  C CD2 . PHE A 1 53 ? 8.639   -11.999 5.124   1.00 34.12 ? 53  PHE A CD2 1 
ATOM   405  C CE1 . PHE A 1 53 ? 10.933  -10.561 4.563   1.00 33.24 ? 53  PHE A CE1 1 
ATOM   406  C CE2 . PHE A 1 53 ? 9.098   -11.908 3.820   1.00 34.50 ? 53  PHE A CE2 1 
ATOM   407  C CZ  . PHE A 1 53 ? 10.248  -11.189 3.543   1.00 34.63 ? 53  PHE A CZ  1 
ATOM   408  N N   . ILE A 1 54 ? 5.971   -10.842 8.889   1.00 34.58 ? 54  ILE A N   1 
ATOM   409  C CA  . ILE A 1 54 ? 5.090   -11.488 9.860   1.00 34.65 ? 54  ILE A CA  1 
ATOM   410  C C   . ILE A 1 54 ? 4.585   -12.840 9.349   1.00 34.67 ? 54  ILE A C   1 
ATOM   411  O O   . ILE A 1 54 ? 4.477   -13.072 8.145   1.00 33.73 ? 54  ILE A O   1 
ATOM   412  C CB  . ILE A 1 54 ? 3.862   -10.629 10.256  1.00 34.49 ? 54  ILE A CB  1 
ATOM   413  C CG1 . ILE A 1 54 ? 3.016   -10.268 9.039   1.00 34.92 ? 54  ILE A CG1 1 
ATOM   414  C CG2 . ILE A 1 54 ? 4.296   -9.372  10.999  1.00 35.54 ? 54  ILE A CG2 1 
ATOM   415  C CD1 . ILE A 1 54 ? 1.681   -9.665  9.393   1.00 35.38 ? 54  ILE A CD1 1 
ATOM   416  N N   . LYS A 1 55 ? 4.255   -13.697 10.311  1.00 34.40 ? 55  LYS A N   1 
ATOM   417  C CA  . LYS A 1 55 ? 3.626   -14.989 10.078  1.00 34.81 ? 55  LYS A CA  1 
ATOM   418  C C   . LYS A 1 55 ? 2.125   -14.816 9.884   1.00 33.72 ? 55  LYS A C   1 
ATOM   419  O O   . LYS A 1 55 ? 1.473   -14.186 10.709  1.00 33.41 ? 55  LYS A O   1 
ATOM   420  C CB  . LYS A 1 55 ? 3.826   -15.890 11.296  1.00 35.00 ? 55  LYS A CB  1 
ATOM   421  C CG  . LYS A 1 55 ? 4.709   -17.107 11.080  1.00 38.54 ? 55  LYS A CG  1 
ATOM   422  C CD  . LYS A 1 55 ? 5.317   -17.574 12.392  1.00 37.42 ? 55  LYS A CD  1 
ATOM   423  C CE  . LYS A 1 55 ? 6.547   -16.738 12.722  1.00 40.47 ? 55  LYS A CE  1 
ATOM   424  N NZ  . LYS A 1 55 ? 7.381   -17.328 13.786  1.00 39.68 ? 55  LYS A NZ  1 
ATOM   425  N N   . VAL A 1 56 ? 1.583   -15.427 8.834   1.00 33.86 ? 56  VAL A N   1 
ATOM   426  C CA  . VAL A 1 56 ? 0.145   -15.385 8.556   1.00 33.73 ? 56  VAL A CA  1 
ATOM   427  C C   . VAL A 1 56 ? -0.380  -16.772 8.190   1.00 34.05 ? 56  VAL A C   1 
ATOM   428  O O   . VAL A 1 56 ? 0.393   -17.693 7.907   1.00 33.34 ? 56  VAL A O   1 
ATOM   429  C CB  . VAL A 1 56 ? -0.213  -14.372 7.444   1.00 34.07 ? 56  VAL A CB  1 
ATOM   430  C CG1 . VAL A 1 56 ? 0.188   -12.962 7.850   1.00 33.35 ? 56  VAL A CG1 1 
ATOM   431  C CG2 . VAL A 1 56 ? 0.403   -14.751 6.105   1.00 33.16 ? 56  VAL A CG2 1 
ATOM   432  N N   . ARG A 1 57 ? -1.704  -16.910 8.230   1.00 34.07 ? 57  ARG A N   1 
ATOM   433  C CA  . ARG A 1 57 ? -2.376  -18.147 7.849   1.00 33.75 ? 57  ARG A CA  1 
ATOM   434  C C   . ARG A 1 57 ? -3.030  -17.883 6.502   1.00 33.66 ? 57  ARG A C   1 
ATOM   435  O O   . ARG A 1 57 ? -3.777  -16.919 6.357   1.00 33.47 ? 57  ARG A O   1 
ATOM   436  C CB  . ARG A 1 57 ? -3.423  -18.538 8.894   1.00 34.04 ? 57  ARG A CB  1 
ATOM   437  C CG  . ARG A 1 57 ? -2.869  -18.680 10.304  1.00 33.88 ? 57  ARG A CG  1 
ATOM   438  C CD  . ARG A 1 57 ? -3.828  -19.411 11.236  1.00 34.96 ? 57  ARG A CD  1 
ATOM   439  N NE  . ARG A 1 57 ? -5.130  -18.769 11.386  1.00 34.89 ? 57  ARG A NE  1 
ATOM   440  C CZ  . ARG A 1 57 ? -5.376  -17.713 12.153  1.00 36.37 ? 57  ARG A CZ  1 
ATOM   441  N NH1 . ARG A 1 57 ? -4.396  -17.116 12.821  1.00 37.07 ? 57  ARG A NH1 1 
ATOM   442  N NH2 . ARG A 1 57 ? -6.614  -17.244 12.238  1.00 36.50 ? 57  ARG A NH2 1 
ATOM   443  N N   . GLN A 1 58 ? -2.714  -18.708 5.510   1.00 33.87 ? 58  GLN A N   1 
ATOM   444  C CA  . GLN A 1 58 ? -3.247  -18.542 4.162   1.00 34.32 ? 58  GLN A CA  1 
ATOM   445  C C   . GLN A 1 58 ? -4.496  -19.404 3.970   1.00 34.83 ? 58  GLN A C   1 
ATOM   446  O O   . GLN A 1 58 ? -4.426  -20.633 4.022   1.00 34.92 ? 58  GLN A O   1 
ATOM   447  C CB  . GLN A 1 58 ? -2.187  -18.883 3.113   1.00 33.78 ? 58  GLN A CB  1 
ATOM   448  C CG  . GLN A 1 58 ? -2.726  -18.920 1.689   1.00 34.03 ? 58  GLN A CG  1 
ATOM   449  C CD  . GLN A 1 58 ? -1.685  -19.262 0.658   1.00 33.79 ? 58  GLN A CD  1 
ATOM   450  O OE1 . GLN A 1 58 ? -0.492  -19.062 0.875   1.00 36.10 ? 58  GLN A OE1 1 
ATOM   451  N NE2 . GLN A 1 58 ? -2.129  -19.794 -0.476  1.00 33.36 ? 58  GLN A NE2 1 
ATOM   452  N N   . TYR A 1 59 ? -5.630  -18.732 3.793   1.00 35.44 ? 59  TYR A N   1 
ATOM   453  C CA  . TYR A 1 59 ? -6.917  -19.358 3.485   1.00 35.81 ? 59  TYR A CA  1 
ATOM   454  C C   . TYR A 1 59 ? -7.221  -19.115 2.014   1.00 35.81 ? 59  TYR A C   1 
ATOM   455  O O   . TYR A 1 59 ? -7.083  -17.992 1.536   1.00 35.24 ? 59  TYR A O   1 
ATOM   456  C CB  . TYR A 1 59 ? -8.046  -18.750 4.333   1.00 35.98 ? 59  TYR A CB  1 
ATOM   457  C CG  . TYR A 1 59 ? -7.927  -19.060 5.804   1.00 36.16 ? 59  TYR A CG  1 
ATOM   458  C CD1 . TYR A 1 59 ? -7.100  -18.302 6.623   1.00 35.41 ? 59  TYR A CD1 1 
ATOM   459  C CD2 . TYR A 1 59 ? -8.619  -20.124 6.372   1.00 35.43 ? 59  TYR A CD2 1 
ATOM   460  C CE1 . TYR A 1 59 ? -6.973  -18.580 7.968   1.00 35.25 ? 59  TYR A CE1 1 
ATOM   461  C CE2 . TYR A 1 59 ? -8.500  -20.414 7.718   1.00 35.65 ? 59  TYR A CE2 1 
ATOM   462  C CZ  . TYR A 1 59 ? -7.667  -19.644 8.508   1.00 35.79 ? 59  TYR A CZ  1 
ATOM   463  O OH  . TYR A 1 59 ? -7.538  -19.914 9.850   1.00 36.87 ? 59  TYR A OH  1 
ATOM   464  N N   . ASP A 1 60 ? -7.625  -20.161 1.301   1.00 35.98 ? 60  ASP A N   1 
ATOM   465  C CA  . ASP A 1 60 ? -7.897  -20.053 -0.126  1.00 36.37 ? 60  ASP A CA  1 
ATOM   466  C C   . ASP A 1 60 ? -9.388  -20.067 -0.457  1.00 36.75 ? 60  ASP A C   1 
ATOM   467  O O   . ASP A 1 60 ? -10.200 -20.663 0.258   1.00 36.00 ? 60  ASP A O   1 
ATOM   468  C CB  . ASP A 1 60 ? -7.181  -21.179 -0.878  1.00 36.61 ? 60  ASP A CB  1 
ATOM   469  C CG  . ASP A 1 60 ? -5.667  -21.034 -0.847  1.00 36.74 ? 60  ASP A CG  1 
ATOM   470  O OD1 . ASP A 1 60 ? -5.158  -19.896 -0.849  1.00 38.19 ? 60  ASP A OD1 1 
ATOM   471  O OD2 . ASP A 1 60 ? -4.971  -22.067 -0.836  1.00 37.14 ? 60  ASP A OD2 1 
ATOM   472  N N   . GLN A 1 61 ? -9.721  -19.413 -1.566  1.00 36.93 ? 61  GLN A N   1 
ATOM   473  C CA  . GLN A 1 61 ? -11.076 -19.383 -2.107  1.00 37.68 ? 61  GLN A CA  1 
ATOM   474  C C   . GLN A 1 61 ? -12.111 -18.959 -1.064  1.00 37.94 ? 61  GLN A C   1 
ATOM   475  O O   . GLN A 1 61 ? -13.120 -19.623 -0.855  1.00 38.15 ? 61  GLN A O   1 
ATOM   476  C CB  . GLN A 1 61 ? -11.428 -20.729 -2.753  1.00 38.11 ? 61  GLN A CB  1 
ATOM   477  C CG  . GLN A 1 61 ? -10.619 -21.036 -4.011  1.00 39.31 ? 61  GLN A CG  1 
ATOM   478  C CD  . GLN A 1 61 ? -10.742 -19.954 -5.076  1.00 41.26 ? 61  GLN A CD  1 
ATOM   479  O OE1 . GLN A 1 61 ? -9.754  -19.314 -5.447  1.00 43.34 ? 61  GLN A OE1 1 
ATOM   480  N NE2 . GLN A 1 61 ? -11.960 -19.729 -5.558  1.00 41.02 ? 61  GLN A NE2 1 
ATOM   481  N N   . ILE A 1 62 ? -11.849 -17.830 -0.418  1.00 38.39 ? 62  ILE A N   1 
ATOM   482  C CA  . ILE A 1 62 ? -12.747 -17.281 0.586   1.00 38.56 ? 62  ILE A CA  1 
ATOM   483  C C   . ILE A 1 62 ? -13.546 -16.180 -0.096  1.00 38.79 ? 62  ILE A C   1 
ATOM   484  O O   . ILE A 1 62 ? -12.943 -15.265 -0.666  1.00 38.41 ? 62  ILE A O   1 
ATOM   485  C CB  . ILE A 1 62 ? -11.966 -16.687 1.779   1.00 38.75 ? 62  ILE A CB  1 
ATOM   486  C CG1 . ILE A 1 62 ? -11.083 -17.754 2.430   1.00 38.73 ? 62  ILE A CG1 1 
ATOM   487  C CG2 . ILE A 1 62 ? -12.931 -16.073 2.793   1.00 38.82 ? 62  ILE A CG2 1 
ATOM   488  C CD1 . ILE A 1 62 ? -11.831 -18.936 3.022   1.00 39.58 ? 62  ILE A CD1 1 
ATOM   489  N N   . PRO A 1 63 ? -14.889 -16.280 -0.081  1.00 38.90 ? 63  PRO A N   1 
ATOM   490  C CA  . PRO A 1 63 ? -15.707 -15.181 -0.592  1.00 39.63 ? 63  PRO A CA  1 
ATOM   491  C C   . PRO A 1 63 ? -15.564 -13.932 0.269   1.00 40.30 ? 63  PRO A C   1 
ATOM   492  O O   . PRO A 1 63 ? -15.568 -14.019 1.492   1.00 39.83 ? 63  PRO A O   1 
ATOM   493  C CB  . PRO A 1 63 ? -17.142 -15.715 -0.502  1.00 39.27 ? 63  PRO A CB  1 
ATOM   494  C CG  . PRO A 1 63 ? -17.019 -17.177 -0.331  1.00 38.94 ? 63  PRO A CG  1 
ATOM   495  C CD  . PRO A 1 63 ? -15.717 -17.410 0.374   1.00 38.73 ? 63  PRO A CD  1 
ATOM   496  N N   . ILE A 1 64 ? -15.421 -12.778 -0.372  1.00 41.49 ? 64  ILE A N   1 
ATOM   497  C CA  . ILE A 1 64 ? -15.354 -11.515 0.349   1.00 42.15 ? 64  ILE A CA  1 
ATOM   498  C C   . ILE A 1 64 ? -15.937 -10.417 -0.533  1.00 42.73 ? 64  ILE A C   1 
ATOM   499  O O   . ILE A 1 64 ? -15.532 -10.249 -1.687  1.00 44.13 ? 64  ILE A O   1 
ATOM   500  C CB  . ILE A 1 64 ? -13.915 -11.184 0.803   1.00 42.55 ? 64  ILE A CB  1 
ATOM   501  C CG1 . ILE A 1 64 ? -13.767 -9.701  1.162   1.00 42.70 ? 64  ILE A CG1 1 
ATOM   502  C CG2 . ILE A 1 64 ? -12.908 -11.582 -0.270  1.00 43.95 ? 64  ILE A CG2 1 
ATOM   503  C CD1 . ILE A 1 64 ? -12.467 -9.372  1.855   1.00 43.19 ? 64  ILE A CD1 1 
ATOM   504  N N   . GLU A 1 65 ? -16.891 -9.674  0.015   1.00 42.21 ? 65  GLU A N   1 
ATOM   505  C CA  . GLU A 1 65 ? -17.483 -8.569  -0.720  1.00 41.99 ? 65  GLU A CA  1 
ATOM   506  C C   . GLU A 1 65 ? -16.786 -7.282  -0.294  1.00 41.27 ? 65  GLU A C   1 
ATOM   507  O O   . GLU A 1 65 ? -16.609 -7.045  0.896   1.00 41.14 ? 65  GLU A O   1 
ATOM   508  C CB  . GLU A 1 65 ? -18.984 -8.508  -0.445  1.00 42.25 ? 65  GLU A CB  1 
ATOM   509  C CG  . GLU A 1 65 ? -19.802 -7.893  -1.559  1.00 42.80 ? 65  GLU A CG  1 
ATOM   510  C CD  . GLU A 1 65 ? -21.287 -8.034  -1.287  1.00 43.31 ? 65  GLU A CD  1 
ATOM   511  O OE1 . GLU A 1 65 ? -21.790 -7.296  -0.414  1.00 45.57 ? 65  GLU A OE1 1 
ATOM   512  O OE2 . GLU A 1 65 ? -21.943 -8.886  -1.929  1.00 46.18 ? 65  GLU A OE2 1 
ATOM   513  N N   . ILE A 1 66 ? -16.371 -6.478  -1.271  1.00 40.73 ? 66  ILE A N   1 
ATOM   514  C CA  . ILE A 1 66 ? -15.631 -5.238  -1.032  1.00 40.20 ? 66  ILE A CA  1 
ATOM   515  C C   . ILE A 1 66 ? -16.482 -4.095  -1.581  1.00 39.78 ? 66  ILE A C   1 
ATOM   516  O O   . ILE A 1 66 ? -16.721 -4.020  -2.784  1.00 39.38 ? 66  ILE A O   1 
ATOM   517  C CB  . ILE A 1 66 ? -14.252 -5.263  -1.728  1.00 40.08 ? 66  ILE A CB  1 
ATOM   518  C CG1 . ILE A 1 66 ? -13.396 -6.409  -1.171  1.00 40.26 ? 66  ILE A CG1 1 
ATOM   519  C CG2 . ILE A 1 66 ? -13.492 -3.944  -1.535  1.00 40.58 ? 66  ILE A CG2 1 
ATOM   520  C CD1 . ILE A 1 66 ? -12.426 -6.993  -2.164  1.00 40.26 ? 66  ILE A CD1 1 
ATOM   521  N N   . CYS A 1 67 ? -16.971 -3.235  -0.692  1.00 39.24 ? 67  CYS A N   1 
ATOM   522  C CA  . CYS A 1 67 ? -17.775 -2.084  -1.098  1.00 39.16 ? 67  CYS A CA  1 
ATOM   523  C C   . CYS A 1 67 ? -18.895 -2.493  -2.065  1.00 38.75 ? 67  CYS A C   1 
ATOM   524  O O   . CYS A 1 67 ? -19.147 -1.821  -3.069  1.00 38.47 ? 67  CYS A O   1 
ATOM   525  C CB  . CYS A 1 67 ? -16.852 -1.028  -1.718  1.00 38.88 ? 67  CYS A CB  1 
ATOM   526  S SG  . CYS A 1 67 ? -17.548 0.621   -1.825  1.00 40.28 ? 67  CYS A SG  1 
ATOM   527  N N   . GLY A 1 68 ? -19.558 -3.607  -1.755  1.00 38.49 ? 68  GLY A N   1 
ATOM   528  C CA  . GLY A 1 68 ? -20.656 -4.130  -2.566  1.00 38.37 ? 68  GLY A CA  1 
ATOM   529  C C   . GLY A 1 68 ? -20.303 -4.973  -3.781  1.00 38.10 ? 68  GLY A C   1 
ATOM   530  O O   . GLY A 1 68 ? -21.197 -5.468  -4.467  1.00 37.88 ? 68  GLY A O   1 
ATOM   531  N N   . HIS A 1 69 ? -19.014 -5.151  -4.053  1.00 37.65 ? 69  HIS A N   1 
ATOM   532  C CA  . HIS A 1 69 ? -18.553 -5.905  -5.216  1.00 37.75 ? 69  HIS A CA  1 
ATOM   533  C C   . HIS A 1 69 ? -18.058 -7.274  -4.742  1.00 37.77 ? 69  HIS A C   1 
ATOM   534  O O   . HIS A 1 69 ? -17.203 -7.340  -3.857  1.00 37.42 ? 69  HIS A O   1 
ATOM   535  C CB  . HIS A 1 69 ? -17.408 -5.145  -5.902  1.00 37.96 ? 69  HIS A CB  1 
ATOM   536  C CG  . HIS A 1 69 ? -17.849 -3.982  -6.740  1.00 37.83 ? 69  HIS A CG  1 
ATOM   537  N ND1 . HIS A 1 69 ? -18.325 -2.802  -6.208  1.00 39.08 ? 69  HIS A ND1 1 
ATOM   538  C CD2 . HIS A 1 69 ? -17.833 -3.805  -8.082  1.00 38.81 ? 69  HIS A CD2 1 
ATOM   539  C CE1 . HIS A 1 69 ? -18.617 -1.966  -7.188  1.00 39.42 ? 69  HIS A CE1 1 
ATOM   540  N NE2 . HIS A 1 69 ? -18.327 -2.550  -8.336  1.00 40.16 ? 69  HIS A NE2 1 
ATOM   541  N N   . LYS A 1 70 ? -18.578 -8.356  -5.323  1.00 37.31 ? 70  LYS A N   1 
ATOM   542  C CA  . LYS A 1 70 ? -18.217 -9.709  -4.902  1.00 37.25 ? 70  LYS A CA  1 
ATOM   543  C C   . LYS A 1 70 ? -16.844 -10.124 -5.412  1.00 36.94 ? 70  LYS A C   1 
ATOM   544  O O   . LYS A 1 70 ? -16.451 -9.821  -6.541  1.00 37.01 ? 70  LYS A O   1 
ATOM   545  C CB  . LYS A 1 70 ? -19.252 -10.743 -5.355  1.00 37.07 ? 70  LYS A CB  1 
ATOM   546  C CG  . LYS A 1 70 ? -20.657 -10.490 -4.833  1.00 37.30 ? 70  LYS A CG  1 
ATOM   547  C CD  . LYS A 1 70 ? -21.595 -11.598 -5.294  1.00 37.86 ? 70  LYS A CD  1 
ATOM   548  C CE  . LYS A 1 70 ? -22.950 -11.527 -4.612  1.00 37.78 ? 70  LYS A CE  1 
ATOM   549  N NZ  . LYS A 1 70 ? -23.787 -10.449 -5.195  1.00 39.47 ? 70  LYS A NZ  1 
ATOM   550  N N   . ALA A 1 71 ? -16.115 -10.813 -4.547  1.00 36.96 ? 71  ALA A N   1 
ATOM   551  C CA  . ALA A 1 71 ? -14.793 -11.323 -4.868  1.00 36.75 ? 71  ALA A CA  1 
ATOM   552  C C   . ALA A 1 71 ? -14.633 -12.661 -4.161  1.00 36.60 ? 71  ALA A C   1 
ATOM   553  O O   . ALA A 1 71 ? -15.411 -13.017 -3.272  1.00 36.04 ? 71  ALA A O   1 
ATOM   554  C CB  . ALA A 1 71 ? -13.721 -10.346 -4.409  1.00 37.21 ? 71  ALA A CB  1 
ATOM   555  N N   . ILE A 1 72 ? -13.631 -13.413 -4.593  1.00 36.17 ? 72  ILE A N   1 
ATOM   556  C CA  . ILE A 1 72 ? -13.323 -14.688 -3.974  1.00 35.86 ? 72  ILE A CA  1 
ATOM   557  C C   . ILE A 1 72 ? -11.869 -14.980 -4.299  1.00 35.31 ? 72  ILE A C   1 
ATOM   558  O O   . ILE A 1 72 ? -11.440 -14.875 -5.447  1.00 35.09 ? 72  ILE A O   1 
ATOM   559  C CB  . ILE A 1 72 ? -14.282 -15.821 -4.427  1.00 36.01 ? 72  ILE A CB  1 
ATOM   560  C CG1 . ILE A 1 72 ? -13.849 -17.168 -3.845  1.00 35.61 ? 72  ILE A CG1 1 
ATOM   561  C CG2 . ILE A 1 72 ? -14.357 -15.910 -5.949  1.00 37.22 ? 72  ILE A CG2 1 
ATOM   562  C CD1 . ILE A 1 72 ? -14.875 -18.278 -3.974  1.00 35.11 ? 72  ILE A CD1 1 
ATOM   563  N N   . GLY A 1 73 ? -11.099 -15.317 -3.276  1.00 35.16 ? 73  GLY A N   1 
ATOM   564  C CA  . GLY A 1 73 ? -9.696  -15.613 -3.494  1.00 35.38 ? 73  GLY A CA  1 
ATOM   565  C C   . GLY A 1 73 ? -8.969  -15.841 -2.190  1.00 35.23 ? 73  GLY A C   1 
ATOM   566  O O   . GLY A 1 73 ? -9.573  -16.181 -1.175  1.00 34.83 ? 73  GLY A O   1 
ATOM   567  N N   . THR A 1 74 ? -7.660  -15.633 -2.229  1.00 35.14 ? 74  THR A N   1 
ATOM   568  C CA  . THR A 1 74 ? -6.818  -15.966 -1.093  1.00 35.39 ? 74  THR A CA  1 
ATOM   569  C C   . THR A 1 74 ? -6.803  -14.822 -0.093  1.00 35.46 ? 74  THR A C   1 
ATOM   570  O O   . THR A 1 74 ? -6.615  -13.668 -0.465  1.00 34.70 ? 74  THR A O   1 
ATOM   571  C CB  . THR A 1 74 ? -5.400  -16.308 -1.551  1.00 35.34 ? 74  THR A CB  1 
ATOM   572  O OG1 . THR A 1 74 ? -5.464  -17.496 -2.346  1.00 34.73 ? 74  THR A OG1 1 
ATOM   573  C CG2 . THR A 1 74 ? -4.482  -16.544 -0.361  1.00 35.48 ? 74  THR A CG2 1 
ATOM   574  N N   . VAL A 1 75 ? -6.988  -15.171 1.178   1.00 35.82 ? 75  VAL A N   1 
ATOM   575  C CA  . VAL A 1 75 ? -6.990  -14.204 2.264   1.00 35.83 ? 75  VAL A CA  1 
ATOM   576  C C   . VAL A 1 75 ? -5.990  -14.697 3.308   1.00 35.73 ? 75  VAL A C   1 
ATOM   577  O O   . VAL A 1 75 ? -6.018  -15.868 3.691   1.00 36.56 ? 75  VAL A O   1 
ATOM   578  C CB  . VAL A 1 75 ? -8.416  -14.050 2.833   1.00 36.53 ? 75  VAL A CB  1 
ATOM   579  C CG1 . VAL A 1 75 ? -8.414  -13.283 4.134   1.00 37.70 ? 75  VAL A CG1 1 
ATOM   580  C CG2 . VAL A 1 75 ? -9.316  -13.359 1.817   1.00 36.35 ? 75  VAL A CG2 1 
ATOM   581  N N   . LEU A 1 76 ? -5.083  -13.811 3.712   1.00 34.93 ? 76  LEU A N   1 
ATOM   582  C CA  . LEU A 1 76 ? -4.073  -14.080 4.727   1.00 35.08 ? 76  LEU A CA  1 
ATOM   583  C C   . LEU A 1 76 ? -4.510  -13.466 6.055   1.00 34.82 ? 76  LEU A C   1 
ATOM   584  O O   . LEU A 1 76 ? -4.963  -12.320 6.095   1.00 34.76 ? 76  LEU A O   1 
ATOM   585  C CB  . LEU A 1 76 ? -2.728  -13.483 4.308   1.00 34.54 ? 76  LEU A CB  1 
ATOM   586  C CG  . LEU A 1 76 ? -2.270  -13.780 2.876   1.00 34.89 ? 76  LEU A CG  1 
ATOM   587  C CD1 . LEU A 1 76 ? -0.924  -13.111 2.603   1.00 34.40 ? 76  LEU A CD1 1 
ATOM   588  C CD2 . LEU A 1 76 ? -2.185  -15.286 2.622   1.00 33.62 ? 76  LEU A CD2 1 
ATOM   589  N N   . VAL A 1 77 ? -4.383  -14.236 7.130   1.00 34.75 ? 77  VAL A N   1 
ATOM   590  C CA  . VAL A 1 77 ? -4.849  -13.808 8.444   1.00 34.89 ? 77  VAL A CA  1 
ATOM   591  C C   . VAL A 1 77 ? -3.676  -13.761 9.406   1.00 35.12 ? 77  VAL A C   1 
ATOM   592  O O   . VAL A 1 77 ? -2.917  -14.718 9.534   1.00 35.21 ? 77  VAL A O   1 
ATOM   593  C CB  . VAL A 1 77 ? -5.924  -14.744 9.018   1.00 34.91 ? 77  VAL A CB  1 
ATOM   594  C CG1 . VAL A 1 77 ? -6.308  -14.314 10.442  1.00 35.16 ? 77  VAL A CG1 1 
ATOM   595  C CG2 . VAL A 1 77 ? -7.149  -14.782 8.111   1.00 34.77 ? 77  VAL A CG2 1 
ATOM   596  N N   . GLY A 1 78 ? -3.534  -12.643 10.102  1.00 34.74 ? 78  GLY A N   1 
ATOM   597  C CA  . GLY A 1 78 ? -2.409  -12.508 11.005  1.00 35.07 ? 78  GLY A CA  1 
ATOM   598  C C   . GLY A 1 78 ? -2.449  -11.192 11.746  1.00 35.18 ? 78  GLY A C   1 
ATOM   599  O O   . GLY A 1 78 ? -3.419  -10.436 11.625  1.00 35.06 ? 78  GLY A O   1 
ATOM   600  N N   . PRO A 1 79 ? -1.399  -10.933 12.537  1.00 35.31 ? 79  PRO A N   1 
ATOM   601  C CA  . PRO A 1 79 ? -1.344  -9.769  13.407  1.00 35.60 ? 79  PRO A CA  1 
ATOM   602  C C   . PRO A 1 79 ? -1.016  -8.475  12.668  1.00 35.94 ? 79  PRO A C   1 
ATOM   603  O O   . PRO A 1 79 ? 0.073   -7.921  12.821  1.00 36.03 ? 79  PRO A O   1 
ATOM   604  C CB  . PRO A 1 79 ? -0.246  -10.140 14.404  1.00 35.30 ? 79  PRO A CB  1 
ATOM   605  C CG  . PRO A 1 79 ? 0.675   -11.010 13.628  1.00 35.25 ? 79  PRO A CG  1 
ATOM   606  C CD  . PRO A 1 79 ? -0.207  -11.788 12.683  1.00 35.81 ? 79  PRO A CD  1 
ATOM   607  N N   . THR A 1 80 ? -1.976  -8.001  11.881  1.00 36.51 ? 80  THR A N   1 
ATOM   608  C CA  . THR A 1 80 ? -1.891  -6.697  11.236  1.00 36.12 ? 80  THR A CA  1 
ATOM   609  C C   . THR A 1 80 ? -2.779  -5.724  12.013  1.00 36.34 ? 80  THR A C   1 
ATOM   610  O O   . THR A 1 80 ? -3.839  -6.116  12.492  1.00 36.40 ? 80  THR A O   1 
ATOM   611  C CB  . THR A 1 80 ? -2.325  -6.759  9.755   1.00 36.64 ? 80  THR A CB  1 
ATOM   612  O OG1 . THR A 1 80 ? -2.368  -5.438  9.200   1.00 34.82 ? 80  THR A OG1 1 
ATOM   613  C CG2 . THR A 1 80 ? -3.698  -7.423  9.580   1.00 37.23 ? 80  THR A CG2 1 
ATOM   614  N N   . PRO A 1 81 ? -2.367  -4.452  12.130  1.00 36.24 ? 81  PRO A N   1 
ATOM   615  C CA  . PRO A 1 81 ? -3.221  -3.460  12.784  1.00 36.18 ? 81  PRO A CA  1 
ATOM   616  C C   . PRO A 1 81 ? -4.400  -2.994  11.931  1.00 36.45 ? 81  PRO A C   1 
ATOM   617  O O   . PRO A 1 81 ? -5.299  -2.322  12.447  1.00 35.96 ? 81  PRO A O   1 
ATOM   618  C CB  . PRO A 1 81 ? -2.271  -2.284  13.019  1.00 36.29 ? 81  PRO A CB  1 
ATOM   619  C CG  . PRO A 1 81 ? -1.284  -2.382  11.924  1.00 36.30 ? 81  PRO A CG  1 
ATOM   620  C CD  . PRO A 1 81 ? -1.101  -3.856  11.664  1.00 36.43 ? 81  PRO A CD  1 
ATOM   621  N N   . VAL A 1 82 ? -4.366  -3.312  10.637  1.00 35.75 ? 82  VAL A N   1 
ATOM   622  C CA  . VAL A 1 82 ? -5.362  -2.844  9.686   1.00 35.58 ? 82  VAL A CA  1 
ATOM   623  C C   . VAL A 1 82 ? -5.668  -3.986  8.717   1.00 35.19 ? 82  VAL A C   1 
ATOM   624  O O   . VAL A 1 82 ? -4.764  -4.718  8.313   1.00 35.70 ? 82  VAL A O   1 
ATOM   625  C CB  . VAL A 1 82 ? -4.836  -1.624  8.894   1.00 35.68 ? 82  VAL A CB  1 
ATOM   626  C CG1 . VAL A 1 82 ? -5.879  -1.109  7.919   1.00 36.45 ? 82  VAL A CG1 1 
ATOM   627  C CG2 . VAL A 1 82 ? -4.401  -0.510  9.840   1.00 37.14 ? 82  VAL A CG2 1 
ATOM   628  N N   . ASN A 1 83 ? -6.938  -4.143  8.358   1.00 34.39 ? 83  ASN A N   1 
ATOM   629  C CA  . ASN A 1 83 ? -7.324  -5.075  7.302   1.00 34.25 ? 83  ASN A CA  1 
ATOM   630  C C   . ASN A 1 83 ? -6.917  -4.454  5.960   1.00 34.03 ? 83  ASN A C   1 
ATOM   631  O O   . ASN A 1 83 ? -7.259  -3.302  5.689   1.00 33.57 ? 83  ASN A O   1 
ATOM   632  C CB  . ASN A 1 83 ? -8.833  -5.330  7.302   1.00 34.08 ? 83  ASN A CB  1 
ATOM   633  C CG  . ASN A 1 83 ? -9.331  -6.028  8.555   1.00 34.22 ? 83  ASN A CG  1 
ATOM   634  O OD1 . ASN A 1 83 ? -8.908  -7.137  8.874   1.00 35.47 ? 83  ASN A OD1 1 
ATOM   635  N ND2 . ASN A 1 83 ? -10.269 -5.395  9.251   1.00 31.97 ? 83  ASN A ND2 1 
ATOM   636  N N   . ILE A 1 84 ? -6.219  -5.233  5.136   1.00 33.31 ? 84  ILE A N   1 
ATOM   637  C CA  . ILE A 1 84 ? -5.597  -4.777  3.900   1.00 33.60 ? 84  ILE A CA  1 
ATOM   638  C C   . ILE A 1 84 ? -6.182  -5.516  2.702   1.00 32.74 ? 84  ILE A C   1 
ATOM   639  O O   . ILE A 1 84 ? -6.056  -6.737  2.613   1.00 32.36 ? 84  ILE A O   1 
ATOM   640  C CB  . ILE A 1 84 ? -4.087  -5.085  3.886   1.00 33.35 ? 84  ILE A CB  1 
ATOM   641  C CG1 . ILE A 1 84 ? -3.361  -4.408  5.052   1.00 36.05 ? 84  ILE A CG1 1 
ATOM   642  C CG2 . ILE A 1 84 ? -3.460  -4.655  2.576   1.00 34.57 ? 84  ILE A CG2 1 
ATOM   643  C CD1 . ILE A 1 84 ? -3.331  -2.902  4.995   1.00 37.51 ? 84  ILE A CD1 1 
ATOM   644  N N   . ILE A 1 85 ? -6.788  -4.781  1.775   1.00 31.90 ? 85  ILE A N   1 
ATOM   645  C CA  . ILE A 1 85 ? -7.253  -5.379  0.527   1.00 31.78 ? 85  ILE A CA  1 
ATOM   646  C C   . ILE A 1 85 ? -6.189  -5.139  -0.528  1.00 31.34 ? 85  ILE A C   1 
ATOM   647  O O   . ILE A 1 85 ? -5.957  -4.010  -0.944  1.00 30.73 ? 85  ILE A O   1 
ATOM   648  C CB  . ILE A 1 85 ? -8.600  -4.807  0.057   1.00 31.49 ? 85  ILE A CB  1 
ATOM   649  C CG1 . ILE A 1 85 ? -9.653  -4.941  1.161   1.00 31.81 ? 85  ILE A CG1 1 
ATOM   650  C CG2 . ILE A 1 85 ? -9.063  -5.501  -1.223  1.00 31.84 ? 85  ILE A CG2 1 
ATOM   651  C CD1 . ILE A 1 85 ? -9.803  -6.323  1.743   1.00 31.88 ? 85  ILE A CD1 1 
ATOM   652  N N   . GLY A 1 86 ? -5.556  -6.225  -0.958  1.00 31.35 ? 86  GLY A N   1 
ATOM   653  C CA  . GLY A 1 86 ? -4.410  -6.146  -1.847  1.00 31.59 ? 86  GLY A CA  1 
ATOM   654  C C   . GLY A 1 86 ? -4.815  -6.416  -3.277  1.00 31.46 ? 86  GLY A C   1 
ATOM   655  O O   . GLY A 1 86 ? -5.990  -6.633  -3.567  1.00 31.53 ? 86  GLY A O   1 
ATOM   656  N N   . ARG A 1 87 ? -3.828  -6.411  -4.164  1.00 31.87 ? 87  ARG A N   1 
ATOM   657  C CA  . ARG A 1 87 ? -4.097  -6.457  -5.596  1.00 31.89 ? 87  ARG A CA  1 
ATOM   658  C C   . ARG A 1 87 ? -4.839  -7.704  -6.057  1.00 31.95 ? 87  ARG A C   1 
ATOM   659  O O   . ARG A 1 87 ? -5.624  -7.634  -7.002  1.00 31.58 ? 87  ARG A O   1 
ATOM   660  C CB  . ARG A 1 87 ? -2.813  -6.256  -6.401  1.00 31.71 ? 87  ARG A CB  1 
ATOM   661  C CG  . ARG A 1 87 ? -2.256  -4.846  -6.320  1.00 32.10 ? 87  ARG A CG  1 
ATOM   662  C CD  . ARG A 1 87 ? -1.064  -4.652  -7.252  1.00 32.26 ? 87  ARG A CD  1 
ATOM   663  N NE  . ARG A 1 87 ? 0.035   -5.573  -6.966  1.00 32.64 ? 87  ARG A NE  1 
ATOM   664  C CZ  . ARG A 1 87 ? 0.286   -6.707  -7.615  1.00 32.68 ? 87  ARG A CZ  1 
ATOM   665  N NH1 . ARG A 1 87 ? -0.477  -7.122  -8.614  1.00 30.95 ? 87  ARG A NH1 1 
ATOM   666  N NH2 . ARG A 1 87 ? 1.325   -7.446  -7.247  1.00 34.41 ? 87  ARG A NH2 1 
ATOM   667  N N   . ASN A 1 88 ? -4.621  -8.833  -5.386  1.00 32.54 ? 88  ASN A N   1 
ATOM   668  C CA  . ASN A 1 88 ? -5.305  -10.076 -5.755  1.00 32.13 ? 88  ASN A CA  1 
ATOM   669  C C   . ASN A 1 88 ? -6.826  -9.929  -5.793  1.00 32.32 ? 88  ASN A C   1 
ATOM   670  O O   . ASN A 1 88 ? -7.492  -10.521 -6.645  1.00 32.96 ? 88  ASN A O   1 
ATOM   671  C CB  . ASN A 1 88 ? -4.868  -11.236 -4.841  1.00 31.80 ? 88  ASN A CB  1 
ATOM   672  C CG  . ASN A 1 88 ? -5.424  -11.131 -3.437  1.00 30.92 ? 88  ASN A CG  1 
ATOM   673  O OD1 . ASN A 1 88 ? -5.250  -10.114 -2.770  1.00 29.51 ? 88  ASN A OD1 1 
ATOM   674  N ND2 . ASN A 1 88 ? -6.068  -12.198 -2.967  1.00 29.70 ? 88  ASN A ND2 1 
ATOM   675  N N   . LEU A 1 89 ? -7.375  -9.113  -4.895  1.00 32.70 ? 89  LEU A N   1 
ATOM   676  C CA  . LEU A 1 89 ? -8.812  -8.853  -4.844  1.00 32.25 ? 89  LEU A CA  1 
ATOM   677  C C   . LEU A 1 89 ? -9.219  -7.551  -5.534  1.00 32.22 ? 89  LEU A C   1 
ATOM   678  O O   . LEU A 1 89 ? -10.319 -7.465  -6.079  1.00 30.58 ? 89  LEU A O   1 
ATOM   679  C CB  . LEU A 1 89 ? -9.308  -8.859  -3.393  1.00 32.35 ? 89  LEU A CB  1 
ATOM   680  C CG  . LEU A 1 89 ? -9.107  -10.182 -2.656  1.00 31.82 ? 89  LEU A CG  1 
ATOM   681  C CD1 . LEU A 1 89 ? -9.795  -10.131 -1.303  1.00 33.32 ? 89  LEU A CD1 1 
ATOM   682  C CD2 . LEU A 1 89 ? -9.610  -11.378 -3.464  1.00 31.59 ? 89  LEU A CD2 1 
ATOM   683  N N   . LEU A 1 90 ? -8.346  -6.548  -5.504  1.00 32.00 ? 90  LEU A N   1 
ATOM   684  C CA  . LEU A 1 90 ? -8.621  -5.286  -6.196  1.00 32.55 ? 90  LEU A CA  1 
ATOM   685  C C   . LEU A 1 90 ? -8.847  -5.469  -7.701  1.00 32.33 ? 90  LEU A C   1 
ATOM   686  O O   . LEU A 1 90 ? -9.696  -4.798  -8.284  1.00 32.79 ? 90  LEU A O   1 
ATOM   687  C CB  . LEU A 1 90 ? -7.499  -4.271  -5.963  1.00 31.76 ? 90  LEU A CB  1 
ATOM   688  C CG  . LEU A 1 90 ? -7.278  -3.764  -4.537  1.00 30.83 ? 90  LEU A CG  1 
ATOM   689  C CD1 . LEU A 1 90 ? -5.989  -2.957  -4.438  1.00 31.66 ? 90  LEU A CD1 1 
ATOM   690  C CD2 . LEU A 1 90 ? -8.460  -2.949  -4.059  1.00 30.55 ? 90  LEU A CD2 1 
ATOM   691  N N   . THR A 1 91 ? -8.109  -6.378  -8.330  1.00 33.31 ? 91  THR A N   1 
ATOM   692  C CA  . THR A 1 91 ? -8.308  -6.669  -9.758  1.00 33.90 ? 91  THR A CA  1 
ATOM   693  C C   . THR A 1 91 ? -9.690  -7.273  -10.000 1.00 34.77 ? 91  THR A C   1 
ATOM   694  O O   . THR A 1 91 ? -10.336 -6.984  -11.014 1.00 34.50 ? 91  THR A O   1 
ATOM   695  C CB  . THR A 1 91 ? -7.245  -7.648  -10.316 1.00 33.81 ? 91  THR A CB  1 
ATOM   696  O OG1 . THR A 1 91 ? -7.211  -8.832  -9.515  1.00 33.20 ? 91  THR A OG1 1 
ATOM   697  C CG2 . THR A 1 91 ? -5.853  -7.028  -10.322 1.00 33.49 ? 91  THR A CG2 1 
ATOM   698  N N   . GLN A 1 92 ? -10.140 -8.109  -9.067  1.00 35.18 ? 92  GLN A N   1 
ATOM   699  C CA  . GLN A 1 92 ? -11.422 -8.811  -9.204  1.00 35.53 ? 92  GLN A CA  1 
ATOM   700  C C   . GLN A 1 92 ? -12.618 -7.859  -9.194  1.00 35.87 ? 92  GLN A C   1 
ATOM   701  O O   . GLN A 1 92 ? -13.664 -8.164  -9.770  1.00 36.11 ? 92  GLN A O   1 
ATOM   702  C CB  . GLN A 1 92 ? -11.596 -9.858  -8.098  1.00 35.51 ? 92  GLN A CB  1 
ATOM   703  C CG  . GLN A 1 92 ? -10.713 -11.094 -8.250  1.00 35.40 ? 92  GLN A CG  1 
ATOM   704  C CD  . GLN A 1 92 ? -11.047 -12.211 -7.272  1.00 36.05 ? 92  GLN A CD  1 
ATOM   705  O OE1 . GLN A 1 92 ? -12.149 -12.285 -6.726  1.00 36.80 ? 92  GLN A OE1 1 
ATOM   706  N NE2 . GLN A 1 92 ? -10.089 -13.104 -7.054  1.00 38.73 ? 92  GLN A NE2 1 
ATOM   707  N N   . ILE A 1 93 ? -12.463 -6.709  -8.542  1.00 36.33 ? 93  ILE A N   1 
ATOM   708  C CA  . ILE A 1 93 ? -13.520 -5.702  -8.502  1.00 36.14 ? 93  ILE A CA  1 
ATOM   709  C C   . ILE A 1 93 ? -13.296 -4.588  -9.531  1.00 36.15 ? 93  ILE A C   1 
ATOM   710  O O   . ILE A 1 93 ? -14.008 -3.591  -9.537  1.00 35.92 ? 93  ILE A O   1 
ATOM   711  C CB  . ILE A 1 93 ? -13.734 -5.148  -7.071  1.00 36.40 ? 93  ILE A CB  1 
ATOM   712  C CG1 . ILE A 1 93 ? -12.503 -4.392  -6.557  1.00 36.65 ? 93  ILE A CG1 1 
ATOM   713  C CG2 . ILE A 1 93 ? -14.087 -6.290  -6.113  1.00 36.24 ? 93  ILE A CG2 1 
ATOM   714  C CD1 . ILE A 1 93 ? -12.758 -3.635  -5.275  1.00 35.93 ? 93  ILE A CD1 1 
ATOM   715  N N   . GLY A 1 94 ? -12.330 -4.777  -10.425 1.00 36.34 ? 94  GLY A N   1 
ATOM   716  C CA  . GLY A 1 94 ? -12.086 -3.839  -11.512 1.00 36.25 ? 94  GLY A CA  1 
ATOM   717  C C   . GLY A 1 94 ? -11.578 -2.489  -11.049 1.00 36.25 ? 94  GLY A C   1 
ATOM   718  O O   . GLY A 1 94 ? -11.868 -1.466  -11.667 1.00 35.66 ? 94  GLY A O   1 
ATOM   719  N N   . CYS A 1 95 ? -10.804 -2.492  -9.968  1.00 36.56 ? 95  CYS A N   1 
ATOM   720  C CA  . CYS A 1 95 ? -10.272 -1.266  -9.390  1.00 36.17 ? 95  CYS A CA  1 
ATOM   721  C C   . CYS A 1 95 ? -9.035  -0.787  -10.153 1.00 36.21 ? 95  CYS A C   1 
ATOM   722  O O   . CYS A 1 95 ? -8.161  -1.587  -10.502 1.00 36.60 ? 95  CYS A O   1 
ATOM   723  C CB  . CYS A 1 95 ? -9.978  -1.500  -7.907  1.00 36.63 ? 95  CYS A CB  1 
ATOM   724  S SG  . CYS A 1 95 ? -9.325  -0.086  -7.022  1.00 37.95 ? 95  CYS A SG  1 
ATOM   725  N N   . THR A 1 96 ? -8.993  0.510   -10.457 1.00 35.62 ? 96  THR A N   1 
ATOM   726  C CA  . THR A 1 96 ? -7.855  1.124   -11.150 1.00 35.29 ? 96  THR A CA  1 
ATOM   727  C C   . THR A 1 96 ? -7.349  2.344   -10.387 1.00 35.31 ? 96  THR A C   1 
ATOM   728  O O   . THR A 1 96 ? -8.062  2.886   -9.551  1.00 35.14 ? 96  THR A O   1 
ATOM   729  C CB  . THR A 1 96 ? -8.215  1.595   -12.580 1.00 35.14 ? 96  THR A CB  1 
ATOM   730  O OG1 . THR A 1 96 ? -9.417  2.372   -12.533 1.00 32.47 ? 96  THR A OG1 1 
ATOM   731  C CG2 . THR A 1 96 ? -8.403  0.413   -13.530 1.00 34.67 ? 96  THR A CG2 1 
ATOM   732  N N   . LEU A 1 97 ? -6.114  2.742   -10.683 1.00 35.21 ? 97  LEU A N   1 
ATOM   733  C CA  . LEU A 1 97 ? -5.569  4.035   -10.296 1.00 35.71 ? 97  LEU A CA  1 
ATOM   734  C C   . LEU A 1 97 ? -5.655  4.948   -11.497 1.00 35.90 ? 97  LEU A C   1 
ATOM   735  O O   . LEU A 1 97 ? -5.349  4.543   -12.621 1.00 36.16 ? 97  LEU A O   1 
ATOM   736  C CB  . LEU A 1 97 ? -4.094  3.949   -9.909  1.00 35.48 ? 97  LEU A CB  1 
ATOM   737  C CG  . LEU A 1 97 ? -3.767  3.268   -8.585  1.00 36.60 ? 97  LEU A CG  1 
ATOM   738  C CD1 . LEU A 1 97 ? -2.314  2.836   -8.607  1.00 36.78 ? 97  LEU A CD1 1 
ATOM   739  C CD2 . LEU A 1 97 ? -4.053  4.200   -7.423  1.00 38.13 ? 97  LEU A CD2 1 
ATOM   740  N N   . ASN A 1 98 ? -6.046  6.190   -11.248 1.00 36.24 ? 98  ASN A N   1 
ATOM   741  C CA  . ASN A 1 98 ? -6.278  7.139   -12.318 1.00 36.48 ? 98  ASN A CA  1 
ATOM   742  C C   . ASN A 1 98 ? -5.707  8.494   -11.934 1.00 37.11 ? 98  ASN A C   1 
ATOM   743  O O   . ASN A 1 98 ? -5.970  8.994   -10.840 1.00 36.56 ? 98  ASN A O   1 
ATOM   744  C CB  . ASN A 1 98 ? -7.776  7.257   -12.605 1.00 36.92 ? 98  ASN A CB  1 
ATOM   745  C CG  . ASN A 1 98 ? -8.393  5.926   -13.001 1.00 36.46 ? 98  ASN A CG  1 
ATOM   746  O OD1 . ASN A 1 98 ? -8.707  5.098   -12.149 1.00 39.06 ? 98  ASN A OD1 1 
ATOM   747  N ND2 . ASN A 1 98 ? -8.536  5.705   -14.297 1.00 35.79 ? 98  ASN A ND2 1 
ATOM   748  N N   . PHE A 1 99 ? -4.906  9.058   -12.833 1.00 37.16 ? 99  PHE A N   1 
ATOM   749  C CA  . PHE A 1 99 ? -4.486  10.448  -12.730 1.00 37.63 ? 99  PHE A CA  1 
ATOM   750  C C   . PHE A 1 99 ? -4.139  10.999  -14.105 1.00 38.16 ? 99  PHE A C   1 
ATOM   751  O O   . PHE A 1 99 ? -3.716  12.149  -14.221 1.00 37.94 ? 99  PHE A O   1 
ATOM   752  C CB  . PHE A 1 99 ? -3.325  10.634  -11.745 1.00 38.12 ? 99  PHE A CB  1 
ATOM   753  C CG  . PHE A 1 99 ? -2.085  9.849   -12.076 1.00 38.37 ? 99  PHE A CG  1 
ATOM   754  C CD1 . PHE A 1 99 ? -1.978  8.514   -11.718 1.00 38.48 ? 99  PHE A CD1 1 
ATOM   755  C CD2 . PHE A 1 99 ? -1.007  10.461  -12.702 1.00 38.25 ? 99  PHE A CD2 1 
ATOM   756  C CE1 . PHE A 1 99 ? -0.826  7.795   -11.997 1.00 38.77 ? 99  PHE A CE1 1 
ATOM   757  C CE2 . PHE A 1 99 ? 0.143   9.750   -12.996 1.00 38.56 ? 99  PHE A CE2 1 
ATOM   758  C CZ  . PHE A 1 99 ? 0.240   8.416   -12.631 1.00 38.48 ? 99  PHE A CZ  1 
ATOM   759  O OXT . PHE A 1 99 ? -4.304  10.306  -15.115 1.00 38.26 ? 99  PHE A OXT 1 
ATOM   760  N N   . PRO B 1 1  ? -2.917  8.761   -16.843 1.00 38.46 ? 1   PRO B N   1 
ATOM   761  C CA  . PRO B 1 1  ? -3.218  7.400   -17.264 1.00 38.58 ? 1   PRO B CA  1 
ATOM   762  C C   . PRO B 1 1  ? -4.162  6.673   -16.307 1.00 38.23 ? 1   PRO B C   1 
ATOM   763  O O   . PRO B 1 1  ? -4.388  7.141   -15.188 1.00 38.08 ? 1   PRO B O   1 
ATOM   764  C CB  . PRO B 1 1  ? -1.842  6.732   -17.236 1.00 39.02 ? 1   PRO B CB  1 
ATOM   765  C CG  . PRO B 1 1  ? -1.141  7.418   -16.113 1.00 39.27 ? 1   PRO B CG  1 
ATOM   766  C CD  . PRO B 1 1  ? -1.632  8.837   -16.125 1.00 39.01 ? 1   PRO B CD  1 
ATOM   767  N N   . GLN B 1 2  ? -4.718  5.564   -16.783 1.00 37.48 ? 2   GLN B N   1 
ATOM   768  C CA  . GLN B 1 2  ? -5.432  4.599   -15.956 1.00 37.42 ? 2   GLN B CA  1 
ATOM   769  C C   . GLN B 1 2  ? -4.514  3.382   -15.808 1.00 37.22 ? 2   GLN B C   1 
ATOM   770  O O   . GLN B 1 2  ? -3.979  2.870   -16.800 1.00 36.83 ? 2   GLN B O   1 
ATOM   771  C CB  . GLN B 1 2  ? -6.767  4.208   -16.601 1.00 37.56 ? 2   GLN B CB  1 
ATOM   772  C CG  . GLN B 1 2  ? -7.498  3.081   -15.886 1.00 37.32 ? 2   GLN B CG  1 
ATOM   773  C CD  . GLN B 1 2  ? -8.934  2.903   -16.363 1.00 38.34 ? 2   GLN B CD  1 
ATOM   774  O OE1 . GLN B 1 2  ? -9.847  3.576   -15.880 1.00 40.06 ? 2   GLN B OE1 1 
ATOM   775  N NE2 . GLN B 1 2  ? -9.142  1.975   -17.291 1.00 37.52 ? 2   GLN B NE2 1 
ATOM   776  N N   . ILE B 1 3  ? -4.314  2.953   -14.566 1.00 36.79 ? 3   ILE B N   1 
ATOM   777  C CA  . ILE B 1 3  ? -3.410  1.850   -14.254 1.00 36.59 ? 3   ILE B CA  1 
ATOM   778  C C   . ILE B 1 3  ? -4.204  0.725   -13.592 1.00 35.80 ? 3   ILE B C   1 
ATOM   779  O O   . ILE B 1 3  ? -4.886  0.939   -12.583 1.00 35.42 ? 3   ILE B O   1 
ATOM   780  C CB  . ILE B 1 3  ? -2.255  2.318   -13.344 1.00 36.67 ? 3   ILE B CB  1 
ATOM   781  C CG1 . ILE B 1 3  ? -1.521  3.488   -14.000 1.00 37.34 ? 3   ILE B CG1 1 
ATOM   782  C CG2 . ILE B 1 3  ? -1.307  1.157   -13.025 1.00 37.55 ? 3   ILE B CG2 1 
ATOM   783  C CD1 . ILE B 1 3  ? -0.403  4.085   -13.177 1.00 37.18 ? 3   ILE B CD1 1 
ATOM   784  N N   . THR B 1 4  ? -4.123  -0.460  -14.191 1.00 35.18 ? 4   THR B N   1 
ATOM   785  C CA  . THR B 1 4  ? -4.745  -1.662  -13.646 1.00 35.05 ? 4   THR B CA  1 
ATOM   786  C C   . THR B 1 4  ? -3.780  -2.317  -12.668 1.00 34.66 ? 4   THR B C   1 
ATOM   787  O O   . THR B 1 4  ? -2.624  -1.912  -12.559 1.00 34.46 ? 4   THR B O   1 
ATOM   788  C CB  . THR B 1 4  ? -5.125  -2.680  -14.747 1.00 35.06 ? 4   THR B CB  1 
ATOM   789  O OG1 . THR B 1 4  ? -3.963  -2.999  -15.518 1.00 33.96 ? 4   THR B OG1 1 
ATOM   790  C CG2 . THR B 1 4  ? -6.233  -2.134  -15.643 1.00 35.56 ? 4   THR B CG2 1 
ATOM   791  N N   . LEU B 1 5  ? -4.249  -3.328  -11.947 1.00 34.27 ? 5   LEU B N   1 
ATOM   792  C CA  . LEU B 1 5  ? -3.496  -3.835  -10.802 1.00 34.72 ? 5   LEU B CA  1 
ATOM   793  C C   . LEU B 1 5  ? -3.122  -5.321  -10.888 1.00 34.76 ? 5   LEU B C   1 
ATOM   794  O O   . LEU B 1 5  ? -2.840  -5.947  -9.867  1.00 34.12 ? 5   LEU B O   1 
ATOM   795  C CB  . LEU B 1 5  ? -4.279  -3.525  -9.523  1.00 34.54 ? 5   LEU B CB  1 
ATOM   796  C CG  . LEU B 1 5  ? -4.535  -2.027  -9.307  1.00 34.16 ? 5   LEU B CG  1 
ATOM   797  C CD1 . LEU B 1 5  ? -5.494  -1.782  -8.144  1.00 35.16 ? 5   LEU B CD1 1 
ATOM   798  C CD2 . LEU B 1 5  ? -3.233  -1.284  -9.068  1.00 34.01 ? 5   LEU B CD2 1 
ATOM   799  N N   . TRP B 1 6  ? -3.106  -5.874  -12.099 1.00 35.50 ? 6   TRP B N   1 
ATOM   800  C CA  . TRP B 1 6  ? -2.650  -7.250  -12.330 1.00 35.32 ? 6   TRP B CA  1 
ATOM   801  C C   . TRP B 1 6  ? -1.148  -7.364  -12.121 1.00 35.01 ? 6   TRP B C   1 
ATOM   802  O O   . TRP B 1 6  ? -0.637  -8.459  -11.906 1.00 34.90 ? 6   TRP B O   1 
ATOM   803  C CB  . TRP B 1 6  ? -2.952  -7.705  -13.756 1.00 36.96 ? 6   TRP B CB  1 
ATOM   804  C CG  . TRP B 1 6  ? -4.366  -7.469  -14.127 1.00 38.33 ? 6   TRP B CG  1 
ATOM   805  C CD1 . TRP B 1 6  ? -4.863  -6.429  -14.858 1.00 38.85 ? 6   TRP B CD1 1 
ATOM   806  C CD2 . TRP B 1 6  ? -5.483  -8.258  -13.729 1.00 38.46 ? 6   TRP B CD2 1 
ATOM   807  N NE1 . TRP B 1 6  ? -6.229  -6.527  -14.943 1.00 39.28 ? 6   TRP B NE1 1 
ATOM   808  C CE2 . TRP B 1 6  ? -6.634  -7.647  -14.263 1.00 39.33 ? 6   TRP B CE2 1 
ATOM   809  C CE3 . TRP B 1 6  ? -5.622  -9.427  -12.977 1.00 38.86 ? 6   TRP B CE3 1 
ATOM   810  C CZ2 . TRP B 1 6  ? -7.908  -8.170  -14.076 1.00 38.71 ? 6   TRP B CZ2 1 
ATOM   811  C CZ3 . TRP B 1 6  ? -6.884  -9.943  -12.793 1.00 38.64 ? 6   TRP B CZ3 1 
ATOM   812  C CH2 . TRP B 1 6  ? -8.011  -9.312  -13.335 1.00 38.82 ? 6   TRP B CH2 1 
ATOM   813  N N   . LYS B 1 7  ? -0.448  -6.243  -12.260 1.00 34.12 ? 7   LYS B N   1 
ATOM   814  C CA  . LYS B 1 7  ? 0.963   -6.153  -11.910 1.00 34.25 ? 7   LYS B CA  1 
ATOM   815  C C   . LYS B 1 7  ? 1.116   -5.032  -10.889 1.00 33.99 ? 7   LYS B C   1 
ATOM   816  O O   . LYS B 1 7  ? 0.208   -4.211  -10.721 1.00 33.67 ? 7   LYS B O   1 
ATOM   817  C CB  . LYS B 1 7  ? 1.807   -5.888  -13.161 1.00 34.60 ? 7   LYS B CB  1 
ATOM   818  N N   . ARG B 1 8  ? 2.240   -5.014  -10.179 1.00 33.24 ? 8   ARG B N   1 
ATOM   819  C CA  . ARG B 1 8  ? 2.545   -3.891  -9.295  1.00 33.35 ? 8   ARG B CA  1 
ATOM   820  C C   . ARG B 1 8  ? 2.544   -2.568  -10.074 1.00 33.04 ? 8   ARG B C   1 
ATOM   821  O O   . ARG B 1 8  ? 3.174   -2.477  -11.135 1.00 32.20 ? 8   ARG B O   1 
ATOM   822  C CB  . ARG B 1 8  ? 3.908   -4.091  -8.634  1.00 33.30 ? 8   ARG B CB  1 
ATOM   823  C CG  . ARG B 1 8  ? 3.952   -5.228  -7.645  1.00 32.59 ? 8   ARG B CG  1 
ATOM   824  C CD  . ARG B 1 8  ? 5.220   -5.161  -6.809  1.00 34.33 ? 8   ARG B CD  1 
ATOM   825  N NE  . ARG B 1 8  ? 5.395   -6.273  -5.942  0.00 35.88 ? 8   ARG B NE  1 
ATOM   826  C CZ  . ARG B 1 8  ? 5.885   -6.327  -4.704  0.00 39.81 ? 8   ARG B CZ  1 
ATOM   827  N NH1 . ARG B 1 8  ? 6.205   -5.217  -4.041  0.00 43.53 ? 8   ARG B NH1 1 
ATOM   828  N NH2 . ARG B 1 8  ? 6.066   -7.505  -4.126  0.00 38.83 ? 8   ARG B NH2 1 
ATOM   829  N N   . PRO B 1 9  ? 1.839   -1.543  -9.561  1.00 32.66 ? 9   PRO B N   1 
ATOM   830  C CA  . PRO B 1 9  ? 1.801   -0.235  -10.219 1.00 33.18 ? 9   PRO B CA  1 
ATOM   831  C C   . PRO B 1 9  ? 3.092   0.562   -10.038 1.00 33.32 ? 9   PRO B C   1 
ATOM   832  O O   . PRO B 1 9  ? 3.138   1.545   -9.294  1.00 32.42 ? 9   PRO B O   1 
ATOM   833  C CB  . PRO B 1 9  ? 0.614   0.458   -9.547  1.00 32.58 ? 9   PRO B CB  1 
ATOM   834  C CG  . PRO B 1 9  ? 0.567   -0.135  -8.186  1.00 32.87 ? 9   PRO B CG  1 
ATOM   835  C CD  . PRO B 1 9  ? 1.004   -1.561  -8.344  1.00 32.31 ? 9   PRO B CD  1 
ATOM   836  N N   . LEU B 1 10 ? 4.128   0.117   -10.742 1.00 33.99 ? 10  LEU B N   1 
ATOM   837  C CA  . LEU B 1 10 ? 5.434   0.757   -10.724 1.00 34.63 ? 10  LEU B CA  1 
ATOM   838  C C   . LEU B 1 10 ? 5.479   1.805   -11.832 1.00 35.14 ? 10  LEU B C   1 
ATOM   839  O O   . LEU B 1 10 ? 4.935   1.595   -12.912 1.00 35.31 ? 10  LEU B O   1 
ATOM   840  C CB  . LEU B 1 10 ? 6.540   -0.286  -10.918 1.00 35.19 ? 10  LEU B CB  1 
ATOM   841  C CG  . LEU B 1 10 ? 6.659   -1.346  -9.818  1.00 35.39 ? 10  LEU B CG  1 
ATOM   842  C CD1 . LEU B 1 10 ? 7.703   -2.387  -10.186 1.00 37.09 ? 10  LEU B CD1 1 
ATOM   843  C CD2 . LEU B 1 10 ? 6.992   -0.733  -8.462  1.00 35.91 ? 10  LEU B CD2 1 
ATOM   844  N N   . VAL B 1 11 ? 6.095   2.945   -11.539 1.00 35.30 ? 11  VAL B N   1 
ATOM   845  C CA  . VAL B 1 11 ? 6.253   4.027   -12.501 1.00 35.43 ? 11  VAL B CA  1 
ATOM   846  C C   . VAL B 1 11 ? 7.646   4.596   -12.282 1.00 35.77 ? 11  VAL B C   1 
ATOM   847  O O   . VAL B 1 11 ? 8.235   4.411   -11.219 1.00 35.91 ? 11  VAL B O   1 
ATOM   848  C CB  . VAL B 1 11 ? 5.214   5.160   -12.309 1.00 35.22 ? 11  VAL B CB  1 
ATOM   849  C CG1 . VAL B 1 11 ? 3.813   4.701   -12.695 1.00 34.76 ? 11  VAL B CG1 1 
ATOM   850  C CG2 . VAL B 1 11 ? 5.230   5.679   -10.885 1.00 35.76 ? 11  VAL B CG2 1 
ATOM   851  N N   . THR B 1 12 ? 8.149   5.302   -13.286 1.00 36.53 ? 12  THR B N   1 
ATOM   852  C CA  . THR B 1 12 ? 9.415   6.015   -13.186 1.00 36.48 ? 12  THR B CA  1 
ATOM   853  C C   . THR B 1 12 ? 9.203   7.375   -12.526 1.00 36.77 ? 12  THR B C   1 
ATOM   854  O O   . THR B 1 12 ? 8.262   8.108   -12.848 1.00 36.13 ? 12  THR B O   1 
ATOM   855  C CB  . THR B 1 12 ? 10.064  6.170   -14.580 1.00 36.78 ? 12  THR B CB  1 
ATOM   856  O OG1 . THR B 1 12 ? 10.250  4.867   -15.145 1.00 35.53 ? 12  THR B OG1 1 
ATOM   857  C CG2 . THR B 1 12 ? 11.423  6.887   -14.508 1.00 36.86 ? 12  THR B CG2 1 
ATOM   858  N N   . ILE B 1 13 ? 10.072  7.669   -11.563 1.00 37.09 ? 13  ILE B N   1 
ATOM   859  C CA  . ILE B 1 13 ? 10.115  8.976   -10.930 1.00 37.31 ? 13  ILE B CA  1 
ATOM   860  C C   . ILE B 1 13 ? 11.470  9.615   -11.218 1.00 37.85 ? 13  ILE B C   1 
ATOM   861  O O   . ILE B 1 13 ? 12.455  8.914   -11.487 1.00 36.40 ? 13  ILE B O   1 
ATOM   862  C CB  . ILE B 1 13 ? 9.849   8.900   -9.414  1.00 37.01 ? 13  ILE B CB  1 
ATOM   863  C CG1 . ILE B 1 13 ? 11.042  8.292   -8.670  1.00 37.30 ? 13  ILE B CG1 1 
ATOM   864  C CG2 . ILE B 1 13 ? 8.550   8.132   -9.147  1.00 36.53 ? 13  ILE B CG2 1 
ATOM   865  C CD1 . ILE B 1 13 ? 10.928  8.320   -7.163  1.00 38.26 ? 13  ILE B CD1 1 
ATOM   866  N N   . ARG B 1 14 ? 11.479  10.946  -11.164 1.00 38.18 ? 14  ARG B N   1 
ATOM   867  C CA  . ARG B 1 14 ? 12.699  11.731  -11.267 1.00 38.71 ? 14  ARG B CA  1 
ATOM   868  C C   . ARG B 1 14 ? 12.825  12.584  -10.010 1.00 38.76 ? 14  ARG B C   1 
ATOM   869  O O   . ARG B 1 14 ? 11.905  13.312  -9.636  1.00 37.35 ? 14  ARG B O   1 
ATOM   870  C CB  . ARG B 1 14 ? 12.674  12.593  -12.528 1.00 38.79 ? 14  ARG B CB  1 
ATOM   871  C CG  . ARG B 1 14 ? 14.055  12.982  -13.017 1.00 39.38 ? 14  ARG B CG  1 
ATOM   872  C CD  . ARG B 1 14 ? 13.959  13.623  -14.395 1.00 40.08 ? 14  ARG B CD  1 
ATOM   873  N NE  . ARG B 1 14 ? 12.917  14.641  -14.436 1.00 41.36 ? 14  ARG B NE  1 
ATOM   874  C CZ  . ARG B 1 14 ? 13.040  15.852  -13.900 1.00 42.28 ? 14  ARG B CZ  1 
ATOM   875  N NH1 . ARG B 1 14 ? 14.160  16.212  -13.279 1.00 43.33 ? 14  ARG B NH1 1 
ATOM   876  N NH2 . ARG B 1 14 ? 12.038  16.714  -13.976 1.00 42.13 ? 14  ARG B NH2 1 
ATOM   877  N N   . ILE B 1 15 ? 13.954  12.447  -9.323  1.00 39.63 ? 15  ILE B N   1 
ATOM   878  C CA  . ILE B 1 15 ? 14.146  13.103  -8.036  1.00 40.58 ? 15  ILE B CA  1 
ATOM   879  C C   . ILE B 1 15 ? 15.624  13.411  -7.889  1.00 41.07 ? 15  ILE B C   1 
ATOM   880  O O   . ILE B 1 15 ? 16.471  12.531  -8.058  1.00 41.91 ? 15  ILE B O   1 
ATOM   881  C CB  . ILE B 1 15 ? 13.632  12.246  -6.848  1.00 40.64 ? 15  ILE B CB  1 
ATOM   882  C CG1 . ILE B 1 15 ? 13.841  12.984  -5.518  1.00 41.19 ? 15  ILE B CG1 1 
ATOM   883  C CG2 . ILE B 1 15 ? 14.287  10.865  -6.838  1.00 41.16 ? 15  ILE B CG2 1 
ATOM   884  C CD1 . ILE B 1 15 ? 13.503  12.163  -4.276  1.00 41.01 ? 15  ILE B CD1 1 
ATOM   885  N N   . GLY B 1 16 ? 15.926  14.669  -7.585  1.00 41.46 ? 16  GLY B N   1 
ATOM   886  C CA  . GLY B 1 16 ? 17.308  15.144  -7.578  1.00 41.35 ? 16  GLY B CA  1 
ATOM   887  C C   . GLY B 1 16 ? 18.023  14.884  -8.892  1.00 41.49 ? 16  GLY B C   1 
ATOM   888  O O   . GLY B 1 16 ? 19.226  14.627  -8.903  1.00 41.59 ? 16  GLY B O   1 
ATOM   889  N N   . GLY B 1 17 ? 17.286  14.954  -9.999  1.00 41.70 ? 17  GLY B N   1 
ATOM   890  C CA  . GLY B 1 17 ? 17.825  14.692  -11.332 1.00 41.57 ? 17  GLY B CA  1 
ATOM   891  C C   . GLY B 1 17 ? 18.135  13.237  -11.638 1.00 41.66 ? 17  GLY B C   1 
ATOM   892  O O   . GLY B 1 17 ? 18.795  12.951  -12.635 1.00 42.22 ? 17  GLY B O   1 
ATOM   893  N N   . GLN B 1 18 ? 17.657  12.317  -10.804 1.00 41.39 ? 18  GLN B N   1 
ATOM   894  C CA  . GLN B 1 18 ? 17.952  10.892  -10.948 1.00 41.22 ? 18  GLN B CA  1 
ATOM   895  C C   . GLN B 1 18 ? 16.662  10.108  -11.194 1.00 40.72 ? 18  GLN B C   1 
ATOM   896  O O   . GLN B 1 18 ? 15.626  10.423  -10.608 1.00 40.51 ? 18  GLN B O   1 
ATOM   897  C CB  . GLN B 1 18 ? 18.634  10.390  -9.674  1.00 41.63 ? 18  GLN B CB  1 
ATOM   898  C CG  . GLN B 1 18 ? 19.725  9.356   -9.903  1.00 44.11 ? 18  GLN B CG  1 
ATOM   899  C CD  . GLN B 1 18 ? 20.916  9.871   -10.699 1.00 45.37 ? 18  GLN B CD  1 
ATOM   900  O OE1 . GLN B 1 18 ? 21.663  9.079   -11.268 1.00 47.43 ? 18  GLN B OE1 1 
ATOM   901  N NE2 . GLN B 1 18 ? 21.103  11.190  -10.746 1.00 48.08 ? 18  GLN B NE2 1 
ATOM   902  N N   . LEU B 1 19 ? 16.726  9.087   -12.048 1.00 39.88 ? 19  LEU B N   1 
ATOM   903  C CA  . LEU B 1 19 ? 15.560  8.255   -12.344 1.00 39.45 ? 19  LEU B CA  1 
ATOM   904  C C   . LEU B 1 19 ? 15.506  7.015   -11.459 1.00 38.93 ? 19  LEU B C   1 
ATOM   905  O O   . LEU B 1 19 ? 16.510  6.326   -11.288 1.00 38.82 ? 19  LEU B O   1 
ATOM   906  C CB  . LEU B 1 19 ? 15.552  7.810   -13.808 1.00 39.72 ? 19  LEU B CB  1 
ATOM   907  C CG  . LEU B 1 19 ? 15.412  8.889   -14.887 1.00 39.26 ? 19  LEU B CG  1 
ATOM   908  C CD1 . LEU B 1 19 ? 15.433  8.256   -16.270 1.00 39.16 ? 19  LEU B CD1 1 
ATOM   909  C CD2 . LEU B 1 19 ? 14.127  9.670   -14.690 1.00 38.87 ? 19  LEU B CD2 1 
ATOM   910  N N   . LYS B 1 20 ? 14.323  6.738   -10.919 1.00 37.99 ? 20  LYS B N   1 
ATOM   911  C CA  . LYS B 1 20 ? 14.070  5.568   -10.089 1.00 37.68 ? 20  LYS B CA  1 
ATOM   912  C C   . LYS B 1 20 ? 12.712  4.955   -10.439 1.00 36.91 ? 20  LYS B C   1 
ATOM   913  O O   . LYS B 1 20 ? 11.835  5.643   -10.957 1.00 36.71 ? 20  LYS B O   1 
ATOM   914  C CB  . LYS B 1 20 ? 14.073  5.979   -8.616  1.00 37.54 ? 20  LYS B CB  1 
ATOM   915  C CG  . LYS B 1 20 ? 15.393  6.554   -8.117  1.00 37.96 ? 20  LYS B CG  1 
ATOM   916  C CD  . LYS B 1 20 ? 15.290  6.968   -6.651  1.00 38.17 ? 20  LYS B CD  1 
ATOM   917  C CE  . LYS B 1 20 ? 16.648  7.335   -6.066  1.00 38.31 ? 20  LYS B CE  1 
ATOM   918  N NZ  . LYS B 1 20 ? 17.587  6.179   -6.009  1.00 40.49 ? 20  LYS B NZ  1 
ATOM   919  N N   . GLU B 1 21 ? 12.539  3.666   -10.165 1.00 36.45 ? 21  GLU B N   1 
ATOM   920  C CA  . GLU B 1 21 ? 11.214  3.047   -10.209 1.00 36.44 ? 21  GLU B CA  1 
ATOM   921  C C   . GLU B 1 21 ? 10.589  3.097   -8.821  1.00 35.60 ? 21  GLU B C   1 
ATOM   922  O O   . GLU B 1 21 ? 11.245  2.785   -7.830  1.00 35.78 ? 21  GLU B O   1 
ATOM   923  C CB  . GLU B 1 21 ? 11.301  1.594   -10.680 1.00 36.92 ? 21  GLU B CB  1 
ATOM   924  C CG  . GLU B 1 21 ? 11.879  1.448   -12.072 1.00 39.65 ? 21  GLU B CG  1 
ATOM   925  C CD  . GLU B 1 21 ? 11.014  2.117   -13.125 1.00 42.30 ? 21  GLU B CD  1 
ATOM   926  O OE1 . GLU B 1 21 ? 11.514  3.042   -13.801 1.00 42.18 ? 21  GLU B OE1 1 
ATOM   927  O OE2 . GLU B 1 21 ? 9.831   1.726   -13.250 1.00 44.77 ? 21  GLU B OE2 1 
ATOM   928  N N   . ALA B 1 22 ? 9.318   3.475   -8.756  1.00 34.82 ? 22  ALA B N   1 
ATOM   929  C CA  . ALA B 1 22 ? 8.610   3.567   -7.485  1.00 34.06 ? 22  ALA B CA  1 
ATOM   930  C C   . ALA B 1 22 ? 7.194   3.012   -7.609  1.00 33.68 ? 22  ALA B C   1 
ATOM   931  O O   . ALA B 1 22 ? 6.614   2.978   -8.700  1.00 33.32 ? 22  ALA B O   1 
ATOM   932  C CB  . ALA B 1 22 ? 8.584   5.014   -7.015  1.00 33.78 ? 22  ALA B CB  1 
ATOM   933  N N   . LEU B 1 23 ? 6.655   2.580   -6.474  1.00 32.79 ? 23  LEU B N   1 
ATOM   934  C CA  . LEU B 1 23 ? 5.357   1.922   -6.414  1.00 32.49 ? 23  LEU B CA  1 
ATOM   935  C C   . LEU B 1 23 ? 4.293   2.911   -5.960  1.00 32.01 ? 23  LEU B C   1 
ATOM   936  O O   . LEU B 1 23 ? 4.429   3.522   -4.898  1.00 31.03 ? 23  LEU B O   1 
ATOM   937  C CB  . LEU B 1 23 ? 5.423   0.754   -5.431  1.00 32.33 ? 23  LEU B CB  1 
ATOM   938  C CG  . LEU B 1 23 ? 4.170   -0.053  -5.102  1.00 32.60 ? 23  LEU B CG  1 
ATOM   939  C CD1 . LEU B 1 23 ? 3.821   -1.003  -6.242  1.00 32.82 ? 23  LEU B CD1 1 
ATOM   940  C CD2 . LEU B 1 23 ? 4.414   -0.812  -3.809  1.00 33.51 ? 23  LEU B CD2 1 
ATOM   941  N N   . LEU B 1 24 ? 3.247   3.047   -6.772  1.00 31.69 ? 24  LEU B N   1 
ATOM   942  C CA  . LEU B 1 24 ? 2.075   3.841   -6.416  1.00 31.69 ? 24  LEU B CA  1 
ATOM   943  C C   . LEU B 1 24 ? 1.235   3.099   -5.375  1.00 31.22 ? 24  LEU B C   1 
ATOM   944  O O   . LEU B 1 24 ? 0.578   2.093   -5.654  1.00 30.97 ? 24  LEU B O   1 
ATOM   945  C CB  . LEU B 1 24 ? 1.257   4.184   -7.662  1.00 32.23 ? 24  LEU B CB  1 
ATOM   946  C CG  . LEU B 1 24 ? 1.986   4.907   -8.797  1.00 32.30 ? 24  LEU B CG  1 
ATOM   947  C CD1 . LEU B 1 24 ? 1.024   5.179   -9.937  1.00 33.41 ? 24  LEU B CD1 1 
ATOM   948  C CD2 . LEU B 1 24 ? 2.646   6.202   -8.358  1.00 33.88 ? 24  LEU B CD2 1 
ATOM   949  N N   . ASP B 1 25 ? 1.285   3.597   -4.146  1.00 30.82 ? 25  ASP B N   1 
ATOM   950  C CA  . ASP B 1 25 ? 0.793   2.845   -3.001  1.00 30.63 ? 25  ASP B CA  1 
ATOM   951  C C   . ASP B 1 25 ? -0.243  3.593   -2.182  1.00 30.62 ? 25  ASP B C   1 
ATOM   952  O O   . ASP B 1 25 ? 0.086   4.426   -1.328  1.00 30.88 ? 25  ASP B O   1 
ATOM   953  C CB  . ASP B 1 25 ? 1.979   2.484   -2.112  1.00 31.07 ? 25  ASP B CB  1 
ATOM   954  C CG  . ASP B 1 25 ? 1.610   1.532   -1.003  1.00 30.96 ? 25  ASP B CG  1 
ATOM   955  O OD1 . ASP B 1 25 ? 0.434   1.123   -0.886  1.00 31.77 ? 25  ASP B OD1 1 
ATOM   956  O OD2 . ASP B 1 25 ? 2.545   1.185   -0.264  1.00 34.90 ? 25  ASP B OD2 1 
ATOM   957  N N   . THR B 1 26 ? -1.505  3.271   -2.431  1.00 30.55 ? 26  THR B N   1 
ATOM   958  C CA  . THR B 1 26 ? -2.606  3.935   -1.745  1.00 30.06 ? 26  THR B CA  1 
ATOM   959  C C   . THR B 1 26 ? -2.707  3.537   -0.271  1.00 30.45 ? 26  THR B C   1 
ATOM   960  O O   . THR B 1 26 ? -3.352  4.230   0.515   1.00 30.43 ? 26  THR B O   1 
ATOM   961  C CB  . THR B 1 26 ? -3.931  3.634   -2.441  1.00 30.29 ? 26  THR B CB  1 
ATOM   962  O OG1 . THR B 1 26 ? -4.180  2.224   -2.407  1.00 27.46 ? 26  THR B OG1 1 
ATOM   963  C CG2 . THR B 1 26 ? -3.899  4.147   -3.898  1.00 30.26 ? 26  THR B CG2 1 
ATOM   964  N N   . GLY B 1 27 ? -2.074  2.425   0.102   1.00 30.36 ? 27  GLY B N   1 
ATOM   965  C CA  . GLY B 1 27 ? -2.051  1.977   1.490   1.00 30.32 ? 27  GLY B CA  1 
ATOM   966  C C   . GLY B 1 27 ? -0.986  2.638   2.345   1.00 30.88 ? 27  GLY B C   1 
ATOM   967  O O   . GLY B 1 27 ? -0.936  2.399   3.551   1.00 30.80 ? 27  GLY B O   1 
ATOM   968  N N   . ALA B 1 28 ? -0.119  3.438   1.729   1.00 30.23 ? 28  ALA B N   1 
ATOM   969  C CA  . ALA B 1 28 ? 0.942   4.145   2.443   1.00 30.73 ? 28  ALA B CA  1 
ATOM   970  C C   . ALA B 1 28 ? 0.576   5.621   2.634   1.00 30.86 ? 28  ALA B C   1 
ATOM   971  O O   . ALA B 1 28 ? 0.222   6.299   1.671   1.00 31.79 ? 28  ALA B O   1 
ATOM   972  C CB  . ALA B 1 28 ? 2.245   4.023   1.669   1.00 30.23 ? 28  ALA B CB  1 
ATOM   973  N N   . ASP B 1 29 ? 0.647   6.107   3.869   1.00 31.29 ? 29  ASP B N   1 
ATOM   974  C CA  . ASP B 1 29 ? 0.364   7.505   4.188   1.00 31.53 ? 29  ASP B CA  1 
ATOM   975  C C   . ASP B 1 29 ? 1.494   8.388   3.669   1.00 31.46 ? 29  ASP B C   1 
ATOM   976  O O   . ASP B 1 29 ? 1.264   9.501   3.184   1.00 30.82 ? 29  ASP B O   1 
ATOM   977  C CB  . ASP B 1 29 ? 0.285   7.730   5.701   1.00 31.60 ? 29  ASP B CB  1 
ATOM   978  C CG  . ASP B 1 29 ? -0.789  6.912   6.388   1.00 33.49 ? 29  ASP B CG  1 
ATOM   979  O OD1 . ASP B 1 29 ? -1.737  6.410   5.746   1.00 33.80 ? 29  ASP B OD1 1 
ATOM   980  O OD2 . ASP B 1 29 ? -0.684  6.794   7.624   1.00 33.93 ? 29  ASP B OD2 1 
ATOM   981  N N   . ASP B 1 30 ? 2.709   7.855   3.784   1.00 31.23 ? 30  ASP B N   1 
ATOM   982  C CA  . ASP B 1 30 ? 3.946   8.564   3.508   1.00 31.51 ? 30  ASP B CA  1 
ATOM   983  C C   . ASP B 1 30 ? 4.661   8.001   2.287   1.00 31.60 ? 30  ASP B C   1 
ATOM   984  O O   . ASP B 1 30 ? 4.409   6.871   1.874   1.00 31.66 ? 30  ASP B O   1 
ATOM   985  C CB  . ASP B 1 30 ? 4.888   8.419   4.700   1.00 31.62 ? 30  ASP B CB  1 
ATOM   986  C CG  . ASP B 1 30 ? 4.249   8.859   5.993   1.00 32.26 ? 30  ASP B CG  1 
ATOM   987  O OD1 . ASP B 1 30 ? 3.742   9.994   6.037   1.00 33.12 ? 30  ASP B OD1 1 
ATOM   988  O OD2 . ASP B 1 30 ? 4.266   8.073   6.960   1.00 32.61 ? 30  ASP B OD2 1 
ATOM   989  N N   . THR B 1 31 ? 5.575   8.803   1.751   1.00 31.64 ? 31  THR B N   1 
ATOM   990  C CA  . THR B 1 31 ? 6.438   8.412   0.645   1.00 32.01 ? 31  THR B CA  1 
ATOM   991  C C   . THR B 1 31 ? 7.790   7.989   1.231   1.00 32.34 ? 31  THR B C   1 
ATOM   992  O O   . THR B 1 31 ? 8.411   8.744   1.987   1.00 31.84 ? 31  THR B O   1 
ATOM   993  C CB  . THR B 1 31 ? 6.542   9.580   -0.357  1.00 32.19 ? 31  THR B CB  1 
ATOM   994  O OG1 . THR B 1 31 ? 5.281   9.748   -1.015  1.00 32.08 ? 31  THR B OG1 1 
ATOM   995  C CG2 . THR B 1 31 ? 7.613   9.345   -1.397  1.00 31.93 ? 31  THR B CG2 1 
ATOM   996  N N   . VAL B 1 32 ? 8.220   6.770   0.915   1.00 32.80 ? 32  VAL B N   1 
ATOM   997  C CA  . VAL B 1 32 ? 9.451   6.202   1.461   1.00 33.78 ? 32  VAL B CA  1 
ATOM   998  C C   . VAL B 1 32 ? 10.363  5.670   0.359   1.00 34.09 ? 32  VAL B C   1 
ATOM   999  O O   . VAL B 1 32 ? 9.998   4.758   -0.385  1.00 34.42 ? 32  VAL B O   1 
ATOM   1000 C CB  . VAL B 1 32 ? 9.188   5.043   2.448   1.00 33.55 ? 32  VAL B CB  1 
ATOM   1001 C CG1 . VAL B 1 32 ? 10.472  4.689   3.200   1.00 33.38 ? 32  VAL B CG1 1 
ATOM   1002 C CG2 . VAL B 1 32 ? 8.127   5.430   3.456   1.00 34.73 ? 32  VAL B CG2 1 
ATOM   1003 N N   . LEU B 1 33 ? 11.568  6.223   0.288   1.00 35.10 ? 33  LEU B N   1 
ATOM   1004 C CA  . LEU B 1 33 ? 12.527  5.858   -0.746  1.00 36.13 ? 33  LEU B CA  1 
ATOM   1005 C C   . LEU B 1 33 ? 13.706  5.102   -0.164  1.00 36.50 ? 33  LEU B C   1 
ATOM   1006 O O   . LEU B 1 33 ? 14.111  5.330   0.971   1.00 36.46 ? 33  LEU B O   1 
ATOM   1007 C CB  . LEU B 1 33 ? 13.040  7.107   -1.454  1.00 36.33 ? 33  LEU B CB  1 
ATOM   1008 C CG  . LEU B 1 33 ? 12.357  7.623   -2.722  1.00 37.75 ? 33  LEU B CG  1 
ATOM   1009 C CD1 . LEU B 1 33 ? 10.897  7.268   -2.901  1.00 38.59 ? 33  LEU B CD1 1 
ATOM   1010 C CD2 . LEU B 1 33 ? 12.588  9.124   -2.812  1.00 37.89 ? 33  LEU B CD2 1 
ATOM   1011 N N   . GLU B 1 34 ? 14.257  4.204   -0.969  1.00 37.36 ? 34  GLU B N   1 
ATOM   1012 C CA  . GLU B 1 34 ? 15.450  3.463   -0.600  1.00 38.04 ? 34  GLU B CA  1 
ATOM   1013 C C   . GLU B 1 34 ? 16.590  4.441   -0.342  1.00 38.72 ? 34  GLU B C   1 
ATOM   1014 O O   . GLU B 1 34 ? 16.565  5.591   -0.790  1.00 38.44 ? 34  GLU B O   1 
ATOM   1015 C CB  . GLU B 1 34 ? 15.824  2.508   -1.731  1.00 37.88 ? 34  GLU B CB  1 
ATOM   1016 C CG  . GLU B 1 34 ? 14.755  1.460   -2.029  1.00 38.35 ? 34  GLU B CG  1 
ATOM   1017 C CD  . GLU B 1 34 ? 14.917  0.805   -3.386  1.00 38.24 ? 34  GLU B CD  1 
ATOM   1018 O OE1 . GLU B 1 34 ? 15.886  1.127   -4.108  1.00 39.28 ? 34  GLU B OE1 1 
ATOM   1019 O OE2 . GLU B 1 34 ? 14.058  -0.036  -3.731  1.00 40.01 ? 34  GLU B OE2 1 
ATOM   1020 N N   . GLU B 1 35 ? 17.583  3.962   0.396   1.00 39.69 ? 35  GLU B N   1 
ATOM   1021 C CA  . GLU B 1 35 ? 18.777  4.732   0.712   1.00 40.93 ? 35  GLU B CA  1 
ATOM   1022 C C   . GLU B 1 35 ? 19.298  5.528   -0.472  1.00 41.18 ? 35  GLU B C   1 
ATOM   1023 O O   . GLU B 1 35 ? 19.524  4.972   -1.549  1.00 41.69 ? 35  GLU B O   1 
ATOM   1024 C CB  . GLU B 1 35 ? 19.908  3.819   1.191   1.00 41.53 ? 35  GLU B CB  1 
ATOM   1025 C CG  . GLU B 1 35 ? 20.865  4.562   2.086   1.00 44.09 ? 35  GLU B CG  1 
ATOM   1026 C CD  . GLU B 1 35 ? 20.093  5.310   3.144   1.00 48.20 ? 35  GLU B CD  1 
ATOM   1027 O OE1 . GLU B 1 35 ? 19.321  4.673   3.900   1.00 52.24 ? 35  GLU B OE1 1 
ATOM   1028 O OE2 . GLU B 1 35 ? 20.214  6.550   3.165   1.00 50.75 ? 35  GLU B OE2 1 
ATOM   1029 N N   . MET B 1 36 ? 19.496  6.823   -0.246  1.00 41.95 ? 36  MET B N   1 
ATOM   1030 C CA  . MET B 1 36 ? 19.937  7.750   -1.279  1.00 42.32 ? 36  MET B CA  1 
ATOM   1031 C C   . MET B 1 36 ? 20.330  9.075   -0.633  1.00 42.64 ? 36  MET B C   1 
ATOM   1032 O O   . MET B 1 36 ? 19.974  9.363   0.511   1.00 43.02 ? 36  MET B O   1 
ATOM   1033 C CB  . MET B 1 36 ? 18.841  7.980   -2.328  1.00 42.39 ? 36  MET B CB  1 
ATOM   1034 C CG  . MET B 1 36 ? 17.618  8.755   -1.828  1.00 42.71 ? 36  MET B CG  1 
ATOM   1035 S SD  . MET B 1 36 ? 16.431  9.269   -3.092  1.00 43.01 ? 36  MET B SD  1 
ATOM   1036 C CE  . MET B 1 36 ? 17.434  10.271  -4.194  1.00 43.51 ? 36  MET B CE  1 
ATOM   1037 N N   . ASN B 1 37 ? 21.074  9.881   -1.378  1.00 43.00 ? 37  ASN B N   1 
ATOM   1038 C CA  . ASN B 1 37 ? 21.406  11.230  -0.943  1.00 43.11 ? 37  ASN B CA  1 
ATOM   1039 C C   . ASN B 1 37 ? 20.383  12.218  -1.497  1.00 43.09 ? 37  ASN B C   1 
ATOM   1040 O O   . ASN B 1 37 ? 20.020  12.160  -2.671  1.00 43.11 ? 37  ASN B O   1 
ATOM   1041 C CB  . ASN B 1 37 ? 22.815  11.599  -1.406  1.00 43.30 ? 37  ASN B CB  1 
ATOM   1042 C CG  . ASN B 1 37 ? 23.878  10.728  -0.764  1.00 43.87 ? 37  ASN B CG  1 
ATOM   1043 O OD1 . ASN B 1 37 ? 23.989  10.664  0.462   1.00 42.86 ? 37  ASN B OD1 1 
ATOM   1044 N ND2 . ASN B 1 37 ? 24.664  10.047  -1.595  1.00 45.01 ? 37  ASN B ND2 1 
ATOM   1045 N N   . LEU B 1 38 ? 19.894  13.089  -0.621  1.00 42.99 ? 38  LEU B N   1 
ATOM   1046 C CA  . LEU B 1 38 ? 19.076  14.225  -1.010  1.00 42.98 ? 38  LEU B CA  1 
ATOM   1047 C C   . LEU B 1 38 ? 19.674  15.455  -0.342  1.00 42.81 ? 38  LEU B C   1 
ATOM   1048 O O   . LEU B 1 38 ? 20.227  15.351  0.752   1.00 42.30 ? 38  LEU B O   1 
ATOM   1049 C CB  . LEU B 1 38 ? 17.633  14.040  -0.549  1.00 43.46 ? 38  LEU B CB  1 
ATOM   1050 C CG  . LEU B 1 38 ? 16.770  13.066  -1.346  1.00 43.80 ? 38  LEU B CG  1 
ATOM   1051 C CD1 . LEU B 1 38 ? 15.412  12.927  -0.666  1.00 44.18 ? 38  LEU B CD1 1 
ATOM   1052 C CD2 . LEU B 1 38 ? 16.620  13.550  -2.786  1.00 43.72 ? 38  LEU B CD2 1 
ATOM   1053 N N   . PRO B 1 39 ? 19.583  16.617  -1.004  1.00 42.51 ? 39  PRO B N   1 
ATOM   1054 C CA  . PRO B 1 39 ? 20.147  17.820  -0.408  1.00 42.32 ? 39  PRO B CA  1 
ATOM   1055 C C   . PRO B 1 39 ? 19.252  18.434  0.663   1.00 42.02 ? 39  PRO B C   1 
ATOM   1056 O O   . PRO B 1 39 ? 18.047  18.173  0.706   1.00 41.92 ? 39  PRO B O   1 
ATOM   1057 C CB  . PRO B 1 39 ? 20.300  18.769  -1.598  1.00 42.29 ? 39  PRO B CB  1 
ATOM   1058 C CG  . PRO B 1 39 ? 19.304  18.316  -2.591  1.00 42.60 ? 39  PRO B CG  1 
ATOM   1059 C CD  . PRO B 1 39 ? 18.984  16.874  -2.325  1.00 42.68 ? 39  PRO B CD  1 
ATOM   1060 N N   . GLY B 1 40 ? 19.867  19.241  1.521   1.00 41.86 ? 40  GLY B N   1 
ATOM   1061 C CA  . GLY B 1 40 ? 19.143  19.995  2.534   1.00 41.85 ? 40  GLY B CA  1 
ATOM   1062 C C   . GLY B 1 40 ? 19.121  19.269  3.860   1.00 41.58 ? 40  GLY B C   1 
ATOM   1063 O O   . GLY B 1 40 ? 19.632  18.152  3.983   1.00 41.94 ? 40  GLY B O   1 
ATOM   1064 N N   . LYS B 1 41 ? 18.520  19.916  4.852   1.00 41.56 ? 41  LYS B N   1 
ATOM   1065 C CA  . LYS B 1 41 ? 18.411  19.348  6.189   1.00 41.20 ? 41  LYS B CA  1 
ATOM   1066 C C   . LYS B 1 41 ? 17.447  18.169  6.169   1.00 41.21 ? 41  LYS B C   1 
ATOM   1067 O O   . LYS B 1 41 ? 16.533  18.117  5.344   1.00 42.18 ? 41  LYS B O   1 
ATOM   1068 C CB  . LYS B 1 41 ? 17.928  20.409  7.168   1.00 41.42 ? 41  LYS B CB  1 
ATOM   1069 N N   . TRP B 1 42 ? 17.674  17.205  7.054   1.00 40.59 ? 42  TRP B N   1 
ATOM   1070 C CA  . TRP B 1 42 ? 16.708  16.137  7.291   1.00 40.13 ? 42  TRP B CA  1 
ATOM   1071 C C   . TRP B 1 42 ? 16.553  15.972  8.797   1.00 39.48 ? 42  TRP B C   1 
ATOM   1072 O O   . TRP B 1 42 ? 17.392  16.441  9.564   1.00 39.66 ? 42  TRP B O   1 
ATOM   1073 C CB  . TRP B 1 42 ? 17.142  14.830  6.618   1.00 40.09 ? 42  TRP B CB  1 
ATOM   1074 C CG  . TRP B 1 42 ? 18.480  14.290  7.066   1.00 39.94 ? 42  TRP B CG  1 
ATOM   1075 C CD1 . TRP B 1 42 ? 19.698  14.585  6.530   1.00 40.06 ? 42  TRP B CD1 1 
ATOM   1076 C CD2 . TRP B 1 42 ? 18.725  13.365  8.132   1.00 39.18 ? 42  TRP B CD2 1 
ATOM   1077 N NE1 . TRP B 1 42 ? 20.686  13.899  7.192   1.00 39.93 ? 42  TRP B NE1 1 
ATOM   1078 C CE2 . TRP B 1 42 ? 20.117  13.146  8.184   1.00 39.74 ? 42  TRP B CE2 1 
ATOM   1079 C CE3 . TRP B 1 42 ? 17.905  12.702  9.050   1.00 39.07 ? 42  TRP B CE3 1 
ATOM   1080 C CZ2 . TRP B 1 42 ? 20.707  12.295  9.122   1.00 39.65 ? 42  TRP B CZ2 1 
ATOM   1081 C CZ3 . TRP B 1 42 ? 18.491  11.853  9.976   1.00 39.86 ? 42  TRP B CZ3 1 
ATOM   1082 C CH2 . TRP B 1 42 ? 19.878  11.654  10.004  1.00 39.88 ? 42  TRP B CH2 1 
ATOM   1083 N N   . LYS B 1 43 ? 15.477  15.328  9.232   1.00 39.44 ? 43  LYS B N   1 
ATOM   1084 C CA  . LYS B 1 43 ? 15.355  15.008  10.649  1.00 39.03 ? 43  LYS B CA  1 
ATOM   1085 C C   . LYS B 1 43 ? 15.021  13.535  10.860  1.00 38.37 ? 43  LYS B C   1 
ATOM   1086 O O   . LYS B 1 43 ? 14.263  12.949  10.089  1.00 37.66 ? 43  LYS B O   1 
ATOM   1087 C CB  . LYS B 1 43 ? 14.349  15.925  11.349  1.00 39.13 ? 43  LYS B CB  1 
ATOM   1088 C CG  . LYS B 1 43 ? 12.925  15.840  10.843  1.00 39.63 ? 43  LYS B CG  1 
ATOM   1089 C CD  . LYS B 1 43 ? 11.939  16.356  11.887  1.00 39.81 ? 43  LYS B CD  1 
ATOM   1090 C CE  . LYS B 1 43 ? 11.460  15.201  12.800  0.00 43.90 ? 43  LYS B CE  1 
ATOM   1091 N NZ  . LYS B 1 43 ? 10.508  14.250  12.130  0.00 47.53 ? 43  LYS B NZ  1 
ATOM   1092 N N   . PRO B 1 44 ? 15.592  12.931  11.912  1.00 37.77 ? 44  PRO B N   1 
ATOM   1093 C CA  . PRO B 1 44 ? 15.250  11.541  12.187  1.00 37.37 ? 44  PRO B CA  1 
ATOM   1094 C C   . PRO B 1 44 ? 13.764  11.361  12.488  1.00 37.10 ? 44  PRO B C   1 
ATOM   1095 O O   . PRO B 1 44 ? 13.166  12.173  13.205  1.00 36.25 ? 44  PRO B O   1 
ATOM   1096 C CB  . PRO B 1 44 ? 16.105  11.195  13.408  1.00 37.36 ? 44  PRO B CB  1 
ATOM   1097 C CG  . PRO B 1 44 ? 17.157  12.247  13.488  1.00 37.46 ? 44  PRO B CG  1 
ATOM   1098 C CD  . PRO B 1 44 ? 16.552  13.473  12.890  1.00 37.92 ? 44  PRO B CD  1 
ATOM   1099 N N   . LYS B 1 45 ? 13.182  10.320  11.898  1.00 36.68 ? 45  LYS B N   1 
ATOM   1100 C CA  . LYS B 1 45 ? 11.796  9.936   12.138  1.00 36.86 ? 45  LYS B CA  1 
ATOM   1101 C C   . LYS B 1 45 ? 11.669  8.414   12.189  1.00 36.42 ? 45  LYS B C   1 
ATOM   1102 O O   . LYS B 1 45 ? 12.543  7.681   11.712  1.00 36.44 ? 45  LYS B O   1 
ATOM   1103 C CB  . LYS B 1 45 ? 10.890  10.504  11.050  1.00 37.09 ? 45  LYS B CB  1 
ATOM   1104 N N   . MET B 1 46 ? 10.585  7.940   12.796  1.00 35.75 ? 46  MET B N   1 
ATOM   1105 C CA  . MET B 1 46 ? 10.251  6.522   12.738  1.00 35.72 ? 46  MET B CA  1 
ATOM   1106 C C   . MET B 1 46 ? 8.869   6.341   12.126  1.00 35.56 ? 46  MET B C   1 
ATOM   1107 O O   . MET B 1 46 ? 7.957   7.119   12.425  1.00 35.45 ? 46  MET B O   1 
ATOM   1108 C CB  . MET B 1 46 ? 10.298  5.906   14.135  1.00 35.48 ? 46  MET B CB  1 
ATOM   1109 C CG  . MET B 1 46 ? 11.697  5.872   14.737  1.00 35.72 ? 46  MET B CG  1 
ATOM   1110 S SD  . MET B 1 46 ? 11.740  5.096   16.363  1.00 36.32 ? 46  MET B SD  1 
ATOM   1111 C CE  . MET B 1 46 ? 11.255  3.420   15.958  1.00 35.88 ? 46  MET B CE  1 
ATOM   1112 N N   . ILE B 1 47 ? 8.726   5.329   11.273  1.00 35.07 ? 47  ILE B N   1 
ATOM   1113 C CA  . ILE B 1 47 ? 7.440   4.977   10.666  1.00 35.21 ? 47  ILE B CA  1 
ATOM   1114 C C   . ILE B 1 47 ? 7.197   3.477   10.765  1.00 34.88 ? 47  ILE B C   1 
ATOM   1115 O O   . ILE B 1 47 ? 8.132   2.680   10.810  1.00 34.04 ? 47  ILE B O   1 
ATOM   1116 C CB  . ILE B 1 47 ? 7.332   5.380   9.173   1.00 35.29 ? 47  ILE B CB  1 
ATOM   1117 C CG1 . ILE B 1 47 ? 8.401   4.673   8.331   1.00 35.44 ? 47  ILE B CG1 1 
ATOM   1118 C CG2 . ILE B 1 47 ? 7.398   6.888   9.024   1.00 36.40 ? 47  ILE B CG2 1 
ATOM   1119 C CD1 . ILE B 1 47 ? 8.242   4.884   6.839   1.00 35.97 ? 47  ILE B CD1 1 
ATOM   1120 N N   . GLY B 1 48 ? 5.923   3.107   10.765  1.00 35.07 ? 48  GLY B N   1 
ATOM   1121 C CA  . GLY B 1 48 ? 5.524   1.738   11.029  1.00 34.93 ? 48  GLY B CA  1 
ATOM   1122 C C   . GLY B 1 48 ? 4.777   1.133   9.862   1.00 34.71 ? 48  GLY B C   1 
ATOM   1123 O O   . GLY B 1 48 ? 3.979   1.795   9.201   1.00 34.52 ? 48  GLY B O   1 
ATOM   1124 N N   . GLY B 1 49 ? 5.055   -0.142  9.620   1.00 34.38 ? 49  GLY B N   1 
ATOM   1125 C CA  . GLY B 1 49 ? 4.304   -0.917  8.650   1.00 34.40 ? 49  GLY B CA  1 
ATOM   1126 C C   . GLY B 1 49 ? 3.935   -2.275  9.202   1.00 33.91 ? 49  GLY B C   1 
ATOM   1127 O O   . GLY B 1 49 ? 3.909   -2.479  10.419  1.00 33.87 ? 49  GLY B O   1 
ATOM   1128 N N   A ILE B 1 50 ? 3.714   -3.236  8.311   0.50 33.88 ? 50  ILE B N   1 
ATOM   1129 N N   B ILE B 1 50 ? 3.559   -3.174  8.298   0.50 33.74 ? 50  ILE B N   1 
ATOM   1130 C CA  A ILE B 1 50 ? 3.202   -4.536  8.728   0.50 33.65 ? 50  ILE B CA  1 
ATOM   1131 C CA  B ILE B 1 50 ? 3.517   -4.594  8.621   0.50 33.43 ? 50  ILE B CA  1 
ATOM   1132 C C   A ILE B 1 50 ? 4.211   -5.293  9.585   0.50 33.46 ? 50  ILE B C   1 
ATOM   1133 C C   B ILE B 1 50 ? 4.968   -4.973  8.878   0.50 33.19 ? 50  ILE B C   1 
ATOM   1134 O O   A ILE B 1 50 ? 3.825   -5.986  10.527  0.50 33.32 ? 50  ILE B O   1 
ATOM   1135 O O   B ILE B 1 50 ? 5.874   -4.557  8.159   0.50 32.94 ? 50  ILE B O   1 
ATOM   1136 C CB  A ILE B 1 50 ? 2.753   -5.410  7.533   0.50 33.58 ? 50  ILE B CB  1 
ATOM   1137 C CB  B ILE B 1 50 ? 2.888   -5.454  7.497   0.50 33.36 ? 50  ILE B CB  1 
ATOM   1138 C CG1 A ILE B 1 50 ? 1.381   -6.019  7.832   0.50 33.41 ? 50  ILE B CG1 1 
ATOM   1139 C CG1 B ILE B 1 50 ? 1.487   -5.909  7.907   0.50 33.17 ? 50  ILE B CG1 1 
ATOM   1140 C CG2 A ILE B 1 50 ? 3.766   -6.512  7.231   0.50 34.05 ? 50  ILE B CG2 1 
ATOM   1141 C CG2 B ILE B 1 50 ? 3.720   -6.704  7.215   0.50 33.89 ? 50  ILE B CG2 1 
ATOM   1142 C CD1 A ILE B 1 50 ? 0.849   -6.947  6.757   0.50 33.60 ? 50  ILE B CD1 1 
ATOM   1143 C CD1 B ILE B 1 50 ? 0.733   -6.703  6.846   0.50 33.44 ? 50  ILE B CD1 1 
ATOM   1144 N N   A GLY B 1 51 ? 5.494   -5.162  9.259   0.50 33.15 ? 51  GLY B N   1 
ATOM   1145 N N   B GLY B 1 51 ? 5.198   -5.751  9.925   0.50 33.52 ? 51  GLY B N   1 
ATOM   1146 C CA  A GLY B 1 51 ? 6.531   -5.917  9.961   0.50 33.50 ? 51  GLY B CA  1 
ATOM   1147 C CA  B GLY B 1 51 ? 6.558   -6.141  10.243  0.50 33.57 ? 51  GLY B CA  1 
ATOM   1148 C C   A GLY B 1 51 ? 7.104   -5.234  11.190  0.50 33.46 ? 51  GLY B C   1 
ATOM   1149 C C   B GLY B 1 51 ? 7.175   -5.223  11.277  0.50 33.59 ? 51  GLY B C   1 
ATOM   1150 O O   A GLY B 1 51 ? 7.952   -5.799  11.877  0.50 33.58 ? 51  GLY B O   1 
ATOM   1151 O O   B GLY B 1 51 ? 8.158   -5.605  11.910  0.50 33.84 ? 51  GLY B O   1 
ATOM   1152 N N   . GLY B 1 52 ? 6.631   -4.021  11.457  1.00 33.61 ? 52  GLY B N   1 
ATOM   1153 C CA  . GLY B 1 52 ? 7.061   -3.180  12.575  1.00 33.69 ? 52  GLY B CA  1 
ATOM   1154 C C   . GLY B 1 52 ? 7.581   -1.817  12.161  1.00 33.62 ? 52  GLY B C   1 
ATOM   1155 O O   . GLY B 1 52 ? 7.255   -1.323  11.083  1.00 33.04 ? 52  GLY B O   1 
ATOM   1156 N N   . PHE B 1 53 ? 8.420   -1.220  13.004  1.00 33.57 ? 53  PHE B N   1 
ATOM   1157 C CA  . PHE B 1 53 ? 8.909   0.138   12.757  1.00 34.03 ? 53  PHE B CA  1 
ATOM   1158 C C   . PHE B 1 53 ? 10.319  0.177   12.192  1.00 34.07 ? 53  PHE B C   1 
ATOM   1159 O O   . PHE B 1 53 ? 11.130  -0.711  12.451  1.00 33.48 ? 53  PHE B O   1 
ATOM   1160 C CB  . PHE B 1 53 ? 8.850   0.983   14.030  1.00 34.68 ? 53  PHE B CB  1 
ATOM   1161 C CG  . PHE B 1 53 ? 7.469   1.427   14.369  1.00 35.30 ? 53  PHE B CG  1 
ATOM   1162 C CD1 . PHE B 1 53 ? 6.567   0.532   14.921  1.00 36.70 ? 53  PHE B CD1 1 
ATOM   1163 C CD2 . PHE B 1 53 ? 7.053   2.718   14.094  1.00 36.34 ? 53  PHE B CD2 1 
ATOM   1164 C CE1 . PHE B 1 53 ? 5.270   0.919   15.199  1.00 36.00 ? 53  PHE B CE1 1 
ATOM   1165 C CE2 . PHE B 1 53 ? 5.762   3.114   14.391  1.00 36.99 ? 53  PHE B CE2 1 
ATOM   1166 C CZ  . PHE B 1 53 ? 4.873   2.214   14.942  1.00 36.11 ? 53  PHE B CZ  1 
ATOM   1167 N N   . ILE B 1 54 ? 10.584  1.218   11.408  1.00 33.92 ? 54  ILE B N   1 
ATOM   1168 C CA  . ILE B 1 54 ? 11.928  1.516   10.923  1.00 34.03 ? 54  ILE B CA  1 
ATOM   1169 C C   . ILE B 1 54 ? 12.299  2.975   11.201  1.00 34.08 ? 54  ILE B C   1 
ATOM   1170 O O   . ILE B 1 54 ? 11.434  3.831   11.430  1.00 34.10 ? 54  ILE B O   1 
ATOM   1171 C CB  . ILE B 1 54 ? 12.096  1.211   9.408   1.00 34.03 ? 54  ILE B CB  1 
ATOM   1172 C CG1 . ILE B 1 54 ? 11.107  2.013   8.560   1.00 34.98 ? 54  ILE B CG1 1 
ATOM   1173 C CG2 . ILE B 1 54 ? 11.903  -0.270  9.125   1.00 32.98 ? 54  ILE B CG2 1 
ATOM   1174 C CD1 . ILE B 1 54 ? 11.466  2.047   7.077   1.00 34.79 ? 54  ILE B CD1 1 
ATOM   1175 N N   . LYS B 1 55 ? 13.603  3.234   11.177  1.00 33.81 ? 55  LYS B N   1 
ATOM   1176 C CA  . LYS B 1 55 ? 14.160  4.584   11.272  1.00 33.94 ? 55  LYS B CA  1 
ATOM   1177 C C   . LYS B 1 55 ? 14.321  5.152   9.865   1.00 33.75 ? 55  LYS B C   1 
ATOM   1178 O O   . LYS B 1 55 ? 14.868  4.495   8.974   1.00 33.58 ? 55  LYS B O   1 
ATOM   1179 C CB  . LYS B 1 55 ? 15.524  4.559   11.977  1.00 33.71 ? 55  LYS B CB  1 
ATOM   1180 C CG  . LYS B 1 55 ? 15.440  4.274   13.479  1.00 34.06 ? 55  LYS B CG  1 
ATOM   1181 C CD  . LYS B 1 55 ? 16.790  3.934   14.099  1.00 34.39 ? 55  LYS B CD  1 
ATOM   1182 C CE  . LYS B 1 55 ? 17.670  5.161   14.269  1.00 34.20 ? 55  LYS B CE  1 
ATOM   1183 N NZ  . LYS B 1 55 ? 19.061  4.801   14.652  1.00 33.65 ? 55  LYS B NZ  1 
ATOM   1184 N N   . VAL B 1 56 ? 13.833  6.373   9.669   1.00 34.00 ? 56  VAL B N   1 
ATOM   1185 C CA  . VAL B 1 56 ? 13.961  7.043   8.382   1.00 34.52 ? 56  VAL B CA  1 
ATOM   1186 C C   . VAL B 1 56 ? 14.497  8.457   8.564   1.00 34.87 ? 56  VAL B C   1 
ATOM   1187 O O   . VAL B 1 56 ? 14.501  8.984   9.675   1.00 34.91 ? 56  VAL B O   1 
ATOM   1188 C CB  . VAL B 1 56 ? 12.629  7.054   7.592   1.00 34.22 ? 56  VAL B CB  1 
ATOM   1189 C CG1 . VAL B 1 56 ? 12.223  5.641   7.249   1.00 33.62 ? 56  VAL B CG1 1 
ATOM   1190 C CG2 . VAL B 1 56 ? 11.517  7.765   8.348   1.00 34.51 ? 56  VAL B CG2 1 
ATOM   1191 N N   . ARG B 1 57 ? 14.966  9.044   7.464   1.00 35.68 ? 57  ARG B N   1 
ATOM   1192 C CA  . ARG B 1 57 ? 15.362  10.446  7.411   1.00 36.22 ? 57  ARG B CA  1 
ATOM   1193 C C   . ARG B 1 57 ? 14.267  11.219  6.679   1.00 36.43 ? 57  ARG B C   1 
ATOM   1194 O O   . ARG B 1 57 ? 13.934  10.881  5.545   1.00 35.67 ? 57  ARG B O   1 
ATOM   1195 C CB  . ARG B 1 57 ? 16.698  10.585  6.672   1.00 36.15 ? 57  ARG B CB  1 
ATOM   1196 C CG  . ARG B 1 57 ? 17.762  9.612   7.174   1.00 37.36 ? 57  ARG B CG  1 
ATOM   1197 C CD  . ARG B 1 57 ? 19.165  10.016  6.752   1.00 37.95 ? 57  ARG B CD  1 
ATOM   1198 N NE  . ARG B 1 57 ? 19.263  10.254  5.319   1.00 40.63 ? 57  ARG B NE  1 
ATOM   1199 C CZ  . ARG B 1 57 ? 19.688  9.370   4.420   1.00 42.38 ? 57  ARG B CZ  1 
ATOM   1200 N NH1 . ARG B 1 57 ? 20.065  8.151   4.787   1.00 43.41 ? 57  ARG B NH1 1 
ATOM   1201 N NH2 . ARG B 1 57 ? 19.734  9.697   3.137   1.00 43.49 ? 57  ARG B NH2 1 
ATOM   1202 N N   . GLN B 1 58 ? 13.709  12.245  7.319   1.00 37.07 ? 58  GLN B N   1 
ATOM   1203 C CA  . GLN B 1 58 ? 12.630  13.031  6.715   1.00 37.63 ? 58  GLN B CA  1 
ATOM   1204 C C   . GLN B 1 58 ? 13.167  14.304  6.058   1.00 38.04 ? 58  GLN B C   1 
ATOM   1205 O O   . GLN B 1 58 ? 13.732  15.177  6.725   1.00 37.24 ? 58  GLN B O   1 
ATOM   1206 C CB  . GLN B 1 58 ? 11.552  13.362  7.750   1.00 37.85 ? 58  GLN B CB  1 
ATOM   1207 C CG  . GLN B 1 58 ? 10.440  14.274  7.236   1.00 37.41 ? 58  GLN B CG  1 
ATOM   1208 C CD  . GLN B 1 58 ? 9.448   14.641  8.323   1.00 38.05 ? 58  GLN B CD  1 
ATOM   1209 O OE1 . GLN B 1 58 ? 9.181   13.847  9.221   1.00 39.28 ? 58  GLN B OE1 1 
ATOM   1210 N NE2 . GLN B 1 58 ? 8.891   15.842  8.245   1.00 37.87 ? 58  GLN B NE2 1 
ATOM   1211 N N   . TYR B 1 59 ? 13.007  14.361  4.737   1.00 38.46 ? 59  TYR B N   1 
ATOM   1212 C CA  . TYR B 1 59 ? 13.297  15.541  3.933   1.00 38.83 ? 59  TYR B CA  1 
ATOM   1213 C C   . TYR B 1 59 ? 11.983  16.220  3.559   1.00 39.08 ? 59  TYR B C   1 
ATOM   1214 O O   . TYR B 1 59 ? 11.103  15.601  2.975   1.00 39.20 ? 59  TYR B O   1 
ATOM   1215 C CB  . TYR B 1 59 ? 14.026  15.155  2.639   1.00 39.08 ? 59  TYR B CB  1 
ATOM   1216 C CG  . TYR B 1 59 ? 15.407  14.583  2.861   1.00 39.04 ? 59  TYR B CG  1 
ATOM   1217 C CD1 . TYR B 1 59 ? 15.584  13.227  3.108   1.00 39.51 ? 59  TYR B CD1 1 
ATOM   1218 C CD2 . TYR B 1 59 ? 16.532  15.401  2.847   1.00 38.60 ? 59  TYR B CD2 1 
ATOM   1219 C CE1 . TYR B 1 59 ? 16.846  12.700  3.323   1.00 38.84 ? 59  TYR B CE1 1 
ATOM   1220 C CE2 . TYR B 1 59 ? 17.796  14.882  3.065   1.00 38.72 ? 59  TYR B CE2 1 
ATOM   1221 C CZ  . TYR B 1 59 ? 17.943  13.532  3.299   1.00 38.23 ? 59  TYR B CZ  1 
ATOM   1222 O OH  . TYR B 1 59 ? 19.189  13.006  3.513   1.00 39.42 ? 59  TYR B OH  1 
ATOM   1223 N N   . ASP B 1 60 ? 11.854  17.501  3.875   1.00 38.73 ? 60  ASP B N   1 
ATOM   1224 C CA  . ASP B 1 60 ? 10.636  18.219  3.542   1.00 39.13 ? 60  ASP B CA  1 
ATOM   1225 C C   . ASP B 1 60 ? 10.807  18.981  2.226   1.00 38.88 ? 60  ASP B C   1 
ATOM   1226 O O   . ASP B 1 60 ? 11.919  19.342  1.839   1.00 38.40 ? 60  ASP B O   1 
ATOM   1227 C CB  . ASP B 1 60 ? 10.248  19.170  4.681   1.00 39.17 ? 60  ASP B CB  1 
ATOM   1228 C CG  . ASP B 1 60 ? 9.736   18.440  5.915   1.00 40.09 ? 60  ASP B CG  1 
ATOM   1229 O OD1 . ASP B 1 60 ? 9.148   17.344  5.798   1.00 40.14 ? 60  ASP B OD1 1 
ATOM   1230 O OD2 . ASP B 1 60 ? 9.904   18.981  7.027   1.00 41.82 ? 60  ASP B OD2 1 
ATOM   1231 N N   . GLN B 1 61 ? 9.692   19.227  1.545   1.00 39.27 ? 61  GLN B N   1 
ATOM   1232 C CA  . GLN B 1 61 ? 9.661   20.141  0.405   1.00 39.53 ? 61  GLN B CA  1 
ATOM   1233 C C   . GLN B 1 61 ? 10.563  19.692  -0.734  1.00 39.31 ? 61  GLN B C   1 
ATOM   1234 O O   . GLN B 1 61 ? 11.317  20.499  -1.289  1.00 39.22 ? 61  GLN B O   1 
ATOM   1235 C CB  . GLN B 1 61 ? 10.074  21.550  0.840   1.00 40.02 ? 61  GLN B CB  1 
ATOM   1236 C CG  . GLN B 1 61 ? 8.984   22.342  1.513   1.00 41.89 ? 61  GLN B CG  1 
ATOM   1237 C CD  . GLN B 1 61 ? 8.257   23.223  0.527   1.00 43.67 ? 61  GLN B CD  1 
ATOM   1238 O OE1 . GLN B 1 61 ? 8.400   24.451  0.531   1.00 44.73 ? 61  GLN B OE1 1 
ATOM   1239 N NE2 . GLN B 1 61 ? 7.490   22.590  -0.350  1.00 44.79 ? 61  GLN B NE2 1 
ATOM   1240 N N   . ILE B 1 62 ? 10.480  18.410  -1.077  1.00 38.92 ? 62  ILE B N   1 
ATOM   1241 C CA  . ILE B 1 62 ? 11.343  17.827  -2.100  1.00 38.90 ? 62  ILE B CA  1 
ATOM   1242 C C   . ILE B 1 62 ? 10.581  17.646  -3.401  1.00 38.58 ? 62  ILE B C   1 
ATOM   1243 O O   . ILE B 1 62 ? 9.582   16.918  -3.437  1.00 37.75 ? 62  ILE B O   1 
ATOM   1244 C CB  . ILE B 1 62 ? 11.895  16.455  -1.682  1.00 38.79 ? 62  ILE B CB  1 
ATOM   1245 C CG1 . ILE B 1 62 ? 12.782  16.584  -0.444  1.00 38.39 ? 62  ILE B CG1 1 
ATOM   1246 C CG2 . ILE B 1 62 ? 12.625  15.805  -2.846  1.00 39.67 ? 62  ILE B CG2 1 
ATOM   1247 C CD1 . ILE B 1 62 ? 14.009  17.457  -0.593  1.00 39.94 ? 62  ILE B CD1 1 
ATOM   1248 N N   . PRO B 1 63 ? 11.035  18.325  -4.468  1.00 38.56 ? 63  PRO B N   1 
ATOM   1249 C CA  . PRO B 1 63 ? 10.446  18.086  -5.785  1.00 38.89 ? 63  PRO B CA  1 
ATOM   1250 C C   . PRO B 1 63 ? 10.665  16.667  -6.318  1.00 39.24 ? 63  PRO B C   1 
ATOM   1251 O O   . PRO B 1 63 ? 11.792  16.169  -6.328  1.00 38.62 ? 63  PRO B O   1 
ATOM   1252 C CB  . PRO B 1 63 ? 11.138  19.125  -6.675  1.00 38.88 ? 63  PRO B CB  1 
ATOM   1253 C CG  . PRO B 1 63 ? 11.636  20.174  -5.722  1.00 38.15 ? 63  PRO B CG  1 
ATOM   1254 C CD  . PRO B 1 63 ? 12.040  19.403  -4.511  1.00 38.42 ? 63  PRO B CD  1 
ATOM   1255 N N   . ILE B 1 64 ? 9.579   16.023  -6.736  1.00 39.73 ? 64  ILE B N   1 
ATOM   1256 C CA  . ILE B 1 64 ? 9.625   14.718  -7.401  1.00 39.50 ? 64  ILE B CA  1 
ATOM   1257 C C   . ILE B 1 64 ? 8.640   14.803  -8.560  1.00 39.73 ? 64  ILE B C   1 
ATOM   1258 O O   . ILE B 1 64 ? 7.557   15.368  -8.413  1.00 39.35 ? 64  ILE B O   1 
ATOM   1259 C CB  . ILE B 1 64 ? 9.172   13.543  -6.506  1.00 39.98 ? 64  ILE B CB  1 
ATOM   1260 C CG1 . ILE B 1 64 ? 10.055  13.393  -5.273  1.00 40.08 ? 64  ILE B CG1 1 
ATOM   1261 C CG2 . ILE B 1 64 ? 9.224   12.218  -7.262  1.00 40.01 ? 64  ILE B CG2 1 
ATOM   1262 C CD1 . ILE B 1 64 ? 9.697   12.187  -4.435  1.00 40.03 ? 64  ILE B CD1 1 
ATOM   1263 N N   . GLU B 1 65 ? 9.040   14.273  -9.711  1.00 39.48 ? 65  GLU B N   1 
ATOM   1264 C CA  . GLU B 1 65 ? 8.154   14.174  -10.868 1.00 39.20 ? 65  GLU B CA  1 
ATOM   1265 C C   . GLU B 1 65 ? 7.759   12.705  -10.996 1.00 38.78 ? 65  GLU B C   1 
ATOM   1266 O O   . GLU B 1 65 ? 8.613   11.846  -11.154 1.00 39.42 ? 65  GLU B O   1 
ATOM   1267 C CB  . GLU B 1 65 ? 8.854   14.697  -12.123 1.00 39.12 ? 65  GLU B CB  1 
ATOM   1268 C CG  . GLU B 1 65 ? 8.127   14.431  -13.431 1.00 39.97 ? 65  GLU B CG  1 
ATOM   1269 C CD  . GLU B 1 65 ? 8.812   15.071  -14.625 1.00 40.28 ? 65  GLU B CD  1 
ATOM   1270 O OE1 . GLU B 1 65 ? 9.021   16.304  -14.610 1.00 41.78 ? 65  GLU B OE1 1 
ATOM   1271 O OE2 . GLU B 1 65 ? 9.150   14.340  -15.582 1.00 42.65 ? 65  GLU B OE2 1 
ATOM   1272 N N   . ILE B 1 66 ? 6.464   12.423  -10.894 1.00 38.11 ? 66  ILE B N   1 
ATOM   1273 C CA  . ILE B 1 66 ? 5.966   11.057  -10.795 1.00 37.75 ? 66  ILE B CA  1 
ATOM   1274 C C   . ILE B 1 66 ? 5.205   10.792  -12.081 1.00 37.43 ? 66  ILE B C   1 
ATOM   1275 O O   . ILE B 1 66 ? 4.123   11.340  -12.292 1.00 37.28 ? 66  ILE B O   1 
ATOM   1276 C CB  . ILE B 1 66 ? 5.008   10.893  -9.590  1.00 37.26 ? 66  ILE B CB  1 
ATOM   1277 C CG1 . ILE B 1 66 ? 5.718   11.247  -8.280  1.00 37.12 ? 66  ILE B CG1 1 
ATOM   1278 C CG2 . ILE B 1 66 ? 4.458   9.476   -9.513  1.00 37.83 ? 66  ILE B CG2 1 
ATOM   1279 C CD1 . ILE B 1 66 ? 4.788   11.654  -7.147  1.00 37.36 ? 66  ILE B CD1 1 
ATOM   1280 N N   . CYS B 1 67 ? 5.781   9.969   -12.947 1.00 37.39 ? 67  CYS B N   1 
ATOM   1281 C CA  . CYS B 1 67 ? 5.126   9.628   -14.197 1.00 37.26 ? 67  CYS B CA  1 
ATOM   1282 C C   . CYS B 1 67 ? 4.688   10.906  -14.928 1.00 36.79 ? 67  CYS B C   1 
ATOM   1283 O O   . CYS B 1 67 ? 3.569   11.006  -15.424 1.00 36.17 ? 67  CYS B O   1 
ATOM   1284 C CB  . CYS B 1 67 ? 3.937   8.711   -13.895 1.00 37.16 ? 67  CYS B CB  1 
ATOM   1285 S SG  . CYS B 1 67 ? 3.375   7.799   -15.321 1.00 38.46 ? 67  CYS B SG  1 
ATOM   1286 N N   . GLY B 1 68 ? 5.583   11.888  -14.980 1.00 36.32 ? 68  GLY B N   1 
ATOM   1287 C CA  . GLY B 1 68 ? 5.335   13.142  -15.687 1.00 36.32 ? 68  GLY B CA  1 
ATOM   1288 C C   . GLY B 1 68 ? 4.571   14.212  -14.927 1.00 36.19 ? 68  GLY B C   1 
ATOM   1289 O O   . GLY B 1 68 ? 4.355   15.299  -15.465 1.00 36.11 ? 68  GLY B O   1 
ATOM   1290 N N   . HIS B 1 69 ? 4.159   13.920  -13.694 1.00 35.89 ? 69  HIS B N   1 
ATOM   1291 C CA  . HIS B 1 69 ? 3.403   14.864  -12.867 1.00 35.68 ? 69  HIS B CA  1 
ATOM   1292 C C   . HIS B 1 69 ? 4.264   15.373  -11.718 1.00 35.70 ? 69  HIS B C   1 
ATOM   1293 O O   . HIS B 1 69 ? 4.947   14.599  -11.044 1.00 35.47 ? 69  HIS B O   1 
ATOM   1294 C CB  . HIS B 1 69 ? 2.140   14.205  -12.305 1.00 36.09 ? 69  HIS B CB  1 
ATOM   1295 C CG  . HIS B 1 69 ? 1.119   13.874  -13.349 1.00 35.45 ? 69  HIS B CG  1 
ATOM   1296 N ND1 . HIS B 1 69 ? -0.134  14.445  -13.376 1.00 36.03 ? 69  HIS B ND1 1 
ATOM   1297 C CD2 . HIS B 1 69 ? 1.180   13.051  -14.422 1.00 36.44 ? 69  HIS B CD2 1 
ATOM   1298 C CE1 . HIS B 1 69 ? -0.810  13.973  -14.408 1.00 35.46 ? 69  HIS B CE1 1 
ATOM   1299 N NE2 . HIS B 1 69 ? -0.034  13.129  -15.064 1.00 34.20 ? 69  HIS B NE2 1 
ATOM   1300 N N   . LYS B 1 70 ? 4.222   16.682  -11.497 1.00 35.57 ? 70  LYS B N   1 
ATOM   1301 C CA  . LYS B 1 70 ? 5.094   17.330  -10.525 1.00 35.50 ? 70  LYS B CA  1 
ATOM   1302 C C   . LYS B 1 70 ? 4.479   17.310  -9.134  1.00 35.56 ? 70  LYS B C   1 
ATOM   1303 O O   . LYS B 1 70 ? 3.313   17.669  -8.937  1.00 35.54 ? 70  LYS B O   1 
ATOM   1304 C CB  . LYS B 1 70 ? 5.407   18.759  -10.957 1.00 35.51 ? 70  LYS B CB  1 
ATOM   1305 N N   . ALA B 1 71 ? 5.278   16.878  -8.166  1.00 35.07 ? 71  ALA B N   1 
ATOM   1306 C CA  . ALA B 1 71 ? 4.918   17.016  -6.761  1.00 34.49 ? 71  ALA B CA  1 
ATOM   1307 C C   . ALA B 1 71 ? 6.081   17.707  -6.068  1.00 34.70 ? 71  ALA B C   1 
ATOM   1308 O O   . ALA B 1 71 ? 7.212   17.671  -6.558  1.00 33.85 ? 71  ALA B O   1 
ATOM   1309 C CB  . ALA B 1 71 ? 4.677   15.662  -6.142  1.00 34.48 ? 71  ALA B CB  1 
ATOM   1310 N N   . ILE B 1 72 ? 5.784   18.373  -4.958  1.00 34.27 ? 72  ILE B N   1 
ATOM   1311 C CA  . ILE B 1 72 ? 6.821   18.878  -4.065  1.00 34.00 ? 72  ILE B CA  1 
ATOM   1312 C C   . ILE B 1 72 ? 6.332   18.614  -2.652  1.00 33.79 ? 72  ILE B C   1 
ATOM   1313 O O   . ILE B 1 72 ? 5.352   19.217  -2.212  1.00 33.94 ? 72  ILE B O   1 
ATOM   1314 C CB  . ILE B 1 72 ? 7.080   20.391  -4.231  1.00 33.70 ? 72  ILE B CB  1 
ATOM   1315 C CG1 . ILE B 1 72 ? 7.294   20.763  -5.700  1.00 34.23 ? 72  ILE B CG1 1 
ATOM   1316 C CG2 . ILE B 1 72 ? 8.282   20.810  -3.396  1.00 34.47 ? 72  ILE B CG2 1 
ATOM   1317 C CD1 . ILE B 1 72 ? 7.395   22.260  -5.953  1.00 33.98 ? 72  ILE B CD1 1 
ATOM   1318 N N   . GLY B 1 73 ? 6.998   17.702  -1.949  1.00 33.76 ? 73  GLY B N   1 
ATOM   1319 C CA  . GLY B 1 73 ? 6.590   17.364  -0.594  1.00 33.91 ? 73  GLY B CA  1 
ATOM   1320 C C   . GLY B 1 73 ? 7.575   16.533  0.202   1.00 33.88 ? 73  GLY B C   1 
ATOM   1321 O O   . GLY B 1 73 ? 8.739   16.385  -0.162  1.00 33.51 ? 73  GLY B O   1 
ATOM   1322 N N   . THR B 1 74 ? 7.061   15.976  1.294   1.00 34.76 ? 74  THR B N   1 
ATOM   1323 C CA  . THR B 1 74 ? 7.851   15.216  2.252   1.00 34.45 ? 74  THR B CA  1 
ATOM   1324 C C   . THR B 1 74 ? 8.226   13.846  1.703   1.00 34.98 ? 74  THR B C   1 
ATOM   1325 O O   . THR B 1 74 ? 7.398   13.111  1.154   1.00 34.97 ? 74  THR B O   1 
ATOM   1326 C CB  . THR B 1 74 ? 7.110   15.114  3.592   1.00 34.65 ? 74  THR B CB  1 
ATOM   1327 O OG1 . THR B 1 74 ? 6.977   16.433  4.130   1.00 33.05 ? 74  THR B OG1 1 
ATOM   1328 C CG2 . THR B 1 74 ? 7.854   14.242  4.597   1.00 35.21 ? 74  THR B CG2 1 
ATOM   1329 N N   . VAL B 1 75 ? 9.509   13.537  1.836   1.00 34.68 ? 75  VAL B N   1 
ATOM   1330 C CA  . VAL B 1 75 ? 10.063  12.293  1.334   1.00 34.94 ? 75  VAL B CA  1 
ATOM   1331 C C   . VAL B 1 75 ? 10.870  11.687  2.468   1.00 34.93 ? 75  VAL B C   1 
ATOM   1332 O O   . VAL B 1 75 ? 11.706  12.369  3.061   1.00 34.49 ? 75  VAL B O   1 
ATOM   1333 C CB  . VAL B 1 75 ? 10.984  12.556  0.130   1.00 35.41 ? 75  VAL B CB  1 
ATOM   1334 C CG1 . VAL B 1 75 ? 11.726  11.294  -0.265  1.00 36.11 ? 75  VAL B CG1 1 
ATOM   1335 C CG2 . VAL B 1 75 ? 10.171  13.083  -1.035  1.00 36.20 ? 75  VAL B CG2 1 
ATOM   1336 N N   . LEU B 1 76 ? 10.592  10.420  2.760   1.00 34.69 ? 76  LEU B N   1 
ATOM   1337 C CA  . LEU B 1 76 ? 11.285  9.689   3.809   1.00 34.73 ? 76  LEU B CA  1 
ATOM   1338 C C   . LEU B 1 76 ? 12.273  8.748   3.136   1.00 34.76 ? 76  LEU B C   1 
ATOM   1339 O O   . LEU B 1 76 ? 11.952  8.111   2.130   1.00 34.54 ? 76  LEU B O   1 
ATOM   1340 C CB  . LEU B 1 76 ? 10.293  8.908   4.672   1.00 34.10 ? 76  LEU B CB  1 
ATOM   1341 C CG  . LEU B 1 76 ? 9.128   9.731   5.226   1.00 33.87 ? 76  LEU B CG  1 
ATOM   1342 C CD1 . LEU B 1 76 ? 8.206   8.836   6.035   1.00 34.53 ? 76  LEU B CD1 1 
ATOM   1343 C CD2 . LEU B 1 76 ? 9.630   10.901  6.079   1.00 34.28 ? 76  LEU B CD2 1 
ATOM   1344 N N   . VAL B 1 77 ? 13.482  8.698   3.685   1.00 34.55 ? 77  VAL B N   1 
ATOM   1345 C CA  . VAL B 1 77 ? 14.534  7.848   3.149   1.00 35.33 ? 77  VAL B CA  1 
ATOM   1346 C C   . VAL B 1 77 ? 14.959  6.879   4.238   1.00 35.13 ? 77  VAL B C   1 
ATOM   1347 O O   . VAL B 1 77 ? 15.229  7.275   5.370   1.00 35.25 ? 77  VAL B O   1 
ATOM   1348 C CB  . VAL B 1 77 ? 15.731  8.675   2.654   1.00 35.40 ? 77  VAL B CB  1 
ATOM   1349 C CG1 . VAL B 1 77 ? 16.850  7.767   2.185   1.00 36.17 ? 77  VAL B CG1 1 
ATOM   1350 C CG2 . VAL B 1 77 ? 15.295  9.587   1.523   1.00 35.70 ? 77  VAL B CG2 1 
ATOM   1351 N N   . GLY B 1 78 ? 14.998  5.601   3.887   1.00 35.85 ? 78  GLY B N   1 
ATOM   1352 C CA  . GLY B 1 78 ? 15.394  4.566   4.833   1.00 35.92 ? 78  GLY B CA  1 
ATOM   1353 C C   . GLY B 1 78 ? 15.293  3.184   4.222   1.00 36.10 ? 78  GLY B C   1 
ATOM   1354 O O   . GLY B 1 78 ? 15.101  3.060   3.010   1.00 35.67 ? 78  GLY B O   1 
ATOM   1355 N N   . PRO B 1 79 ? 15.431  2.141   5.057   1.00 36.42 ? 79  PRO B N   1 
ATOM   1356 C CA  . PRO B 1 79 ? 15.466  0.750   4.604   1.00 36.73 ? 79  PRO B CA  1 
ATOM   1357 C C   . PRO B 1 79 ? 14.126  0.192   4.133   1.00 36.93 ? 79  PRO B C   1 
ATOM   1358 O O   . PRO B 1 79 ? 13.357  -0.357  4.918   1.00 37.50 ? 79  PRO B O   1 
ATOM   1359 C CB  . PRO B 1 79 ? 15.972  -0.007  5.836   1.00 36.71 ? 79  PRO B CB  1 
ATOM   1360 C CG  . PRO B 1 79 ? 15.536  0.819   6.988   1.00 36.79 ? 79  PRO B CG  1 
ATOM   1361 C CD  . PRO B 1 79 ? 15.621  2.244   6.516   1.00 36.66 ? 79  PRO B CD  1 
ATOM   1362 N N   . THR B 1 80 ? 13.861  0.321   2.839   1.00 37.40 ? 80  THR B N   1 
ATOM   1363 C CA  . THR B 1 80 ? 12.637  -0.205  2.244   1.00 37.01 ? 80  THR B CA  1 
ATOM   1364 C C   . THR B 1 80 ? 13.027  -1.117  1.081   1.00 37.40 ? 80  THR B C   1 
ATOM   1365 O O   . THR B 1 80 ? 14.024  -0.872  0.401   1.00 38.14 ? 80  THR B O   1 
ATOM   1366 C CB  . THR B 1 80 ? 11.692  0.930   1.796   1.00 37.48 ? 80  THR B CB  1 
ATOM   1367 O OG1 . THR B 1 80 ? 10.499  0.381   1.215   1.00 37.20 ? 80  THR B OG1 1 
ATOM   1368 C CG2 . THR B 1 80 ? 12.369  1.864   0.798   1.00 37.23 ? 80  THR B CG2 1 
ATOM   1369 N N   . PRO B 1 81 ? 12.278  -2.207  0.873   1.00 37.04 ? 81  PRO B N   1 
ATOM   1370 C CA  . PRO B 1 81 ? 12.515  -3.070  -0.280  1.00 36.72 ? 81  PRO B CA  1 
ATOM   1371 C C   . PRO B 1 81 ? 12.217  -2.417  -1.617  1.00 36.87 ? 81  PRO B C   1 
ATOM   1372 O O   . PRO B 1 81 ? 12.755  -2.829  -2.648  1.00 37.13 ? 81  PRO B O   1 
ATOM   1373 C CB  . PRO B 1 81 ? 11.545  -4.241  -0.072  1.00 37.10 ? 81  PRO B CB  1 
ATOM   1374 C CG  . PRO B 1 81 ? 10.961  -4.081  1.277   1.00 37.26 ? 81  PRO B CG  1 
ATOM   1375 C CD  . PRO B 1 81 ? 11.186  -2.689  1.737   1.00 37.33 ? 81  PRO B CD  1 
ATOM   1376 N N   . VAL B 1 82 ? 11.328  -1.431  -1.587  1.00 36.34 ? 82  VAL B N   1 
ATOM   1377 C CA  . VAL B 1 82 ? 10.813  -0.804  -2.790  1.00 35.83 ? 82  VAL B CA  1 
ATOM   1378 C C   . VAL B 1 82 ? 10.618  0.679   -2.504  1.00 34.97 ? 82  VAL B C   1 
ATOM   1379 O O   . VAL B 1 82 ? 10.251  1.067   -1.393  1.00 34.68 ? 82  VAL B O   1 
ATOM   1380 C CB  . VAL B 1 82 ? 9.456   -1.425  -3.186  1.00 35.66 ? 82  VAL B CB  1 
ATOM   1381 C CG1 . VAL B 1 82 ? 8.863   -0.706  -4.380  1.00 37.73 ? 82  VAL B CG1 1 
ATOM   1382 C CG2 . VAL B 1 82 ? 9.600   -2.895  -3.501  1.00 36.96 ? 82  VAL B CG2 1 
ATOM   1383 N N   . ASN B 1 83 ? 10.856  1.503   -3.517  1.00 34.45 ? 83  ASN B N   1 
ATOM   1384 C CA  . ASN B 1 83 ? 10.479  2.911   -3.471  1.00 34.10 ? 83  ASN B CA  1 
ATOM   1385 C C   . ASN B 1 83 ? 8.952   3.012   -3.459  1.00 33.81 ? 83  ASN B C   1 
ATOM   1386 O O   . ASN B 1 83 ? 8.261   2.406   -4.286  1.00 33.01 ? 83  ASN B O   1 
ATOM   1387 C CB  . ASN B 1 83 ? 11.078  3.668   -4.661  1.00 34.24 ? 83  ASN B CB  1 
ATOM   1388 C CG  . ASN B 1 83 ? 12.600  3.670   -4.664  1.00 34.26 ? 83  ASN B CG  1 
ATOM   1389 O OD1 . ASN B 1 83 ? 13.234  3.912   -3.639  1.00 36.85 ? 83  ASN B OD1 1 
ATOM   1390 N ND2 . ASN B 1 83 ? 13.193  3.413   -5.824  1.00 32.68 ? 83  ASN B ND2 1 
ATOM   1391 N N   . ILE B 1 84 ? 8.418   3.762   -2.501  1.00 33.43 ? 84  ILE B N   1 
ATOM   1392 C CA  . ILE B 1 84 ? 6.977   3.858   -2.311  1.00 32.66 ? 84  ILE B CA  1 
ATOM   1393 C C   . ILE B 1 84 ? 6.517   5.307   -2.420  1.00 31.97 ? 84  ILE B C   1 
ATOM   1394 O O   . ILE B 1 84 ? 7.011   6.186   -1.711  1.00 31.57 ? 84  ILE B O   1 
ATOM   1395 C CB  . ILE B 1 84 ? 6.573   3.283   -0.940  1.00 33.11 ? 84  ILE B CB  1 
ATOM   1396 C CG1 . ILE B 1 84 ? 6.867   1.780   -0.887  1.00 32.98 ? 84  ILE B CG1 1 
ATOM   1397 C CG2 . ILE B 1 84 ? 5.109   3.514   -0.667  1.00 33.96 ? 84  ILE B CG2 1 
ATOM   1398 C CD1 . ILE B 1 84 ? 7.215   1.307   0.493   1.00 34.00 ? 84  ILE B CD1 1 
ATOM   1399 N N   . ILE B 1 85 ? 5.573   5.540   -3.323  1.00 30.70 ? 85  ILE B N   1 
ATOM   1400 C CA  . ILE B 1 85 ? 4.885   6.812   -3.413  1.00 30.41 ? 85  ILE B CA  1 
ATOM   1401 C C   . ILE B 1 85 ? 3.568   6.704   -2.650  1.00 30.17 ? 85  ILE B C   1 
ATOM   1402 O O   . ILE B 1 85 ? 2.633   6.019   -3.084  1.00 30.54 ? 85  ILE B O   1 
ATOM   1403 C CB  . ILE B 1 85 ? 4.608   7.187   -4.875  1.00 30.16 ? 85  ILE B CB  1 
ATOM   1404 C CG1 . ILE B 1 85 ? 5.899   7.144   -5.708  1.00 30.53 ? 85  ILE B CG1 1 
ATOM   1405 C CG2 . ILE B 1 85 ? 3.915   8.539   -4.948  1.00 30.56 ? 85  ILE B CG2 1 
ATOM   1406 C CD1 . ILE B 1 85 ? 7.049   8.034   -5.220  1.00 30.55 ? 85  ILE B CD1 1 
ATOM   1407 N N   . GLY B 1 86 ? 3.495   7.406   -1.525  1.00 29.72 ? 86  GLY B N   1 
ATOM   1408 C CA  . GLY B 1 86 ? 2.331   7.351   -0.653  1.00 29.27 ? 86  GLY B CA  1 
ATOM   1409 C C   . GLY B 1 86 ? 1.349   8.481   -0.897  1.00 28.89 ? 86  GLY B C   1 
ATOM   1410 O O   . GLY B 1 86 ? 1.539   9.332   -1.770  1.00 28.79 ? 86  GLY B O   1 
ATOM   1411 N N   . ARG B 1 87 ? 0.294   8.493   -0.091  1.00 28.60 ? 87  ARG B N   1 
ATOM   1412 C CA  . ARG B 1 87 ? -0.829  9.399   -0.310  1.00 28.71 ? 87  ARG B CA  1 
ATOM   1413 C C   . ARG B 1 87 ? -0.430  10.871  -0.282  1.00 28.61 ? 87  ARG B C   1 
ATOM   1414 O O   . ARG B 1 87 ? -1.060  11.683  -0.945  1.00 28.35 ? 87  ARG B O   1 
ATOM   1415 C CB  . ARG B 1 87 ? -1.951  9.134   0.689   1.00 28.54 ? 87  ARG B CB  1 
ATOM   1416 C CG  . ARG B 1 87 ? -2.672  7.824   0.432   1.00 29.13 ? 87  ARG B CG  1 
ATOM   1417 C CD  . ARG B 1 87 ? -3.880  7.629   1.343   1.00 29.13 ? 87  ARG B CD  1 
ATOM   1418 N NE  . ARG B 1 87 ? -3.516  7.668   2.760   1.00 30.02 ? 87  ARG B NE  1 
ATOM   1419 C CZ  . ARG B 1 87 ? -3.671  8.724   3.556   1.00 29.59 ? 87  ARG B CZ  1 
ATOM   1420 N NH1 . ARG B 1 87 ? -4.194  9.860   3.112   1.00 26.86 ? 87  ARG B NH1 1 
ATOM   1421 N NH2 . ARG B 1 87 ? -3.283  8.639   4.818   1.00 30.94 ? 87  ARG B NH2 1 
ATOM   1422 N N   . ASN B 1 88 ? 0.604   11.223  0.473   1.00 28.58 ? 88  ASN B N   1 
ATOM   1423 C CA  . ASN B 1 88 ? 1.008   12.625  0.523   1.00 28.88 ? 88  ASN B CA  1 
ATOM   1424 C C   . ASN B 1 88 ? 1.364   13.170  -0.862  1.00 28.74 ? 88  ASN B C   1 
ATOM   1425 O O   . ASN B 1 88 ? 1.095   14.329  -1.161  1.00 28.97 ? 88  ASN B O   1 
ATOM   1426 C CB  . ASN B 1 88 ? 2.117   12.839  1.560   1.00 29.03 ? 88  ASN B CB  1 
ATOM   1427 C CG  . ASN B 1 88 ? 3.460   12.320  1.109   1.00 29.88 ? 88  ASN B CG  1 
ATOM   1428 O OD1 . ASN B 1 88 ? 3.602   11.155  0.728   1.00 30.73 ? 88  ASN B OD1 1 
ATOM   1429 N ND2 . ASN B 1 88 ? 4.463   13.191  1.155   1.00 27.94 ? 88  ASN B ND2 1 
ATOM   1430 N N   . LEU B 1 89 ? 1.927   12.331  -1.725  1.00 28.04 ? 89  LEU B N   1 
ATOM   1431 C CA  . LEU B 1 89 ? 2.266   12.754  -3.073  1.00 28.53 ? 89  LEU B CA  1 
ATOM   1432 C C   . LEU B 1 89 ? 1.236   12.300  -4.105  1.00 28.54 ? 89  LEU B C   1 
ATOM   1433 O O   . LEU B 1 89 ? 1.051   12.964  -5.125  1.00 28.80 ? 89  LEU B O   1 
ATOM   1434 C CB  . LEU B 1 89 ? 3.666   12.277  -3.448  1.00 28.69 ? 89  LEU B CB  1 
ATOM   1435 C CG  . LEU B 1 89 ? 4.774   12.771  -2.519  1.00 29.68 ? 89  LEU B CG  1 
ATOM   1436 C CD1 . LEU B 1 89 ? 6.141   12.417  -3.077  1.00 31.21 ? 89  LEU B CD1 1 
ATOM   1437 C CD2 . LEU B 1 89 ? 4.696   14.271  -2.260  1.00 29.27 ? 89  LEU B CD2 1 
ATOM   1438 N N   . LEU B 1 90 ? 0.545   11.198  -3.837  1.00 28.41 ? 90  LEU B N   1 
ATOM   1439 C CA  . LEU B 1 90 ? -0.494  10.728  -4.749  1.00 28.77 ? 90  LEU B CA  1 
ATOM   1440 C C   . LEU B 1 90 ? -1.601  11.764  -4.871  1.00 29.13 ? 90  LEU B C   1 
ATOM   1441 O O   . LEU B 1 90 ? -2.134  11.975  -5.956  1.00 29.19 ? 90  LEU B O   1 
ATOM   1442 C CB  . LEU B 1 90 ? -1.062  9.388   -4.285  1.00 28.20 ? 90  LEU B CB  1 
ATOM   1443 C CG  . LEU B 1 90 ? -0.124  8.184   -4.376  1.00 26.72 ? 90  LEU B CG  1 
ATOM   1444 C CD1 . LEU B 1 90 ? -0.774  6.976   -3.763  1.00 26.45 ? 90  LEU B CD1 1 
ATOM   1445 C CD2 . LEU B 1 90 ? 0.270   7.887   -5.813  1.00 26.26 ? 90  LEU B CD2 1 
ATOM   1446 N N   . THR B 1 91 ? -1.932  12.419  -3.761  1.00 30.63 ? 91  THR B N   1 
ATOM   1447 C CA  . THR B 1 91 ? -2.920  13.492  -3.781  1.00 30.34 ? 91  THR B CA  1 
ATOM   1448 C C   . THR B 1 91 ? -2.441  14.677  -4.607  1.00 30.73 ? 91  THR B C   1 
ATOM   1449 O O   . THR B 1 91 ? -3.244  15.306  -5.296  1.00 30.50 ? 91  THR B O   1 
ATOM   1450 C CB  . THR B 1 91 ? -3.283  13.985  -2.375  1.00 31.11 ? 91  THR B CB  1 
ATOM   1451 O OG1 . THR B 1 91 ? -2.109  14.430  -1.691  1.00 32.54 ? 91  THR B OG1 1 
ATOM   1452 C CG2 . THR B 1 91 ? -3.977  12.884  -1.582  1.00 30.92 ? 91  THR B CG2 1 
ATOM   1453 N N   . GLN B 1 92 ? -1.149  14.987  -4.539  1.00 30.53 ? 92  GLN B N   1 
ATOM   1454 C CA  . GLN B 1 92 ? -0.614  16.124  -5.286  1.00 31.09 ? 92  GLN B CA  1 
ATOM   1455 C C   . GLN B 1 92 ? -0.721  15.930  -6.788  1.00 31.15 ? 92  GLN B C   1 
ATOM   1456 O O   . GLN B 1 92 ? -0.900  16.910  -7.509  1.00 30.97 ? 92  GLN B O   1 
ATOM   1457 C CB  . GLN B 1 92 ? 0.855   16.395  -4.956  1.00 31.10 ? 92  GLN B CB  1 
ATOM   1458 C CG  . GLN B 1 92 ? 1.109   16.822  -3.528  1.00 30.68 ? 92  GLN B CG  1 
ATOM   1459 C CD  . GLN B 1 92 ? 2.398   17.605  -3.380  1.00 30.75 ? 92  GLN B CD  1 
ATOM   1460 O OE1 . GLN B 1 92 ? 3.001   18.021  -4.373  1.00 28.27 ? 92  GLN B OE1 1 
ATOM   1461 N NE2 . GLN B 1 92 ? 2.809   17.838  -2.137  1.00 30.21 ? 92  GLN B NE2 1 
ATOM   1462 N N   . ILE B 1 93 ? -0.573  14.687  -7.246  1.00 31.71 ? 93  ILE B N   1 
ATOM   1463 C CA  . ILE B 1 93 ? -0.666  14.369  -8.676  1.00 32.09 ? 93  ILE B CA  1 
ATOM   1464 C C   . ILE B 1 93 ? -2.087  14.023  -9.133  1.00 32.39 ? 93  ILE B C   1 
ATOM   1465 O O   . ILE B 1 93 ? -2.303  13.660  -10.287 1.00 31.33 ? 93  ILE B O   1 
ATOM   1466 C CB  . ILE B 1 93 ? 0.338   13.264  -9.112  1.00 32.20 ? 93  ILE B CB  1 
ATOM   1467 C CG1 . ILE B 1 93 ? 0.031   11.915  -8.460  1.00 32.46 ? 93  ILE B CG1 1 
ATOM   1468 C CG2 . ILE B 1 93 ? 1.778   13.682  -8.804  1.00 31.08 ? 93  ILE B CG2 1 
ATOM   1469 C CD1 . ILE B 1 93 ? 0.803   10.771  -9.082  1.00 32.49 ? 93  ILE B CD1 1 
ATOM   1470 N N   . GLY B 1 94 ? -3.058  14.145  -8.233  1.00 33.41 ? 94  GLY B N   1 
ATOM   1471 C CA  . GLY B 1 94 ? -4.469  14.005  -8.598  1.00 33.82 ? 94  GLY B CA  1 
ATOM   1472 C C   . GLY B 1 94 ? -4.910  12.562  -8.744  1.00 33.96 ? 94  GLY B C   1 
ATOM   1473 O O   . GLY B 1 94 ? -5.863  12.262  -9.460  1.00 34.42 ? 94  GLY B O   1 
ATOM   1474 N N   . CYS B 1 95 ? -4.231  11.666  -8.039  1.00 34.86 ? 95  CYS B N   1 
ATOM   1475 C CA  . CYS B 1 95 ? -4.492  10.236  -8.138  1.00 35.20 ? 95  CYS B CA  1 
ATOM   1476 C C   . CYS B 1 95 ? -5.724  9.806   -7.329  1.00 35.68 ? 95  CYS B C   1 
ATOM   1477 O O   . CYS B 1 95 ? -5.878  10.186  -6.165  1.00 35.39 ? 95  CYS B O   1 
ATOM   1478 C CB  . CYS B 1 95 ? -3.246  9.471   -7.692  1.00 35.61 ? 95  CYS B CB  1 
ATOM   1479 S SG  . CYS B 1 95 ? -3.268  7.726   -8.094  1.00 38.61 ? 95  CYS B SG  1 
ATOM   1480 N N   . THR B 1 96 ? -6.611  9.044   -7.967  1.00 35.71 ? 96  THR B N   1 
ATOM   1481 C CA  . THR B 1 96 ? -7.755  8.425   -7.298  1.00 36.00 ? 96  THR B CA  1 
ATOM   1482 C C   . THR B 1 96 ? -7.861  6.929   -7.594  1.00 36.07 ? 96  THR B C   1 
ATOM   1483 O O   . THR B 1 96 ? -7.288  6.415   -8.559  1.00 36.00 ? 96  THR B O   1 
ATOM   1484 C CB  . THR B 1 96 ? -9.096  9.044   -7.753  1.00 36.27 ? 96  THR B CB  1 
ATOM   1485 O OG1 . THR B 1 96 ? -9.237  8.884   -9.170  1.00 35.68 ? 96  THR B OG1 1 
ATOM   1486 C CG2 . THR B 1 96 ? -9.184  10.520  -7.377  1.00 37.54 ? 96  THR B CG2 1 
ATOM   1487 N N   . LEU B 1 97 ? -8.612  6.243   -6.738  1.00 36.20 ? 97  LEU B N   1 
ATOM   1488 C CA  . LEU B 1 97 ? -8.998  4.858   -6.961  1.00 36.42 ? 97  LEU B CA  1 
ATOM   1489 C C   . LEU B 1 97 ? -10.405 4.824   -7.532  1.00 36.46 ? 97  LEU B C   1 
ATOM   1490 O O   . LEU B 1 97 ? -11.277 5.591   -7.111  1.00 35.50 ? 97  LEU B O   1 
ATOM   1491 C CB  . LEU B 1 97 ? -8.991  4.070   -5.652  1.00 36.54 ? 97  LEU B CB  1 
ATOM   1492 C CG  . LEU B 1 97 ? -7.626  3.619   -5.140  1.00 36.69 ? 97  LEU B CG  1 
ATOM   1493 C CD1 . LEU B 1 97 ? -7.756  3.205   -3.684  1.00 37.83 ? 97  LEU B CD1 1 
ATOM   1494 C CD2 . LEU B 1 97 ? -7.093  2.459   -5.973  1.00 38.18 ? 97  LEU B CD2 1 
ATOM   1495 N N   . ASN B 1 98 ? -10.621 3.915   -8.475  1.00 36.70 ? 98  ASN B N   1 
ATOM   1496 C CA  . ASN B 1 98 ? -11.880 3.853   -9.202  1.00 36.91 ? 98  ASN B CA  1 
ATOM   1497 C C   . ASN B 1 98 ? -12.275 2.411   -9.502  1.00 37.35 ? 98  ASN B C   1 
ATOM   1498 O O   . ASN B 1 98 ? -11.442 1.620   -9.946  1.00 37.49 ? 98  ASN B O   1 
ATOM   1499 C CB  . ASN B 1 98 ? -11.758 4.629   -10.514 1.00 36.60 ? 98  ASN B CB  1 
ATOM   1500 C CG  . ASN B 1 98 ? -11.404 6.088   -10.302 1.00 36.35 ? 98  ASN B CG  1 
ATOM   1501 O OD1 . ASN B 1 98 ? -12.290 6.929   -10.195 1.00 36.24 ? 98  ASN B OD1 1 
ATOM   1502 N ND2 . ASN B 1 98 ? -10.110 6.394   -10.228 1.00 36.01 ? 98  ASN B ND2 1 
ATOM   1503 N N   . PHE B 1 99 ? -13.541 2.083   -9.264  1.00 37.58 ? 99  PHE B N   1 
ATOM   1504 C CA  . PHE B 1 99 ? -14.092 0.777   -9.626  1.00 37.89 ? 99  PHE B CA  1 
ATOM   1505 C C   . PHE B 1 99 ? -15.603 0.871   -9.768  1.00 37.98 ? 99  PHE B C   1 
ATOM   1506 O O   . PHE B 1 99 ? -16.141 1.974   -9.689  1.00 38.18 ? 99  PHE B O   1 
ATOM   1507 C CB  . PHE B 1 99 ? -13.696 -0.313  -8.617  1.00 38.73 ? 99  PHE B CB  1 
ATOM   1508 C CG  . PHE B 1 99 ? -14.107 -0.034  -7.199  1.00 38.75 ? 99  PHE B CG  1 
ATOM   1509 C CD1 . PHE B 1 99 ? -13.307 0.738   -6.368  1.00 40.60 ? 99  PHE B CD1 1 
ATOM   1510 C CD2 . PHE B 1 99 ? -15.268 -0.585  -6.678  1.00 39.98 ? 99  PHE B CD2 1 
ATOM   1511 C CE1 . PHE B 1 99 ? -13.673 0.984   -5.053  1.00 40.10 ? 99  PHE B CE1 1 
ATOM   1512 C CE2 . PHE B 1 99 ? -15.645 -0.345  -5.363  1.00 40.47 ? 99  PHE B CE2 1 
ATOM   1513 C CZ  . PHE B 1 99 ? -14.846 0.441   -4.548  1.00 40.23 ? 99  PHE B CZ  1 
ATOM   1514 O OXT . PHE B 1 99 ? -16.304 -0.122  -9.961  1.00 37.87 ? 99  PHE B OXT 1 
HETATM 1515 C C1  . 1UN C 2 .  ? -0.503  -0.993  5.892   1.00 37.10 ? 201 1UN B C1  1 
HETATM 1516 C C2  . 1UN C 2 .  ? -0.072  0.082   6.880   1.00 37.42 ? 201 1UN B C2  1 
HETATM 1517 C C3  . 1UN C 2 .  ? -0.299  -0.293  8.340   1.00 38.49 ? 201 1UN B C3  1 
HETATM 1518 C C4  . 1UN C 2 .  ? 0.222   -1.698  8.605   1.00 38.11 ? 201 1UN B C4  1 
HETATM 1519 C C5  . 1UN C 2 .  ? -0.329  -2.669  7.571   1.00 38.70 ? 201 1UN B C5  1 
HETATM 1520 C C6  . 1UN C 2 .  ? 0.143   -2.338  6.156   1.00 33.65 ? 201 1UN B C6  1 
HETATM 1521 N N7  . 1UN C 2 .  ? 1.201   -0.373  4.301   1.00 38.53 ? 201 1UN B N7  1 
HETATM 1522 C C8  . 1UN C 2 .  ? 1.592   0.746   5.149   1.00 36.94 ? 201 1UN B C8  1 
HETATM 1523 C C9  . 1UN C 2 .  ? 1.392   0.395   6.625   1.00 37.82 ? 201 1UN B C9  1 
HETATM 1524 C C10 . 1UN C 2 .  ? -0.237  -0.598  4.450   1.00 37.76 ? 201 1UN B C10 1 
HETATM 1525 C C11 . 1UN C 2 .  ? 3.043   1.070   5.039   1.00 34.55 ? 201 1UN B C11 1 
HETATM 1526 N N12 . 1UN C 2 .  ? 3.264   2.384   5.018   1.00 34.18 ? 201 1UN B N12 1 
HETATM 1527 C C13 . 1UN C 2 .  ? 4.551   3.042   5.022   1.00 34.34 ? 201 1UN B C13 1 
HETATM 1528 C C14 . 1UN C 2 .  ? 5.200   2.726   3.675   1.00 35.33 ? 201 1UN B C14 1 
HETATM 1529 C C15 . 1UN C 2 .  ? 5.384   2.551   6.210   1.00 36.85 ? 201 1UN B C15 1 
HETATM 1530 C C16 . 1UN C 2 .  ? 4.318   4.550   5.170   1.00 34.02 ? 201 1UN B C16 1 
HETATM 1531 O O17 . 1UN C 2 .  ? 3.868   0.166   5.019   1.00 32.16 ? 201 1UN B O17 1 
HETATM 1532 C C18 . 1UN C 2 .  ? 1.339   -0.041  2.895   1.00 39.83 ? 201 1UN B C18 1 
HETATM 1533 C C19 . 1UN C 2 .  ? 1.541   -1.329  2.118   1.00 39.70 ? 201 1UN B C19 1 
HETATM 1534 C C20 . 1UN C 2 .  ? 2.984   -1.815  2.136   1.00 41.17 ? 201 1UN B C20 1 
HETATM 1535 O O21 . 1UN C 2 .  ? 1.103   -1.027  0.810   1.00 40.78 ? 201 1UN B O21 1 
HETATM 1536 N N22 . 1UN C 2 .  ? 3.001   -3.151  1.585   1.00 37.90 ? 201 1UN B N22 1 
HETATM 1537 C C23 . 1UN C 2 .  ? 3.995   -0.989  1.345   1.00 42.17 ? 201 1UN B C23 1 
HETATM 1538 C C24 . 1UN C 2 .  ? 2.946   -4.249  2.333   1.00 36.00 ? 201 1UN B C24 1 
HETATM 1539 O O25 . 1UN C 2 .  ? 2.996   -4.268  3.549   1.00 31.92 ? 201 1UN B O25 1 
HETATM 1540 C C29 . 1UN C 2 .  ? 2.810   -5.531  1.578   1.00 35.15 ? 201 1UN B C29 1 
HETATM 1541 C C30 . 1UN C 2 .  ? 3.648   -5.778  0.490   1.00 36.58 ? 201 1UN B C30 1 
HETATM 1542 C C31 . 1UN C 2 .  ? 3.559   -6.947  -0.263  1.00 35.65 ? 201 1UN B C31 1 
HETATM 1543 C C32 . 1UN C 2 .  ? 2.627   -7.923  0.064   1.00 36.54 ? 201 1UN B C32 1 
HETATM 1544 C C33 . 1UN C 2 .  ? 1.754   -7.746  1.134   1.00 35.67 ? 201 1UN B C33 1 
HETATM 1545 C C34 . 1UN C 2 .  ? 1.790   -6.524  1.964   1.00 35.88 ? 201 1UN B C34 1 
HETATM 1546 O O38 . 1UN C 2 .  ? 0.852   -8.655  1.446   1.00 36.45 ? 201 1UN B O38 1 
HETATM 1547 C C39 . 1UN C 2 .  ? 0.825   -6.379  3.116   1.00 36.49 ? 201 1UN B C39 1 
HETATM 1548 S S74 . 1UN C 2 .  ? 5.631   -1.407  1.870   1.00 44.22 ? 201 1UN B S74 1 
HETATM 1549 C C77 . 1UN C 2 .  ? 6.260   -2.650  0.911   1.00 44.93 ? 201 1UN B C77 1 
HETATM 1550 C C78 . 1UN C 2 .  ? 7.127   -3.547  1.523   1.00 43.80 ? 201 1UN B C78 1 
HETATM 1551 C C79 . 1UN C 2 .  ? 7.665   -4.593  0.792   1.00 44.29 ? 201 1UN B C79 1 
HETATM 1552 C C80 . 1UN C 2 .  ? 7.355   -4.731  -0.555  1.00 44.29 ? 201 1UN B C80 1 
HETATM 1553 C C81 . 1UN C 2 .  ? 6.492   -3.829  -1.165  1.00 44.38 ? 201 1UN B C81 1 
HETATM 1554 C C82 . 1UN C 2 .  ? 5.938   -2.784  -0.436  1.00 44.48 ? 201 1UN B C82 1 
HETATM 1555 C C   . ACT D 3 .  ? -5.059  10.347  7.262   1.00 58.38 ? 506 ACT B C   1 
HETATM 1556 O O   . ACT D 3 .  ? -6.223  9.923   7.094   1.00 58.07 ? 506 ACT B O   1 
HETATM 1557 O OXT . ACT D 3 .  ? -4.271  9.495   7.731   1.00 58.75 ? 506 ACT B OXT 1 
HETATM 1558 C CH3 . ACT D 3 .  ? -4.632  11.753  6.942   1.00 58.38 ? 506 ACT B CH3 1 
HETATM 1559 O O   . HOH E 4 .  ? -14.076 -1.654  -13.353 1.00 32.91 ? 102 HOH A O   1 
HETATM 1560 O O   . HOH E 4 .  ? -3.978  -12.819 -0.245  1.00 26.17 ? 103 HOH A O   1 
HETATM 1561 O O   . HOH E 4 .  ? -8.742  -9.441  15.789  1.00 41.12 ? 104 HOH A O   1 
HETATM 1562 O O   . HOH E 4 .  ? -17.736 1.180   2.201   1.00 36.45 ? 105 HOH A O   1 
HETATM 1563 O O   . HOH E 4 .  ? -7.170  -3.606  -11.795 1.00 29.12 ? 107 HOH A O   1 
HETATM 1564 O O   . HOH E 4 .  ? 11.759  -10.026 8.941   1.00 41.00 ? 109 HOH A O   1 
HETATM 1565 O O   . HOH E 4 .  ? -7.978  7.984   -16.144 1.00 41.77 ? 111 HOH A O   1 
HETATM 1566 O O   . HOH E 4 .  ? -14.184 12.244  -6.237  1.00 38.14 ? 112 HOH A O   1 
HETATM 1567 O O   . HOH E 4 .  ? -4.916  -26.411 8.072   1.00 36.32 ? 118 HOH A O   1 
HETATM 1568 O O   . HOH E 4 .  ? -6.760  3.100   9.282   1.00 44.12 ? 120 HOH A O   1 
HETATM 1569 O O   . HOH E 4 .  ? -0.858  11.989  -18.433 1.00 54.76 ? 123 HOH A O   1 
HETATM 1570 O O   . HOH E 4 .  ? -5.622  -26.605 10.713  1.00 46.56 ? 124 HOH A O   1 
HETATM 1571 O O   . HOH E 4 .  ? -18.791 -12.138 0.635   1.00 39.38 ? 125 HOH A O   1 
HETATM 1572 O O   . HOH E 4 .  ? -9.235  -22.607 10.363  1.00 44.11 ? 126 HOH A O   1 
HETATM 1573 O O   . HOH E 4 .  ? -15.965 -2.638  -11.270 1.00 47.94 ? 127 HOH A O   1 
HETATM 1574 O O   . HOH E 4 .  ? -4.519  -22.637 2.092   1.00 36.13 ? 128 HOH A O   1 
HETATM 1575 O O   . HOH E 4 .  ? -20.612 -16.770 8.824   1.00 38.50 ? 129 HOH A O   1 
HETATM 1576 O O   . HOH E 4 .  ? -24.642 -11.204 6.123   1.00 46.75 ? 130 HOH A O   1 
HETATM 1577 O O   . HOH E 4 .  ? 4.665   -12.932 13.094  1.00 38.51 ? 134 HOH A O   1 
HETATM 1578 O O   . HOH E 4 .  ? -8.706  -5.694  18.310  1.00 47.09 ? 136 HOH A O   1 
HETATM 1579 O O   . HOH E 4 .  ? -8.548  0.673   9.833   1.00 36.86 ? 137 HOH A O   1 
HETATM 1580 O O   . HOH E 4 .  ? 1.529   -3.684  -5.517  1.00 28.64 ? 138 HOH A O   1 
HETATM 1581 O O   . HOH E 4 .  ? -6.428  -14.618 -4.767  1.00 32.31 ? 139 HOH A O   1 
HETATM 1582 O O   . HOH E 4 .  ? -8.886  -1.985  9.304   1.00 36.05 ? 140 HOH A O   1 
HETATM 1583 O O   . HOH E 4 .  ? -3.019  12.934  -16.487 1.00 50.90 ? 142 HOH A O   1 
HETATM 1584 O O   . HOH E 4 .  ? -10.198 11.131  0.793   1.00 38.17 ? 143 HOH A O   1 
HETATM 1585 O O   . HOH E 4 .  ? -13.072 10.445  -2.100  1.00 37.88 ? 144 HOH A O   1 
HETATM 1586 O O   . HOH E 4 .  ? -9.810  8.297   1.053   1.00 35.70 ? 145 HOH A O   1 
HETATM 1587 O O   . HOH E 4 .  ? -10.202 -9.271  10.248  1.00 40.31 ? 148 HOH A O   1 
HETATM 1588 O O   . HOH E 4 .  ? -10.611 7.263   5.714   1.00 33.01 ? 150 HOH A O   1 
HETATM 1589 O O   . HOH E 4 .  ? -25.417 -12.011 -1.904  1.00 44.07 ? 151 HOH A O   1 
HETATM 1590 O O   . HOH E 4 .  ? -16.773 -15.365 3.210   1.00 33.17 ? 152 HOH A O   1 
HETATM 1591 O O   . HOH E 4 .  ? -1.127  -10.123 -6.279  1.00 41.14 ? 153 HOH A O   1 
HETATM 1592 O O   . HOH E 4 .  ? -11.010 -26.183 3.788   1.00 50.07 ? 154 HOH A O   1 
HETATM 1593 O O   . HOH E 4 .  ? -4.373  -29.108 6.906   1.00 37.41 ? 155 HOH A O   1 
HETATM 1594 O O   . HOH E 4 .  ? -7.298  -5.093  15.512  1.00 46.45 ? 157 HOH A O   1 
HETATM 1595 O O   . HOH E 4 .  ? -9.033  -20.463 12.410  1.00 47.19 ? 159 HOH A O   1 
HETATM 1596 O O   . HOH E 4 .  ? -7.855  -22.735 2.689   1.00 38.02 ? 160 HOH A O   1 
HETATM 1597 O O   . HOH E 4 .  ? -0.238  -21.124 -2.126  1.00 44.58 ? 161 HOH A O   1 
HETATM 1598 O O   . HOH E 4 .  ? 8.331   -8.699  12.367  1.00 35.01 ? 162 HOH A O   1 
HETATM 1599 O O   . HOH E 4 .  ? -18.734 -20.738 -1.890  1.00 49.16 ? 163 HOH A O   1 
HETATM 1600 O O   . HOH E 4 .  ? -7.052  -12.514 -8.327  1.00 43.99 ? 164 HOH A O   1 
HETATM 1601 O O   . HOH E 4 .  ? 5.762   -10.622 1.084   1.00 31.99 ? 509 HOH A O   1 
HETATM 1602 O O   . HOH E 4 .  ? -13.276 3.098   8.664   1.00 51.72 ? 510 HOH A O   1 
HETATM 1603 O O   . HOH E 4 .  ? -20.183 -13.704 2.276   1.00 43.46 ? 514 HOH A O   1 
HETATM 1604 O O   . HOH E 4 .  ? -2.301  -13.696 -2.150  1.00 40.49 ? 515 HOH A O   1 
HETATM 1605 O O   . HOH E 4 .  ? -13.494 -3.535  11.504  1.00 45.54 ? 518 HOH A O   1 
HETATM 1606 O O   . HOH E 4 .  ? -11.691 0.929   -13.071 1.00 30.05 ? 520 HOH A O   1 
HETATM 1607 O O   . HOH E 4 .  ? 3.863   -14.509 15.133  1.00 31.64 ? 522 HOH A O   1 
HETATM 1608 O O   . HOH E 4 .  ? -19.233 -4.770  1.078   1.00 49.74 ? 527 HOH A O   1 
HETATM 1609 O O   . HOH E 4 .  ? -14.318 -7.656  12.865  1.00 48.32 ? 528 HOH A O   1 
HETATM 1610 O O   . HOH E 4 .  ? -20.793 -7.846  10.993  1.00 41.69 ? 530 HOH A O   1 
HETATM 1611 O O   . HOH E 4 .  ? -18.594 -15.795 11.003  1.00 47.53 ? 532 HOH A O   1 
HETATM 1612 O O   . HOH E 4 .  ? -7.745  -18.553 -3.409  1.00 33.05 ? 542 HOH A O   1 
HETATM 1613 O O   . HOH E 4 .  ? -20.190 0.556   -6.860  1.00 44.44 ? 544 HOH A O   1 
HETATM 1614 O O   . HOH E 4 .  ? -11.745 -6.007  11.508  1.00 42.90 ? 547 HOH A O   1 
HETATM 1615 O O   . HOH E 4 .  ? 4.375   -10.883 -2.857  1.00 40.58 ? 548 HOH A O   1 
HETATM 1616 O O   . HOH E 4 .  ? -4.862  -8.389  13.919  1.00 29.15 ? 549 HOH A O   1 
HETATM 1617 O O   . HOH F 4 .  ? -3.498  4.905   3.107   1.00 24.49 ? 100 HOH B O   1 
HETATM 1618 O O   . HOH F 4 .  ? -6.955  11.874  -4.293  1.00 27.43 ? 101 HOH B O   1 
HETATM 1619 O O   . HOH F 4 .  ? -2.022  3.878   5.473   1.00 31.81 ? 106 HOH B O   1 
HETATM 1620 O O   . HOH F 4 .  ? 22.876  19.349  0.885   1.00 42.96 ? 108 HOH B O   1 
HETATM 1621 O O   . HOH F 4 .  ? 14.936  2.290   -8.955  1.00 36.21 ? 110 HOH B O   1 
HETATM 1622 O O   . HOH F 4 .  ? 22.409  8.486   -3.868  1.00 45.94 ? 113 HOH B O   1 
HETATM 1623 O O   . HOH F 4 .  ? 4.162   15.969  1.639   1.00 28.91 ? 114 HOH B O   1 
HETATM 1624 O O   . HOH F 4 .  ? 22.243  22.192  0.513   1.00 49.96 ? 115 HOH B O   1 
HETATM 1625 O O   . HOH F 4 .  ? 4.154   -7.449  -10.546 1.00 41.83 ? 116 HOH B O   1 
HETATM 1626 O O   . HOH F 4 .  ? 1.113   8.057   9.256   1.00 39.28 ? 117 HOH B O   1 
HETATM 1627 O O   . HOH F 4 .  ? 15.914  8.028   12.140  1.00 43.17 ? 119 HOH B O   1 
HETATM 1628 O O   . HOH F 4 .  ? 8.921   9.673   14.505  1.00 37.17 ? 121 HOH B O   1 
HETATM 1629 O O   . HOH F 4 .  ? -1.578  1.930   -17.844 1.00 44.06 ? 122 HOH B O   1 
HETATM 1630 O O   . HOH F 4 .  ? 15.196  8.360   14.691  1.00 44.77 ? 131 HOH B O   1 
HETATM 1631 O O   . HOH F 4 .  ? 13.213  17.257  7.658   1.00 42.76 ? 132 HOH B O   1 
HETATM 1632 O O   . HOH F 4 .  ? 14.534  6.432   16.481  1.00 40.69 ? 133 HOH B O   1 
HETATM 1633 O O   . HOH F 4 .  ? 23.428  13.893  5.987   1.00 48.56 ? 135 HOH B O   1 
HETATM 1634 O O   . HOH F 4 .  ? -8.304  10.971  -10.536 1.00 29.90 ? 141 HOH B O   1 
HETATM 1635 O O   . HOH F 4 .  ? 15.720  -2.176  -2.867  1.00 62.26 ? 146 HOH B O   1 
HETATM 1636 O O   . HOH F 4 .  ? 3.659   -4.733  -3.723  1.00 32.87 ? 147 HOH B O   1 
HETATM 1637 O O   . HOH F 4 .  ? 15.817  5.521   -3.713  1.00 39.82 ? 149 HOH B O   1 
HETATM 1638 O O   . HOH F 4 .  ? 4.057   -2.670  5.322   1.00 27.88 ? 156 HOH B O   1 
HETATM 1639 O O   . HOH F 4 .  ? -2.186  -0.742  -16.493 1.00 32.29 ? 158 HOH B O   1 
HETATM 1640 O O   . HOH F 4 .  ? 1.596   16.557  0.348   1.00 29.22 ? 507 HOH B O   1 
HETATM 1641 O O   . HOH F 4 .  ? -7.286  8.103   8.040   1.00 64.59 ? 508 HOH B O   1 
HETATM 1642 O O   . HOH F 4 .  ? 8.336   11.282  -14.464 1.00 37.25 ? 511 HOH B O   1 
HETATM 1643 O O   . HOH F 4 .  ? 8.318   -5.705  14.879  1.00 36.34 ? 512 HOH B O   1 
HETATM 1644 O O   . HOH F 4 .  ? -14.780 6.423   -11.224 1.00 41.10 ? 513 HOH B O   1 
HETATM 1645 O O   . HOH F 4 .  ? 4.801   12.185  4.925   1.00 43.13 ? 516 HOH B O   1 
HETATM 1646 O O   . HOH F 4 .  ? 7.428   7.332   -16.738 1.00 52.60 ? 517 HOH B O   1 
HETATM 1647 O O   . HOH F 4 .  ? 16.456  -0.784  0.693   1.00 32.66 ? 519 HOH B O   1 
HETATM 1648 O O   . HOH F 4 .  ? -7.783  13.918  -5.784  1.00 41.26 ? 521 HOH B O   1 
HETATM 1649 O O   . HOH F 4 .  ? 17.691  1.499   1.464   1.00 36.08 ? 523 HOH B O   1 
HETATM 1650 O O   . HOH F 4 .  ? 15.816  -1.566  9.612   1.00 35.81 ? 524 HOH B O   1 
HETATM 1651 O O   . HOH F 4 .  ? -0.721  16.396  -11.560 1.00 37.71 ? 525 HOH B O   1 
HETATM 1652 O O   . HOH F 4 .  ? 21.146  15.880  3.198   1.00 44.38 ? 526 HOH B O   1 
HETATM 1653 O O   . HOH F 4 .  ? 14.088  18.812  4.946   1.00 39.17 ? 529 HOH B O   1 
HETATM 1654 O O   . HOH F 4 .  ? 8.686   -3.203  15.334  1.00 44.11 ? 531 HOH B O   1 
HETATM 1655 O O   . HOH F 4 .  ? 4.084   5.095   11.000  1.00 39.41 ? 533 HOH B O   1 
HETATM 1656 O O   . HOH F 4 .  ? 2.113   18.965  -13.679 1.00 37.55 ? 534 HOH B O   1 
HETATM 1657 O O   . HOH F 4 .  ? 0.003   -1.942  -12.304 1.00 35.46 ? 535 HOH B O   1 
HETATM 1658 O O   . HOH F 4 .  ? 11.369  0.528   -6.367  1.00 36.97 ? 536 HOH B O   1 
HETATM 1659 O O   . HOH F 4 .  ? 6.430   11.136  3.026   1.00 25.52 ? 537 HOH B O   1 
HETATM 1660 O O   . HOH F 4 .  ? 15.274  0.970   11.024  1.00 31.89 ? 538 HOH B O   1 
HETATM 1661 O O   . HOH F 4 .  ? 1.206   4.009   6.295   1.00 41.75 ? 539 HOH B O   1 
HETATM 1662 O O   . HOH F 4 .  ? 7.106   18.833  2.665   1.00 35.13 ? 540 HOH B O   1 
HETATM 1663 O O   . HOH F 4 .  ? 5.458   21.731  -1.314  1.00 27.91 ? 541 HOH B O   1 
HETATM 1664 O O   A HOH F 4 .  ? 12.332  -2.459  6.152   0.50 25.33 ? 543 HOH B O   1 
HETATM 1665 O O   B HOH F 4 .  ? 2.574   -5.990  12.031  0.50 38.21 ? 543 HOH B O   1 
HETATM 1666 O O   . HOH F 4 .  ? 7.208   17.309  11.358  1.00 54.86 ? 545 HOH B O   1 
HETATM 1667 O O   . HOH F 4 .  ? -2.206  15.249  0.837   1.00 39.37 ? 546 HOH B O   1 
HETATM 1668 O O   . HOH F 4 .  ? -1.815  -4.400  -14.585 1.00 33.58 ? 550 HOH B O   1 
HETATM 1669 O O   . HOH F 4 .  ? 6.023   -6.700  -11.576 1.00 40.36 ? 551 HOH B O   1 
HETATM 1670 O O   . HOH F 4 .  ? 6.595   5.231   -15.832 1.00 44.93 ? 552 HOH B O   1 
HETATM 1671 O O   . HOH F 4 .  ? 9.820   -0.885  -12.491 1.00 47.46 ? 553 HOH B O   1 
HETATM 1672 O O   . HOH F 4 .  ? 15.858  3.314   -6.090  1.00 43.79 ? 554 HOH B O   1 
HETATM 1673 O O   . HOH F 4 .  ? 19.307  2.876   5.295   1.00 45.79 ? 555 HOH B O   1 
HETATM 1674 O O   . HOH F 4 .  ? 2.651   -3.521  13.801  1.00 53.37 ? 556 HOH B O   1 
HETATM 1675 O O   . HOH F 4 .  ? 17.520  5.096   8.362   1.00 43.31 ? 557 HOH B O   1 
HETATM 1676 O O   . HOH F 4 .  ? 14.497  17.011  -10.343 1.00 48.98 ? 558 HOH B O   1 
HETATM 1677 O O   . HOH F 4 .  ? 8.002   18.705  -8.979  1.00 33.08 ? 559 HOH B O   1 
# 
loop_
_pdbx_poly_seq_scheme.asym_id 
_pdbx_poly_seq_scheme.entity_id 
_pdbx_poly_seq_scheme.seq_id 
_pdbx_poly_seq_scheme.mon_id 
_pdbx_poly_seq_scheme.ndb_seq_num 
_pdbx_poly_seq_scheme.pdb_seq_num 
_pdbx_poly_seq_scheme.auth_seq_num 
_pdbx_poly_seq_scheme.pdb_mon_id 
_pdbx_poly_seq_scheme.auth_mon_id 
_pdbx_poly_seq_scheme.pdb_strand_id 
_pdbx_poly_seq_scheme.pdb_ins_code 
_pdbx_poly_seq_scheme.hetero 
A 1 1  PRO 1  1  1  PRO PRO A . n 
A 1 2  GLN 2  2  2  GLN GLN A . n 
A 1 3  ILE 3  3  3  ILE ILE A . n 
A 1 4  THR 4  4  4  THR THR A . n 
A 1 5  LEU 5  5  5  LEU LEU A . n 
A 1 6  TRP 6  6  6  TRP TRP A . n 
A 1 7  LYS 7  7  7  LYS LYS A . n 
A 1 8  ARG 8  8  8  ARG ARG A . n 
A 1 9  PRO 9  9  9  PRO PRO A . n 
A 1 10 LEU 10 10 10 LEU LEU A . n 
A 1 11 VAL 11 11 11 VAL VAL A . n 
A 1 12 THR 12 12 12 THR THR A . n 
A 1 13 ILE 13 13 13 ILE ILE A . n 
A 1 14 ARG 14 14 14 ARG ARG A . n 
A 1 15 ILE 15 15 15 ILE ILE A . n 
A 1 16 GLY 16 16 16 GLY GLY A . n 
A 1 17 GLY 17 17 17 GLY GLY A . n 
A 1 18 GLN 18 18 18 GLN GLN A . n 
A 1 19 LEU 19 19 19 LEU LEU A . n 
A 1 20 LYS 20 20 20 LYS LYS A . n 
A 1 21 GLU 21 21 21 GLU GLU A . n 
A 1 22 ALA 22 22 22 ALA ALA A . n 
A 1 23 LEU 23 23 23 LEU LEU A . n 
A 1 24 LEU 24 24 24 LEU LEU A . n 
A 1 25 ASP 25 25 25 ASP ASP A . n 
A 1 26 THR 26 26 26 THR THR A . n 
A 1 27 GLY 27 27 27 GLY GLY A . n 
A 1 28 ALA 28 28 28 ALA ALA A . n 
A 1 29 ASP 29 29 29 ASP ASP A . n 
A 1 30 ASP 30 30 30 ASP ASP A . n 
A 1 31 THR 31 31 31 THR THR A . n 
A 1 32 VAL 32 32 32 VAL VAL A . n 
A 1 33 LEU 33 33 33 LEU LEU A . n 
A 1 34 GLU 34 34 34 GLU GLU A . n 
A 1 35 GLU 35 35 35 GLU GLU A . n 
A 1 36 MET 36 36 36 MET MET A . n 
A 1 37 ASN 37 37 37 ASN ASN A . n 
A 1 38 LEU 38 38 38 LEU LEU A . n 
A 1 39 PRO 39 39 39 PRO PRO A . n 
A 1 40 GLY 40 40 40 GLY GLY A . n 
A 1 41 LYS 41 41 41 LYS LYS A . n 
A 1 42 TRP 42 42 42 TRP TRP A . n 
A 1 43 LYS 43 43 43 LYS LYS A . n 
A 1 44 PRO 44 44 44 PRO PRO A . n 
A 1 45 LYS 45 45 45 LYS LYS A . n 
A 1 46 MET 46 46 46 MET MET A . n 
A 1 47 ILE 47 47 47 ILE ILE A . n 
A 1 48 GLY 48 48 48 GLY GLY A . n 
A 1 49 GLY 49 49 49 GLY GLY A . n 
A 1 50 ILE 50 50 50 ILE ILE A . n 
A 1 51 GLY 51 51 51 GLY GLY A . n 
A 1 52 GLY 52 52 52 GLY GLY A . n 
A 1 53 PHE 53 53 53 PHE PHE A . n 
A 1 54 ILE 54 54 54 ILE ILE A . n 
A 1 55 LYS 55 55 55 LYS LYS A . n 
A 1 56 VAL 56 56 56 VAL VAL A . n 
A 1 57 ARG 57 57 57 ARG ARG A . n 
A 1 58 GLN 58 58 58 GLN GLN A . n 
A 1 59 TYR 59 59 59 TYR TYR A . n 
A 1 60 ASP 60 60 60 ASP ASP A . n 
A 1 61 GLN 61 61 61 GLN GLN A . n 
A 1 62 ILE 62 62 62 ILE ILE A . n 
A 1 63 PRO 63 63 63 PRO PRO A . n 
A 1 64 ILE 64 64 64 ILE ILE A . n 
A 1 65 GLU 65 65 65 GLU GLU A . n 
A 1 66 ILE 66 66 66 ILE ILE A . n 
A 1 67 CYS 67 67 67 CYS CYS A . n 
A 1 68 GLY 68 68 68 GLY GLY A . n 
A 1 69 HIS 69 69 69 HIS HIS A . n 
A 1 70 LYS 70 70 70 LYS LYS A . n 
A 1 71 ALA 71 71 71 ALA ALA A . n 
A 1 72 ILE 72 72 72 ILE ILE A . n 
A 1 73 GLY 73 73 73 GLY GLY A . n 
A 1 74 THR 74 74 74 THR THR A . n 
A 1 75 VAL 75 75 75 VAL VAL A . n 
A 1 76 LEU 76 76 76 LEU LEU A . n 
A 1 77 VAL 77 77 77 VAL VAL A . n 
A 1 78 GLY 78 78 78 GLY GLY A . n 
A 1 79 PRO 79 79 79 PRO PRO A . n 
A 1 80 THR 80 80 80 THR THR A . n 
A 1 81 PRO 81 81 81 PRO PRO A . n 
A 1 82 VAL 82 82 82 VAL VAL A . n 
A 1 83 ASN 83 83 83 ASN ASN A . n 
A 1 84 ILE 84 84 84 ILE ILE A . n 
A 1 85 ILE 85 85 85 ILE ILE A . n 
A 1 86 GLY 86 86 86 GLY GLY A . n 
A 1 87 ARG 87 87 87 ARG ARG A . n 
A 1 88 ASN 88 88 88 ASN ASN A . n 
A 1 89 LEU 89 89 89 LEU LEU A . n 
A 1 90 LEU 90 90 90 LEU LEU A . n 
A 1 91 THR 91 91 91 THR THR A . n 
A 1 92 GLN 92 92 92 GLN GLN A . n 
A 1 93 ILE 93 93 93 ILE ILE A . n 
A 1 94 GLY 94 94 94 GLY GLY A . n 
A 1 95 CYS 95 95 95 CYS CYS A . n 
A 1 96 THR 96 96 96 THR THR A . n 
A 1 97 LEU 97 97 97 LEU LEU A . n 
A 1 98 ASN 98 98 98 ASN ASN A . n 
A 1 99 PHE 99 99 99 PHE PHE A . n 
B 1 1  PRO 1  1  1  PRO PRO B . n 
B 1 2  GLN 2  2  2  GLN GLN B . n 
B 1 3  ILE 3  3  3  ILE ILE B . n 
B 1 4  THR 4  4  4  THR THR B . n 
B 1 5  LEU 5  5  5  LEU LEU B . n 
B 1 6  TRP 6  6  6  TRP TRP B . n 
B 1 7  LYS 7  7  7  LYS LYS B . n 
B 1 8  ARG 8  8  8  ARG ARG B . n 
B 1 9  PRO 9  9  9  PRO PRO B . n 
B 1 10 LEU 10 10 10 LEU LEU B . n 
B 1 11 VAL 11 11 11 VAL VAL B . n 
B 1 12 THR 12 12 12 THR THR B . n 
B 1 13 ILE 13 13 13 ILE ILE B . n 
B 1 14 ARG 14 14 14 ARG ARG B . n 
B 1 15 ILE 15 15 15 ILE ILE B . n 
B 1 16 GLY 16 16 16 GLY GLY B . n 
B 1 17 GLY 17 17 17 GLY GLY B . n 
B 1 18 GLN 18 18 18 GLN GLN B . n 
B 1 19 LEU 19 19 19 LEU LEU B . n 
B 1 20 LYS 20 20 20 LYS LYS B . n 
B 1 21 GLU 21 21 21 GLU GLU B . n 
B 1 22 ALA 22 22 22 ALA ALA B . n 
B 1 23 LEU 23 23 23 LEU LEU B . n 
B 1 24 LEU 24 24 24 LEU LEU B . n 
B 1 25 ASP 25 25 25 ASP ASP B . n 
B 1 26 THR 26 26 26 THR THR B . n 
B 1 27 GLY 27 27 27 GLY GLY B . n 
B 1 28 ALA 28 28 28 ALA ALA B . n 
B 1 29 ASP 29 29 29 ASP ASP B . n 
B 1 30 ASP 30 30 30 ASP ASP B . n 
B 1 31 THR 31 31 31 THR THR B . n 
B 1 32 VAL 32 32 32 VAL VAL B . n 
B 1 33 LEU 33 33 33 LEU LEU B . n 
B 1 34 GLU 34 34 34 GLU GLU B . n 
B 1 35 GLU 35 35 35 GLU GLU B . n 
B 1 36 MET 36 36 36 MET MET B . n 
B 1 37 ASN 37 37 37 ASN ASN B . n 
B 1 38 LEU 38 38 38 LEU LEU B . n 
B 1 39 PRO 39 39 39 PRO PRO B . n 
B 1 40 GLY 40 40 40 GLY GLY B . n 
B 1 41 LYS 41 41 41 LYS LYS B . n 
B 1 42 TRP 42 42 42 TRP TRP B . n 
B 1 43 LYS 43 43 43 LYS LYS B . n 
B 1 44 PRO 44 44 44 PRO PRO B . n 
B 1 45 LYS 45 45 45 LYS LYS B . n 
B 1 46 MET 46 46 46 MET MET B . n 
B 1 47 ILE 47 47 47 ILE ILE B . n 
B 1 48 GLY 48 48 48 GLY GLY B . n 
B 1 49 GLY 49 49 49 GLY GLY B . n 
B 1 50 ILE 50 50 50 ILE ILE B . n 
B 1 51 GLY 51 51 51 GLY GLY B . n 
B 1 52 GLY 52 52 52 GLY GLY B . n 
B 1 53 PHE 53 53 53 PHE PHE B . n 
B 1 54 ILE 54 54 54 ILE ILE B . n 
B 1 55 LYS 55 55 55 LYS LYS B . n 
B 1 56 VAL 56 56 56 VAL VAL B . n 
B 1 57 ARG 57 57 57 ARG ARG B . n 
B 1 58 GLN 58 58 58 GLN GLN B . n 
B 1 59 TYR 59 59 59 TYR TYR B . n 
B 1 60 ASP 60 60 60 ASP ASP B . n 
B 1 61 GLN 61 61 61 GLN GLN B . n 
B 1 62 ILE 62 62 62 ILE ILE B . n 
B 1 63 PRO 63 63 63 PRO PRO B . n 
B 1 64 ILE 64 64 64 ILE ILE B . n 
B 1 65 GLU 65 65 65 GLU GLU B . n 
B 1 66 ILE 66 66 66 ILE ILE B . n 
B 1 67 CYS 67 67 67 CYS CYS B . n 
B 1 68 GLY 68 68 68 GLY GLY B . n 
B 1 69 HIS 69 69 69 HIS HIS B . n 
B 1 70 LYS 70 70 70 LYS LYS B . n 
B 1 71 ALA 71 71 71 ALA ALA B . n 
B 1 72 ILE 72 72 72 ILE ILE B . n 
B 1 73 GLY 73 73 73 GLY GLY B . n 
B 1 74 THR 74 74 74 THR THR B . n 
B 1 75 VAL 75 75 75 VAL VAL B . n 
B 1 76 LEU 76 76 76 LEU LEU B . n 
B 1 77 VAL 77 77 77 VAL VAL B . n 
B 1 78 GLY 78 78 78 GLY GLY B . n 
B 1 79 PRO 79 79 79 PRO PRO B . n 
B 1 80 THR 80 80 80 THR THR B . n 
B 1 81 PRO 81 81 81 PRO PRO B . n 
B 1 82 VAL 82 82 82 VAL VAL B . n 
B 1 83 ASN 83 83 83 ASN ASN B . n 
B 1 84 ILE 84 84 84 ILE ILE B . n 
B 1 85 ILE 85 85 85 ILE ILE B . n 
B 1 86 GLY 86 86 86 GLY GLY B . n 
B 1 87 ARG 87 87 87 ARG ARG B . n 
B 1 88 ASN 88 88 88 ASN ASN B . n 
B 1 89 LEU 89 89 89 LEU LEU B . n 
B 1 90 LEU 90 90 90 LEU LEU B . n 
B 1 91 THR 91 91 91 THR THR B . n 
B 1 92 GLN 92 92 92 GLN GLN B . n 
B 1 93 ILE 93 93 93 ILE ILE B . n 
B 1 94 GLY 94 94 94 GLY GLY B . n 
B 1 95 CYS 95 95 95 CYS CYS B . n 
B 1 96 THR 96 96 96 THR THR B . n 
B 1 97 LEU 97 97 97 LEU LEU B . n 
B 1 98 ASN 98 98 98 ASN ASN B . n 
B 1 99 PHE 99 99 99 PHE PHE B . n 
# 
loop_
_pdbx_nonpoly_scheme.asym_id 
_pdbx_nonpoly_scheme.entity_id 
_pdbx_nonpoly_scheme.mon_id 
_pdbx_nonpoly_scheme.ndb_seq_num 
_pdbx_nonpoly_scheme.pdb_seq_num 
_pdbx_nonpoly_scheme.auth_seq_num 
_pdbx_nonpoly_scheme.pdb_mon_id 
_pdbx_nonpoly_scheme.auth_mon_id 
_pdbx_nonpoly_scheme.pdb_strand_id 
_pdbx_nonpoly_scheme.pdb_ins_code 
C 2 1UN 1  201 201 1UN 1UN B . 
D 3 ACT 1  506 506 ACT ACT B . 
E 4 HOH 1  102 3   HOH WAT A . 
E 4 HOH 2  103 4   HOH WAT A . 
E 4 HOH 3  104 5   HOH WAT A . 
E 4 HOH 4  105 11  HOH WAT A . 
E 4 HOH 5  107 13  HOH WAT A . 
E 4 HOH 6  109 15  HOH WAT A . 
E 4 HOH 7  111 17  HOH WAT A . 
E 4 HOH 8  112 18  HOH WAT A . 
E 4 HOH 9  118 47  HOH WAT A . 
E 4 HOH 10 120 49  HOH WAT A . 
E 4 HOH 11 123 52  HOH WAT A . 
E 4 HOH 12 124 53  HOH WAT A . 
E 4 HOH 13 125 54  HOH WAT A . 
E 4 HOH 14 126 55  HOH WAT A . 
E 4 HOH 15 127 56  HOH WAT A . 
E 4 HOH 16 128 57  HOH WAT A . 
E 4 HOH 17 129 58  HOH WAT A . 
E 4 HOH 18 130 59  HOH WAT A . 
E 4 HOH 19 134 63  HOH WAT A . 
E 4 HOH 20 136 65  HOH WAT A . 
E 4 HOH 21 137 66  HOH WAT A . 
E 4 HOH 22 138 67  HOH WAT A . 
E 4 HOH 23 139 68  HOH WAT A . 
E 4 HOH 24 140 77  HOH WAT A . 
E 4 HOH 25 142 79  HOH WAT A . 
E 4 HOH 26 143 80  HOH WAT A . 
E 4 HOH 27 144 81  HOH WAT A . 
E 4 HOH 28 145 82  HOH WAT A . 
E 4 HOH 29 148 85  HOH WAT A . 
E 4 HOH 30 150 87  HOH WAT A . 
E 4 HOH 31 151 88  HOH WAT A . 
E 4 HOH 32 152 89  HOH WAT A . 
E 4 HOH 33 153 90  HOH WAT A . 
E 4 HOH 34 154 91  HOH WAT A . 
E 4 HOH 35 155 92  HOH WAT A . 
E 4 HOH 36 157 100 HOH WAT A . 
E 4 HOH 37 159 102 HOH WAT A . 
E 4 HOH 38 160 103 HOH WAT A . 
E 4 HOH 39 161 104 HOH WAT A . 
E 4 HOH 40 162 105 HOH WAT A . 
E 4 HOH 41 163 106 HOH WAT A . 
E 4 HOH 42 164 107 HOH WAT A . 
E 4 HOH 43 509 8   HOH WAT A . 
E 4 HOH 44 510 9   HOH WAT A . 
E 4 HOH 45 514 23  HOH WAT A . 
E 4 HOH 46 515 24  HOH WAT A . 
E 4 HOH 47 518 27  HOH WAT A . 
E 4 HOH 48 520 29  HOH WAT A . 
E 4 HOH 49 522 31  HOH WAT A . 
E 4 HOH 50 527 36  HOH WAT A . 
E 4 HOH 51 528 37  HOH WAT A . 
E 4 HOH 52 530 39  HOH WAT A . 
E 4 HOH 53 532 41  HOH WAT A . 
E 4 HOH 54 542 76  HOH WAT A . 
E 4 HOH 55 544 95  HOH WAT A . 
E 4 HOH 56 547 98  HOH WAT A . 
E 4 HOH 57 548 99  HOH WAT A . 
E 4 HOH 58 549 108 HOH WAT A . 
F 4 HOH 1  100 1   HOH WAT B . 
F 4 HOH 2  101 2   HOH WAT B . 
F 4 HOH 3  106 12  HOH WAT B . 
F 4 HOH 4  108 14  HOH WAT B . 
F 4 HOH 5  110 16  HOH WAT B . 
F 4 HOH 6  113 19  HOH WAT B . 
F 4 HOH 7  114 20  HOH WAT B . 
F 4 HOH 8  115 44  HOH WAT B . 
F 4 HOH 9  116 45  HOH WAT B . 
F 4 HOH 10 117 46  HOH WAT B . 
F 4 HOH 11 119 48  HOH WAT B . 
F 4 HOH 12 121 50  HOH WAT B . 
F 4 HOH 13 122 51  HOH WAT B . 
F 4 HOH 14 131 60  HOH WAT B . 
F 4 HOH 15 132 61  HOH WAT B . 
F 4 HOH 16 133 62  HOH WAT B . 
F 4 HOH 17 135 64  HOH WAT B . 
F 4 HOH 18 141 78  HOH WAT B . 
F 4 HOH 19 146 83  HOH WAT B . 
F 4 HOH 20 147 84  HOH WAT B . 
F 4 HOH 21 149 86  HOH WAT B . 
F 4 HOH 22 156 93  HOH WAT B . 
F 4 HOH 23 158 101 HOH WAT B . 
F 4 HOH 24 507 6   HOH WAT B . 
F 4 HOH 25 508 7   HOH WAT B . 
F 4 HOH 26 511 10  HOH WAT B . 
F 4 HOH 27 512 21  HOH WAT B . 
F 4 HOH 28 513 22  HOH WAT B . 
F 4 HOH 29 516 25  HOH WAT B . 
F 4 HOH 30 517 26  HOH WAT B . 
F 4 HOH 31 519 28  HOH WAT B . 
F 4 HOH 32 521 30  HOH WAT B . 
F 4 HOH 33 523 32  HOH WAT B . 
F 4 HOH 34 524 33  HOH WAT B . 
F 4 HOH 35 525 34  HOH WAT B . 
F 4 HOH 36 526 35  HOH WAT B . 
F 4 HOH 37 529 38  HOH WAT B . 
F 4 HOH 38 531 40  HOH WAT B . 
F 4 HOH 39 533 42  HOH WAT B . 
F 4 HOH 40 534 43  HOH WAT B . 
F 4 HOH 41 535 69  HOH WAT B . 
F 4 HOH 42 536 70  HOH WAT B . 
F 4 HOH 43 537 71  HOH WAT B . 
F 4 HOH 44 538 72  HOH WAT B . 
F 4 HOH 45 539 73  HOH WAT B . 
F 4 HOH 46 540 74  HOH WAT B . 
F 4 HOH 47 541 75  HOH WAT B . 
F 4 HOH 48 543 94  HOH WAT B . 
F 4 HOH 49 545 96  HOH WAT B . 
F 4 HOH 50 546 97  HOH WAT B . 
F 4 HOH 51 550 109 HOH WAT B . 
F 4 HOH 52 551 110 HOH WAT B . 
F 4 HOH 53 552 111 HOH WAT B . 
F 4 HOH 54 553 112 HOH WAT B . 
F 4 HOH 55 554 113 HOH WAT B . 
F 4 HOH 56 555 114 HOH WAT B . 
F 4 HOH 57 556 115 HOH WAT B . 
F 4 HOH 58 557 116 HOH WAT B . 
F 4 HOH 59 558 117 HOH WAT B . 
F 4 HOH 60 559 118 HOH WAT B . 
# 
_pdbx_struct_assembly.id                   1 
_pdbx_struct_assembly.details              author_and_software_defined_assembly 
_pdbx_struct_assembly.method_details       PISA 
_pdbx_struct_assembly.oligomeric_details   dimeric 
_pdbx_struct_assembly.oligomeric_count     2 
# 
_pdbx_struct_assembly_gen.assembly_id       1 
_pdbx_struct_assembly_gen.oper_expression   1 
_pdbx_struct_assembly_gen.asym_id_list      A,B,C,D,E,F 
# 
loop_
_pdbx_struct_assembly_prop.biol_id 
_pdbx_struct_assembly_prop.type 
_pdbx_struct_assembly_prop.value 
_pdbx_struct_assembly_prop.details 
1 'ABSA (A^2)' 5010 ? 
1 MORE         -29  ? 
1 'SSA (A^2)'  8900 ? 
# 
_pdbx_struct_oper_list.id                   1 
_pdbx_struct_oper_list.type                 'identity operation' 
_pdbx_struct_oper_list.name                 1_555 
_pdbx_struct_oper_list.symmetry_operation   x,y,z 
_pdbx_struct_oper_list.matrix[1][1]         1.0000000000 
_pdbx_struct_oper_list.matrix[1][2]         0.0000000000 
_pdbx_struct_oper_list.matrix[1][3]         0.0000000000 
_pdbx_struct_oper_list.vector[1]            0.0000000000 
_pdbx_struct_oper_list.matrix[2][1]         0.0000000000 
_pdbx_struct_oper_list.matrix[2][2]         1.0000000000 
_pdbx_struct_oper_list.matrix[2][3]         0.0000000000 
_pdbx_struct_oper_list.vector[2]            0.0000000000 
_pdbx_struct_oper_list.matrix[3][1]         0.0000000000 
_pdbx_struct_oper_list.matrix[3][2]         0.0000000000 
_pdbx_struct_oper_list.matrix[3][3]         1.0000000000 
_pdbx_struct_oper_list.vector[3]            0.0000000000 
# 
loop_
_pdbx_audit_revision_history.ordinal 
_pdbx_audit_revision_history.data_content_type 
_pdbx_audit_revision_history.major_revision 
_pdbx_audit_revision_history.minor_revision 
_pdbx_audit_revision_history.revision_date 
1 'Structure model' 1 0 2009-09-01 
2 'Structure model' 1 1 2011-07-13 
3 'Structure model' 1 2 2012-10-17 
4 'Structure model' 1 3 2017-10-25 
5 'Structure model' 1 4 2021-10-20 
6 'Structure model' 1 5 2023-08-30 
# 
_pdbx_audit_revision_details.ordinal             1 
_pdbx_audit_revision_details.revision_ordinal    1 
_pdbx_audit_revision_details.data_content_type   'Structure model' 
_pdbx_audit_revision_details.provider            repository 
_pdbx_audit_revision_details.type                'Initial release' 
_pdbx_audit_revision_details.description         ? 
_pdbx_audit_revision_details.details             ? 
# 
loop_
_pdbx_audit_revision_group.ordinal 
_pdbx_audit_revision_group.revision_ordinal 
_pdbx_audit_revision_group.data_content_type 
_pdbx_audit_revision_group.group 
1  2 'Structure model' Advisory                    
2  2 'Structure model' 'Refinement description'    
3  2 'Structure model' 'Version format compliance' 
4  3 'Structure model' 'Database references'       
5  4 'Structure model' Advisory                    
6  4 'Structure model' 'Refinement description'    
7  5 'Structure model' Advisory                    
8  5 'Structure model' 'Database references'       
9  5 'Structure model' 'Derived calculations'      
10 6 'Structure model' 'Data collection'           
11 6 'Structure model' 'Refinement description'    
# 
loop_
_pdbx_audit_revision_category.ordinal 
_pdbx_audit_revision_category.revision_ordinal 
_pdbx_audit_revision_category.data_content_type 
_pdbx_audit_revision_category.category 
1 4 'Structure model' pdbx_unobs_or_zero_occ_atoms  
2 4 'Structure model' software                      
3 5 'Structure model' database_2                    
4 5 'Structure model' pdbx_unobs_or_zero_occ_atoms  
5 5 'Structure model' struct_ref_seq_dif            
6 5 'Structure model' struct_site                   
7 6 'Structure model' chem_comp_atom                
8 6 'Structure model' chem_comp_bond                
9 6 'Structure model' pdbx_initial_refinement_model 
# 
loop_
_pdbx_audit_revision_item.ordinal 
_pdbx_audit_revision_item.revision_ordinal 
_pdbx_audit_revision_item.data_content_type 
_pdbx_audit_revision_item.item 
1 5 'Structure model' '_database_2.pdbx_DOI'                
2 5 'Structure model' '_database_2.pdbx_database_accession' 
3 5 'Structure model' '_struct_ref_seq_dif.details'         
4 5 'Structure model' '_struct_site.pdbx_auth_asym_id'      
5 5 'Structure model' '_struct_site.pdbx_auth_comp_id'      
6 5 'Structure model' '_struct_site.pdbx_auth_seq_id'       
# 
loop_
_pdbx_refine_tls.pdbx_refine_id 
_pdbx_refine_tls.id 
_pdbx_refine_tls.details 
_pdbx_refine_tls.method 
_pdbx_refine_tls.origin_x 
_pdbx_refine_tls.origin_y 
_pdbx_refine_tls.origin_z 
_pdbx_refine_tls.T[1][1] 
_pdbx_refine_tls.T[2][2] 
_pdbx_refine_tls.T[3][3] 
_pdbx_refine_tls.T[1][2] 
_pdbx_refine_tls.T[1][3] 
_pdbx_refine_tls.T[2][3] 
_pdbx_refine_tls.L[1][1] 
_pdbx_refine_tls.L[2][2] 
_pdbx_refine_tls.L[3][3] 
_pdbx_refine_tls.L[1][2] 
_pdbx_refine_tls.L[1][3] 
_pdbx_refine_tls.L[2][3] 
_pdbx_refine_tls.S[1][1] 
_pdbx_refine_tls.S[2][2] 
_pdbx_refine_tls.S[3][3] 
_pdbx_refine_tls.S[1][2] 
_pdbx_refine_tls.S[1][3] 
_pdbx_refine_tls.S[2][3] 
_pdbx_refine_tls.S[2][1] 
_pdbx_refine_tls.S[3][1] 
_pdbx_refine_tls.S[3][2] 
'X-RAY DIFFRACTION' 1  ? refined -8.4317  6.3980   -3.7720  -0.1380 -0.1227 -0.0885 0.0389  -0.0281 0.0044  1.6499  5.3077  4.2707  1.2971  0.7332  -1.1932  0.0206  -0.0493 0.0286  -0.0693 0.2595  0.4475  -0.0080 -0.1966 -0.2227 
'X-RAY DIFFRACTION' 2  ? refined -4.1188  1.1186   -10.7823 -0.0430 -0.1166 -0.1785 -0.0158 -0.0421 -0.0092 2.8128  5.8942  2.4155  0.2814  -0.5379 -1.0658  -0.1431 0.0525  0.0905  0.1047  -0.0048 -0.0836 -0.4194 0.1965  -0.0757 
'X-RAY DIFFRACTION' 3  ? refined -6.1272  -4.1755  1.9073   -0.0841 -0.0856 -0.1237 0.0132  -0.0357 -0.0048 3.5796  6.2782  1.7631  -0.8397 -2.2097 -1.0397  -0.0143 0.1030  -0.0888 0.0715  0.1461  -0.0149 0.1848  -0.0829 0.0069  
'X-RAY DIFFRACTION' 4  ? refined 5.2327   4.6687   -3.0120  -0.1004 -0.1264 -0.1148 0.0073  -0.0182 0.0236  4.9034  2.4159  3.9720  0.2791  -2.3557 -0.5905  0.0644  -0.0468 -0.0175 0.0665  0.0448  -0.1185 0.1097  0.2066  0.0391  
'X-RAY DIFFRACTION' 5  ? refined -17.1708 -7.3470  5.4214   -0.1173 -0.1425 -0.0203 0.0038  0.0696  0.0172  10.7438 14.7175 4.9057  6.9086  3.7710  8.4917   0.0209  0.0226  -0.0436 0.0512  -0.2769 0.5819  1.1167  0.3715  -0.4725 
'X-RAY DIFFRACTION' 6  ? refined 13.0253  10.1107  -11.0856 -0.1398 -0.1417 -0.0162 0.0631  0.0416  0.1418  24.3917 11.8662 7.3205  1.2082  6.6884  4.2594   -0.1705 -0.2196 0.3901  0.4560  1.1609  -0.9510 -0.5484 -0.1725 0.2126  
'X-RAY DIFFRACTION' 7  ? refined -8.3730  -17.0845 9.4473   -0.2240 -0.0919 -0.1807 -0.0238 -0.0368 0.0502  6.0012  17.2344 7.8256  -0.8143 -2.3704 3.4326   0.0913  -0.0827 -0.0086 -0.0738 -0.1171 0.3010  0.6346  0.0847  -0.6647 
'X-RAY DIFFRACTION' 8  ? refined 17.4603  11.6259  1.8364   -0.1911 -0.0703 -0.0906 -0.0124 -0.0670 0.0915  5.9174  9.2044  9.6278  4.1191  -1.2771 3.6817   -0.0666 0.0989  -0.0322 -0.0450 0.0090  -0.1194 -0.1948 -0.1488 0.5310  
'X-RAY DIFFRACTION' 9  ? refined 4.1577   -12.6513 7.2638   -0.0834 -0.1180 -0.1482 0.0293  -0.0128 0.0124  9.7576  9.3295  1.4245  4.1464  0.4749  -2.5350  -0.1110 0.1322  -0.0211 -0.0130 0.0573  -0.0196 0.2057  -0.1687 -0.0155 
'X-RAY DIFFRACTION' 10 ? refined 10.6631  3.8024   10.3559  -0.0836 -0.0935 -0.1562 0.0180  -0.0194 -0.0337 10.7802 11.7462 4.3115  8.6678  -0.1212 -0.4783  -0.0225 0.0490  -0.0267 0.0497  -0.1772 0.0533  0.0089  0.1126  0.1214  
'X-RAY DIFFRACTION' 11 ? refined -4.6480  -6.7201  8.0085   -0.0930 -0.0710 -0.1499 -0.0174 -0.0133 0.0531  0.9186  16.5422 6.9370  -3.6149 2.4232  -8.4115  0.0205  -0.3169 0.2964  0.0968  0.0360  -0.2721 0.8381  -0.5715 0.3777  
'X-RAY DIFFRACTION' 12 ? refined 10.8530  2.7120   -0.2036  -0.1151 -0.0738 0.0283  -0.0150 -0.0456 0.1074  17.0132 0.0421  5.2413  -0.2668 9.3947  -0.1023  0.4760  0.0264  -0.5024 -0.8769 -1.3359 0.0038  0.0588  0.1811  -0.3959 
'X-RAY DIFFRACTION' 13 ? refined -7.6408  -7.1941  -6.1347  -0.0704 -0.1077 -0.0985 -0.0119 -0.0371 0.0009  4.9681  4.5115  3.4028  -1.3277 4.0417  -0.3904  -0.1300 0.2607  -0.1307 -0.3357 -0.0631 0.1926  -0.4137 0.0411  -0.2536 
'X-RAY DIFFRACTION' 14 ? refined 0.1350   11.7113  -2.9180  -0.0720 -0.0791 -0.0669 0.0028  -0.0236 0.0112  3.0223  5.0758  0.3156  -0.5359 -0.8743 0.7138   0.0720  -0.2975 0.2255  -0.0800 0.1857  0.0512  0.0799  0.0457  0.2273  
'X-RAY DIFFRACTION' 15 ? refined -8.3155  -19.0910 1.7279   -0.1366 -0.1624 -0.0007 -0.0016 -0.0311 0.0715  26.9337 2.4396  13.0373 2.3656  14.9927 -1.9190  0.1961  0.6388  -0.8350 -0.0403 -1.4604 -0.2223 -0.4280 0.4941  -0.2076 
'X-RAY DIFFRACTION' 16 ? refined 12.0748  16.8331  2.5730   -0.1556 -0.1672 -0.0723 -0.0771 -0.0164 -0.0027 12.1727 10.3851 22.3239 -3.7032 12.0745 -8.3863  -0.0318 -0.2032 0.2351  0.1349  1.1912  -0.1324 0.7992  -0.6899 0.4711  
'X-RAY DIFFRACTION' 17 ? refined -16.2126 -8.4395  -0.7821  -0.1604 -0.1204 0.0476  -0.0436 -0.0642 -0.0151 4.6787  33.1530 17.4638 12.4545 -9.0393 -24.0619 -0.0470 -0.6789 0.7259  -0.1213 -0.2037 -0.6268 1.3946  -0.8025 -0.0107 
'X-RAY DIFFRACTION' 18 ? refined 7.7040   13.4703  -9.6519  -0.1533 -0.1068 -0.1209 0.0071  0.1080  0.0209  17.9306 18.4282 8.1904  10.4207 11.4544 3.3703   0.4936  -0.4012 -0.0924 -0.0976 -0.4433 -0.4871 -0.0977 -0.2293 -0.7590 
'X-RAY DIFFRACTION' 19 ? refined -11.8538 -12.5716 -2.0866  -0.0972 -0.1093 -0.0615 -0.0018 -0.0108 0.0445  8.3294  1.9944  3.8962  -3.8717 5.4703  -2.2996  -0.4226 0.2818  0.1407  -0.0589 -0.3159 0.3212  0.1454  -0.2681 -0.0889 
'X-RAY DIFFRACTION' 20 ? refined 7.0538   15.0048  -3.0767  -0.1796 -0.0954 -0.0768 -0.0307 0.0344  0.0218  0.3554  6.6652  8.2622  -0.1033 0.5404  1.0532   -0.1837 -0.1041 0.2878  0.0244  0.3077  -0.3833 0.1163  -0.4691 -0.1678 
'X-RAY DIFFRACTION' 21 ? refined 2.7762   -1.7387  3.6214   -0.1253 -0.0588 -0.0224 -0.0263 -0.0734 0.0832  16.3393 19.4268 8.4197  15.1683 -0.6814 -7.3300  0.4643  -0.1961 -0.2680 0.0918  0.0553  -2.1379 0.0519  0.6296  -1.1369 
# 
loop_
_pdbx_refine_tls_group.pdbx_refine_id 
_pdbx_refine_tls_group.id 
_pdbx_refine_tls_group.refine_tls_id 
_pdbx_refine_tls_group.beg_auth_asym_id 
_pdbx_refine_tls_group.beg_auth_seq_id 
_pdbx_refine_tls_group.end_auth_asym_id 
_pdbx_refine_tls_group.end_auth_seq_id 
_pdbx_refine_tls_group.selection_details 
_pdbx_refine_tls_group.beg_label_asym_id 
_pdbx_refine_tls_group.beg_label_seq_id 
_pdbx_refine_tls_group.end_label_asym_id 
_pdbx_refine_tls_group.end_label_seq_id 
_pdbx_refine_tls_group.selection 
'X-RAY DIFFRACTION' 1  1  A 1   A 5   ? . . . . ? 
'X-RAY DIFFRACTION' 2  1  A 94  A 99  ? . . . . ? 
'X-RAY DIFFRACTION' 3  1  A 6   A 10  ? . . . . ? 
'X-RAY DIFFRACTION' 4  2  B 1   B 5   ? . . . . ? 
'X-RAY DIFFRACTION' 5  2  B 94  B 99  ? . . . . ? 
'X-RAY DIFFRACTION' 6  2  B 6   B 10  ? . . . . ? 
'X-RAY DIFFRACTION' 7  3  A 20  A 32  ? . . . . ? 
'X-RAY DIFFRACTION' 8  4  B 20  B 32  ? . . . . ? 
'X-RAY DIFFRACTION' 9  5  A 11  A 19  ? . . . . ? 
'X-RAY DIFFRACTION' 10 6  B 11  B 19  ? . . . . ? 
'X-RAY DIFFRACTION' 11 7  A 33  A 43  ? . . . . ? 
'X-RAY DIFFRACTION' 12 8  B 33  B 43  ? . . . . ? 
'X-RAY DIFFRACTION' 13 9  A 44  A 57  ? . . . . ? 
'X-RAY DIFFRACTION' 14 10 B 44  B 57  ? . . . . ? 
'X-RAY DIFFRACTION' 15 11 A 77  A 85  ? . . . . ? 
'X-RAY DIFFRACTION' 16 12 B 77  B 85  ? . . . . ? 
'X-RAY DIFFRACTION' 17 13 A 86  A 93  ? . . . . ? 
'X-RAY DIFFRACTION' 18 14 B 86  B 93  ? . . . . ? 
'X-RAY DIFFRACTION' 19 15 A 58  A 62  ? . . . . ? 
'X-RAY DIFFRACTION' 20 16 B 58  B 62  ? . . . . ? 
'X-RAY DIFFRACTION' 21 17 A 63  A 68  ? . . . . ? 
'X-RAY DIFFRACTION' 22 18 B 63  B 68  ? . . . . ? 
'X-RAY DIFFRACTION' 23 19 A 69  A 76  ? . . . . ? 
'X-RAY DIFFRACTION' 24 20 B 69  B 76  ? . . . . ? 
'X-RAY DIFFRACTION' 25 21 B 201 B 201 ? . . . . ? 
# 
loop_
_software.name 
_software.classification 
_software.version 
_software.citation_id 
_software.pdbx_ordinal 
REFMAC    refinement       5.2.0005 ? 1 
HKL-2000  'data reduction' .        ? 2 
SCALEPACK 'data scaling'   .        ? 3 
AMoRE     phasing          .        ? 4 
# 
_pdbx_validate_rmsd_bond.id                        1 
_pdbx_validate_rmsd_bond.PDB_model_num             1 
_pdbx_validate_rmsd_bond.auth_atom_id_1            NE 
_pdbx_validate_rmsd_bond.auth_asym_id_1            A 
_pdbx_validate_rmsd_bond.auth_comp_id_1            ARG 
_pdbx_validate_rmsd_bond.auth_seq_id_1             14 
_pdbx_validate_rmsd_bond.PDB_ins_code_1            ? 
_pdbx_validate_rmsd_bond.label_alt_id_1            ? 
_pdbx_validate_rmsd_bond.auth_atom_id_2            CZ 
_pdbx_validate_rmsd_bond.auth_asym_id_2            A 
_pdbx_validate_rmsd_bond.auth_comp_id_2            ARG 
_pdbx_validate_rmsd_bond.auth_seq_id_2             14 
_pdbx_validate_rmsd_bond.PDB_ins_code_2            ? 
_pdbx_validate_rmsd_bond.label_alt_id_2            ? 
_pdbx_validate_rmsd_bond.bond_value                1.217 
_pdbx_validate_rmsd_bond.bond_target_value         1.326 
_pdbx_validate_rmsd_bond.bond_deviation            -0.109 
_pdbx_validate_rmsd_bond.bond_standard_deviation   0.013 
_pdbx_validate_rmsd_bond.linker_flag               N 
# 
loop_
_pdbx_unobs_or_zero_occ_atoms.id 
_pdbx_unobs_or_zero_occ_atoms.PDB_model_num 
_pdbx_unobs_or_zero_occ_atoms.polymer_flag 
_pdbx_unobs_or_zero_occ_atoms.occupancy_flag 
_pdbx_unobs_or_zero_occ_atoms.auth_asym_id 
_pdbx_unobs_or_zero_occ_atoms.auth_comp_id 
_pdbx_unobs_or_zero_occ_atoms.auth_seq_id 
_pdbx_unobs_or_zero_occ_atoms.PDB_ins_code 
_pdbx_unobs_or_zero_occ_atoms.auth_atom_id 
_pdbx_unobs_or_zero_occ_atoms.label_alt_id 
_pdbx_unobs_or_zero_occ_atoms.label_asym_id 
_pdbx_unobs_or_zero_occ_atoms.label_comp_id 
_pdbx_unobs_or_zero_occ_atoms.label_seq_id 
_pdbx_unobs_or_zero_occ_atoms.label_atom_id 
1  1 Y 1 A LYS 7  ? CG  ? A LYS 7  CG  
2  1 Y 1 A LYS 7  ? CD  ? A LYS 7  CD  
3  1 Y 1 A LYS 7  ? CE  ? A LYS 7  CE  
4  1 Y 1 A LYS 7  ? NZ  ? A LYS 7  NZ  
5  1 Y 0 A ARG 14 ? CZ  ? A ARG 14 CZ  
6  1 Y 0 A ARG 14 ? NH1 ? A ARG 14 NH1 
7  1 Y 0 A ARG 14 ? NH2 ? A ARG 14 NH2 
8  1 Y 1 A LYS 41 ? CG  ? A LYS 41 CG  
9  1 Y 1 A LYS 41 ? CD  ? A LYS 41 CD  
10 1 Y 1 A LYS 41 ? CE  ? A LYS 41 CE  
11 1 Y 1 A LYS 41 ? NZ  ? A LYS 41 NZ  
12 1 Y 1 A LYS 43 ? CG  ? A LYS 43 CG  
13 1 Y 1 A LYS 43 ? CD  ? A LYS 43 CD  
14 1 Y 1 A LYS 43 ? CE  ? A LYS 43 CE  
15 1 Y 1 A LYS 43 ? NZ  ? A LYS 43 NZ  
16 1 Y 1 B LYS 7  ? CG  ? B LYS 7  CG  
17 1 Y 1 B LYS 7  ? CD  ? B LYS 7  CD  
18 1 Y 1 B LYS 7  ? CE  ? B LYS 7  CE  
19 1 Y 1 B LYS 7  ? NZ  ? B LYS 7  NZ  
20 1 Y 0 B ARG 8  ? NE  ? B ARG 8  NE  
21 1 Y 0 B ARG 8  ? CZ  ? B ARG 8  CZ  
22 1 Y 0 B ARG 8  ? NH1 ? B ARG 8  NH1 
23 1 Y 0 B ARG 8  ? NH2 ? B ARG 8  NH2 
24 1 Y 1 B LYS 41 ? CG  ? B LYS 41 CG  
25 1 Y 1 B LYS 41 ? CD  ? B LYS 41 CD  
26 1 Y 1 B LYS 41 ? CE  ? B LYS 41 CE  
27 1 Y 1 B LYS 41 ? NZ  ? B LYS 41 NZ  
28 1 Y 0 B LYS 43 ? CE  ? B LYS 43 CE  
29 1 Y 0 B LYS 43 ? NZ  ? B LYS 43 NZ  
30 1 Y 1 B LYS 45 ? CG  ? B LYS 45 CG  
31 1 Y 1 B LYS 45 ? CD  ? B LYS 45 CD  
32 1 Y 1 B LYS 45 ? CE  ? B LYS 45 CE  
33 1 Y 1 B LYS 45 ? NZ  ? B LYS 45 NZ  
34 1 Y 1 B LYS 70 ? CG  ? B LYS 70 CG  
35 1 Y 1 B LYS 70 ? CD  ? B LYS 70 CD  
36 1 Y 1 B LYS 70 ? CE  ? B LYS 70 CE  
37 1 Y 1 B LYS 70 ? NZ  ? B LYS 70 NZ  
# 
loop_
_chem_comp_atom.comp_id 
_chem_comp_atom.atom_id 
_chem_comp_atom.type_symbol 
_chem_comp_atom.pdbx_aromatic_flag 
_chem_comp_atom.pdbx_stereo_config 
_chem_comp_atom.pdbx_ordinal 
1UN C1   C N S 1   
1UN C2   C N S 2   
1UN C3   C N N 3   
1UN C4   C N N 4   
1UN C5   C N N 5   
1UN C6   C N N 6   
1UN N7   N N N 7   
1UN C8   C N S 8   
1UN C9   C N N 9   
1UN C10  C N N 10  
1UN C11  C N N 11  
1UN N12  N N N 12  
1UN C13  C N N 13  
1UN C14  C N N 14  
1UN C15  C N N 15  
1UN C16  C N N 16  
1UN O17  O N N 17  
1UN C18  C N N 18  
1UN C19  C N R 19  
1UN C20  C N R 20  
1UN O21  O N N 21  
1UN N22  N N N 22  
1UN C23  C N N 23  
1UN C24  C N N 24  
1UN O25  O N N 25  
1UN C29  C Y N 26  
1UN C30  C Y N 27  
1UN C31  C Y N 28  
1UN C32  C Y N 29  
1UN C33  C Y N 30  
1UN C34  C Y N 31  
1UN O38  O N N 32  
1UN C39  C N N 33  
1UN S74  S N N 34  
1UN C77  C Y N 35  
1UN C78  C Y N 36  
1UN C79  C Y N 37  
1UN C80  C Y N 38  
1UN C81  C Y N 39  
1UN C82  C Y N 40  
1UN H1   H N N 41  
1UN H2   H N N 42  
1UN H31A H N N 43  
1UN H32A H N N 44  
1UN H41  H N N 45  
1UN H42  H N N 46  
1UN H51  H N N 47  
1UN H52  H N N 48  
1UN H61  H N N 49  
1UN H62  H N N 50  
1UN H8   H N N 51  
1UN H91  H N N 52  
1UN H92  H N N 53  
1UN H101 H N N 54  
1UN H102 H N N 55  
1UN HNC  H N N 56  
1UN H141 H N N 57  
1UN H142 H N N 58  
1UN H143 H N N 59  
1UN H151 H N N 60  
1UN H152 H N N 61  
1UN H153 H N N 62  
1UN H161 H N N 63  
1UN H162 H N N 64  
1UN H163 H N N 65  
1UN H181 H N N 66  
1UN H182 H N N 67  
1UN H19  H N N 68  
1UN H20  H N N 69  
1UN HOL  H N N 70  
1UN HNM  H N N 71  
1UN H231 H N N 72  
1UN H232 H N N 73  
1UN H30  H N N 74  
1UN H31  H N N 75  
1UN H32  H N N 76  
1UN HO   H N N 77  
1UN H391 H N N 78  
1UN H392 H N N 79  
1UN H393 H N N 80  
1UN H78  H N N 81  
1UN H79  H N N 82  
1UN H80  H N N 83  
1UN H81  H N N 84  
1UN H82  H N N 85  
ACT C    C N N 86  
ACT O    O N N 87  
ACT OXT  O N N 88  
ACT CH3  C N N 89  
ACT H1   H N N 90  
ACT H2   H N N 91  
ACT H3   H N N 92  
ALA N    N N N 93  
ALA CA   C N S 94  
ALA C    C N N 95  
ALA O    O N N 96  
ALA CB   C N N 97  
ALA OXT  O N N 98  
ALA H    H N N 99  
ALA H2   H N N 100 
ALA HA   H N N 101 
ALA HB1  H N N 102 
ALA HB2  H N N 103 
ALA HB3  H N N 104 
ALA HXT  H N N 105 
ARG N    N N N 106 
ARG CA   C N S 107 
ARG C    C N N 108 
ARG O    O N N 109 
ARG CB   C N N 110 
ARG CG   C N N 111 
ARG CD   C N N 112 
ARG NE   N N N 113 
ARG CZ   C N N 114 
ARG NH1  N N N 115 
ARG NH2  N N N 116 
ARG OXT  O N N 117 
ARG H    H N N 118 
ARG H2   H N N 119 
ARG HA   H N N 120 
ARG HB2  H N N 121 
ARG HB3  H N N 122 
ARG HG2  H N N 123 
ARG HG3  H N N 124 
ARG HD2  H N N 125 
ARG HD3  H N N 126 
ARG HE   H N N 127 
ARG HH11 H N N 128 
ARG HH12 H N N 129 
ARG HH21 H N N 130 
ARG HH22 H N N 131 
ARG HXT  H N N 132 
ASN N    N N N 133 
ASN CA   C N S 134 
ASN C    C N N 135 
ASN O    O N N 136 
ASN CB   C N N 137 
ASN CG   C N N 138 
ASN OD1  O N N 139 
ASN ND2  N N N 140 
ASN OXT  O N N 141 
ASN H    H N N 142 
ASN H2   H N N 143 
ASN HA   H N N 144 
ASN HB2  H N N 145 
ASN HB3  H N N 146 
ASN HD21 H N N 147 
ASN HD22 H N N 148 
ASN HXT  H N N 149 
ASP N    N N N 150 
ASP CA   C N S 151 
ASP C    C N N 152 
ASP O    O N N 153 
ASP CB   C N N 154 
ASP CG   C N N 155 
ASP OD1  O N N 156 
ASP OD2  O N N 157 
ASP OXT  O N N 158 
ASP H    H N N 159 
ASP H2   H N N 160 
ASP HA   H N N 161 
ASP HB2  H N N 162 
ASP HB3  H N N 163 
ASP HD2  H N N 164 
ASP HXT  H N N 165 
CYS N    N N N 166 
CYS CA   C N R 167 
CYS C    C N N 168 
CYS O    O N N 169 
CYS CB   C N N 170 
CYS SG   S N N 171 
CYS OXT  O N N 172 
CYS H    H N N 173 
CYS H2   H N N 174 
CYS HA   H N N 175 
CYS HB2  H N N 176 
CYS HB3  H N N 177 
CYS HG   H N N 178 
CYS HXT  H N N 179 
GLN N    N N N 180 
GLN CA   C N S 181 
GLN C    C N N 182 
GLN O    O N N 183 
GLN CB   C N N 184 
GLN CG   C N N 185 
GLN CD   C N N 186 
GLN OE1  O N N 187 
GLN NE2  N N N 188 
GLN OXT  O N N 189 
GLN H    H N N 190 
GLN H2   H N N 191 
GLN HA   H N N 192 
GLN HB2  H N N 193 
GLN HB3  H N N 194 
GLN HG2  H N N 195 
GLN HG3  H N N 196 
GLN HE21 H N N 197 
GLN HE22 H N N 198 
GLN HXT  H N N 199 
GLU N    N N N 200 
GLU CA   C N S 201 
GLU C    C N N 202 
GLU O    O N N 203 
GLU CB   C N N 204 
GLU CG   C N N 205 
GLU CD   C N N 206 
GLU OE1  O N N 207 
GLU OE2  O N N 208 
GLU OXT  O N N 209 
GLU H    H N N 210 
GLU H2   H N N 211 
GLU HA   H N N 212 
GLU HB2  H N N 213 
GLU HB3  H N N 214 
GLU HG2  H N N 215 
GLU HG3  H N N 216 
GLU HE2  H N N 217 
GLU HXT  H N N 218 
GLY N    N N N 219 
GLY CA   C N N 220 
GLY C    C N N 221 
GLY O    O N N 222 
GLY OXT  O N N 223 
GLY H    H N N 224 
GLY H2   H N N 225 
GLY HA2  H N N 226 
GLY HA3  H N N 227 
GLY HXT  H N N 228 
HIS N    N N N 229 
HIS CA   C N S 230 
HIS C    C N N 231 
HIS O    O N N 232 
HIS CB   C N N 233 
HIS CG   C Y N 234 
HIS ND1  N Y N 235 
HIS CD2  C Y N 236 
HIS CE1  C Y N 237 
HIS NE2  N Y N 238 
HIS OXT  O N N 239 
HIS H    H N N 240 
HIS H2   H N N 241 
HIS HA   H N N 242 
HIS HB2  H N N 243 
HIS HB3  H N N 244 
HIS HD1  H N N 245 
HIS HD2  H N N 246 
HIS HE1  H N N 247 
HIS HE2  H N N 248 
HIS HXT  H N N 249 
HOH O    O N N 250 
HOH H1   H N N 251 
HOH H2   H N N 252 
ILE N    N N N 253 
ILE CA   C N S 254 
ILE C    C N N 255 
ILE O    O N N 256 
ILE CB   C N S 257 
ILE CG1  C N N 258 
ILE CG2  C N N 259 
ILE CD1  C N N 260 
ILE OXT  O N N 261 
ILE H    H N N 262 
ILE H2   H N N 263 
ILE HA   H N N 264 
ILE HB   H N N 265 
ILE HG12 H N N 266 
ILE HG13 H N N 267 
ILE HG21 H N N 268 
ILE HG22 H N N 269 
ILE HG23 H N N 270 
ILE HD11 H N N 271 
ILE HD12 H N N 272 
ILE HD13 H N N 273 
ILE HXT  H N N 274 
LEU N    N N N 275 
LEU CA   C N S 276 
LEU C    C N N 277 
LEU O    O N N 278 
LEU CB   C N N 279 
LEU CG   C N N 280 
LEU CD1  C N N 281 
LEU CD2  C N N 282 
LEU OXT  O N N 283 
LEU H    H N N 284 
LEU H2   H N N 285 
LEU HA   H N N 286 
LEU HB2  H N N 287 
LEU HB3  H N N 288 
LEU HG   H N N 289 
LEU HD11 H N N 290 
LEU HD12 H N N 291 
LEU HD13 H N N 292 
LEU HD21 H N N 293 
LEU HD22 H N N 294 
LEU HD23 H N N 295 
LEU HXT  H N N 296 
LYS N    N N N 297 
LYS CA   C N S 298 
LYS C    C N N 299 
LYS O    O N N 300 
LYS CB   C N N 301 
LYS CG   C N N 302 
LYS CD   C N N 303 
LYS CE   C N N 304 
LYS NZ   N N N 305 
LYS OXT  O N N 306 
LYS H    H N N 307 
LYS H2   H N N 308 
LYS HA   H N N 309 
LYS HB2  H N N 310 
LYS HB3  H N N 311 
LYS HG2  H N N 312 
LYS HG3  H N N 313 
LYS HD2  H N N 314 
LYS HD3  H N N 315 
LYS HE2  H N N 316 
LYS HE3  H N N 317 
LYS HZ1  H N N 318 
LYS HZ2  H N N 319 
LYS HZ3  H N N 320 
LYS HXT  H N N 321 
MET N    N N N 322 
MET CA   C N S 323 
MET C    C N N 324 
MET O    O N N 325 
MET CB   C N N 326 
MET CG   C N N 327 
MET SD   S N N 328 
MET CE   C N N 329 
MET OXT  O N N 330 
MET H    H N N 331 
MET H2   H N N 332 
MET HA   H N N 333 
MET HB2  H N N 334 
MET HB3  H N N 335 
MET HG2  H N N 336 
MET HG3  H N N 337 
MET HE1  H N N 338 
MET HE2  H N N 339 
MET HE3  H N N 340 
MET HXT  H N N 341 
PHE N    N N N 342 
PHE CA   C N S 343 
PHE C    C N N 344 
PHE O    O N N 345 
PHE CB   C N N 346 
PHE CG   C Y N 347 
PHE CD1  C Y N 348 
PHE CD2  C Y N 349 
PHE CE1  C Y N 350 
PHE CE2  C Y N 351 
PHE CZ   C Y N 352 
PHE OXT  O N N 353 
PHE H    H N N 354 
PHE H2   H N N 355 
PHE HA   H N N 356 
PHE HB2  H N N 357 
PHE HB3  H N N 358 
PHE HD1  H N N 359 
PHE HD2  H N N 360 
PHE HE1  H N N 361 
PHE HE2  H N N 362 
PHE HZ   H N N 363 
PHE HXT  H N N 364 
PRO N    N N N 365 
PRO CA   C N S 366 
PRO C    C N N 367 
PRO O    O N N 368 
PRO CB   C N N 369 
PRO CG   C N N 370 
PRO CD   C N N 371 
PRO OXT  O N N 372 
PRO H    H N N 373 
PRO HA   H N N 374 
PRO HB2  H N N 375 
PRO HB3  H N N 376 
PRO HG2  H N N 377 
PRO HG3  H N N 378 
PRO HD2  H N N 379 
PRO HD3  H N N 380 
PRO HXT  H N N 381 
THR N    N N N 382 
THR CA   C N S 383 
THR C    C N N 384 
THR O    O N N 385 
THR CB   C N R 386 
THR OG1  O N N 387 
THR CG2  C N N 388 
THR OXT  O N N 389 
THR H    H N N 390 
THR H2   H N N 391 
THR HA   H N N 392 
THR HB   H N N 393 
THR HG1  H N N 394 
THR HG21 H N N 395 
THR HG22 H N N 396 
THR HG23 H N N 397 
THR HXT  H N N 398 
TRP N    N N N 399 
TRP CA   C N S 400 
TRP C    C N N 401 
TRP O    O N N 402 
TRP CB   C N N 403 
TRP CG   C Y N 404 
TRP CD1  C Y N 405 
TRP CD2  C Y N 406 
TRP NE1  N Y N 407 
TRP CE2  C Y N 408 
TRP CE3  C Y N 409 
TRP CZ2  C Y N 410 
TRP CZ3  C Y N 411 
TRP CH2  C Y N 412 
TRP OXT  O N N 413 
TRP H    H N N 414 
TRP H2   H N N 415 
TRP HA   H N N 416 
TRP HB2  H N N 417 
TRP HB3  H N N 418 
TRP HD1  H N N 419 
TRP HE1  H N N 420 
TRP HE3  H N N 421 
TRP HZ2  H N N 422 
TRP HZ3  H N N 423 
TRP HH2  H N N 424 
TRP HXT  H N N 425 
TYR N    N N N 426 
TYR CA   C N S 427 
TYR C    C N N 428 
TYR O    O N N 429 
TYR CB   C N N 430 
TYR CG   C Y N 431 
TYR CD1  C Y N 432 
TYR CD2  C Y N 433 
TYR CE1  C Y N 434 
TYR CE2  C Y N 435 
TYR CZ   C Y N 436 
TYR OH   O N N 437 
TYR OXT  O N N 438 
TYR H    H N N 439 
TYR H2   H N N 440 
TYR HA   H N N 441 
TYR HB2  H N N 442 
TYR HB3  H N N 443 
TYR HD1  H N N 444 
TYR HD2  H N N 445 
TYR HE1  H N N 446 
TYR HE2  H N N 447 
TYR HH   H N N 448 
TYR HXT  H N N 449 
VAL N    N N N 450 
VAL CA   C N S 451 
VAL C    C N N 452 
VAL O    O N N 453 
VAL CB   C N N 454 
VAL CG1  C N N 455 
VAL CG2  C N N 456 
VAL OXT  O N N 457 
VAL H    H N N 458 
VAL H2   H N N 459 
VAL HA   H N N 460 
VAL HB   H N N 461 
VAL HG11 H N N 462 
VAL HG12 H N N 463 
VAL HG13 H N N 464 
VAL HG21 H N N 465 
VAL HG22 H N N 466 
VAL HG23 H N N 467 
VAL HXT  H N N 468 
# 
loop_
_chem_comp_bond.comp_id 
_chem_comp_bond.atom_id_1 
_chem_comp_bond.atom_id_2 
_chem_comp_bond.value_order 
_chem_comp_bond.pdbx_aromatic_flag 
_chem_comp_bond.pdbx_stereo_config 
_chem_comp_bond.pdbx_ordinal 
1UN C1  C2   sing N N 1   
1UN C1  C6   sing N N 2   
1UN C1  C10  sing N N 3   
1UN C1  H1   sing N N 4   
1UN C2  C3   sing N N 5   
1UN C2  C9   sing N N 6   
1UN C2  H2   sing N N 7   
1UN C3  C4   sing N N 8   
1UN C3  H31A sing N N 9   
1UN C3  H32A sing N N 10  
1UN C4  C5   sing N N 11  
1UN C4  H41  sing N N 12  
1UN C4  H42  sing N N 13  
1UN C5  C6   sing N N 14  
1UN C5  H51  sing N N 15  
1UN C5  H52  sing N N 16  
1UN C6  H61  sing N N 17  
1UN C6  H62  sing N N 18  
1UN N7  C8   sing N N 19  
1UN N7  C10  sing N N 20  
1UN N7  C18  sing N N 21  
1UN C8  C9   sing N N 22  
1UN C8  C11  sing N N 23  
1UN C8  H8   sing N N 24  
1UN C9  H91  sing N N 25  
1UN C9  H92  sing N N 26  
1UN C10 H101 sing N N 27  
1UN C10 H102 sing N N 28  
1UN C11 N12  sing N N 29  
1UN C11 O17  doub N N 30  
1UN N12 C13  sing N N 31  
1UN N12 HNC  sing N N 32  
1UN C13 C14  sing N N 33  
1UN C13 C15  sing N N 34  
1UN C13 C16  sing N N 35  
1UN C14 H141 sing N N 36  
1UN C14 H142 sing N N 37  
1UN C14 H143 sing N N 38  
1UN C15 H151 sing N N 39  
1UN C15 H152 sing N N 40  
1UN C15 H153 sing N N 41  
1UN C16 H161 sing N N 42  
1UN C16 H162 sing N N 43  
1UN C16 H163 sing N N 44  
1UN C18 C19  sing N N 45  
1UN C18 H181 sing N N 46  
1UN C18 H182 sing N N 47  
1UN C19 C20  sing N N 48  
1UN C19 O21  sing N N 49  
1UN C19 H19  sing N N 50  
1UN C20 N22  sing N N 51  
1UN C20 C23  sing N N 52  
1UN C20 H20  sing N N 53  
1UN O21 HOL  sing N N 54  
1UN N22 C24  sing N N 55  
1UN N22 HNM  sing N N 56  
1UN C23 S74  sing N N 57  
1UN C23 H231 sing N N 58  
1UN C23 H232 sing N N 59  
1UN C24 O25  doub N N 60  
1UN C24 C29  sing N N 61  
1UN C29 C30  doub Y N 62  
1UN C29 C34  sing Y N 63  
1UN C30 C31  sing Y N 64  
1UN C30 H30  sing N N 65  
1UN C31 C32  doub Y N 66  
1UN C31 H31  sing N N 67  
1UN C32 C33  sing Y N 68  
1UN C32 H32  sing N N 69  
1UN C33 C34  doub Y N 70  
1UN C33 O38  sing N N 71  
1UN C34 C39  sing N N 72  
1UN O38 HO   sing N N 73  
1UN C39 H391 sing N N 74  
1UN C39 H392 sing N N 75  
1UN C39 H393 sing N N 76  
1UN S74 C77  sing N N 77  
1UN C77 C78  doub Y N 78  
1UN C77 C82  sing Y N 79  
1UN C78 C79  sing Y N 80  
1UN C78 H78  sing N N 81  
1UN C79 C80  doub Y N 82  
1UN C79 H79  sing N N 83  
1UN C80 C81  sing Y N 84  
1UN C80 H80  sing N N 85  
1UN C81 C82  doub Y N 86  
1UN C81 H81  sing N N 87  
1UN C82 H82  sing N N 88  
ACT C   O    doub N N 89  
ACT C   OXT  sing N N 90  
ACT C   CH3  sing N N 91  
ACT CH3 H1   sing N N 92  
ACT CH3 H2   sing N N 93  
ACT CH3 H3   sing N N 94  
ALA N   CA   sing N N 95  
ALA N   H    sing N N 96  
ALA N   H2   sing N N 97  
ALA CA  C    sing N N 98  
ALA CA  CB   sing N N 99  
ALA CA  HA   sing N N 100 
ALA C   O    doub N N 101 
ALA C   OXT  sing N N 102 
ALA CB  HB1  sing N N 103 
ALA CB  HB2  sing N N 104 
ALA CB  HB3  sing N N 105 
ALA OXT HXT  sing N N 106 
ARG N   CA   sing N N 107 
ARG N   H    sing N N 108 
ARG N   H2   sing N N 109 
ARG CA  C    sing N N 110 
ARG CA  CB   sing N N 111 
ARG CA  HA   sing N N 112 
ARG C   O    doub N N 113 
ARG C   OXT  sing N N 114 
ARG CB  CG   sing N N 115 
ARG CB  HB2  sing N N 116 
ARG CB  HB3  sing N N 117 
ARG CG  CD   sing N N 118 
ARG CG  HG2  sing N N 119 
ARG CG  HG3  sing N N 120 
ARG CD  NE   sing N N 121 
ARG CD  HD2  sing N N 122 
ARG CD  HD3  sing N N 123 
ARG NE  CZ   sing N N 124 
ARG NE  HE   sing N N 125 
ARG CZ  NH1  sing N N 126 
ARG CZ  NH2  doub N N 127 
ARG NH1 HH11 sing N N 128 
ARG NH1 HH12 sing N N 129 
ARG NH2 HH21 sing N N 130 
ARG NH2 HH22 sing N N 131 
ARG OXT HXT  sing N N 132 
ASN N   CA   sing N N 133 
ASN N   H    sing N N 134 
ASN N   H2   sing N N 135 
ASN CA  C    sing N N 136 
ASN CA  CB   sing N N 137 
ASN CA  HA   sing N N 138 
ASN C   O    doub N N 139 
ASN C   OXT  sing N N 140 
ASN CB  CG   sing N N 141 
ASN CB  HB2  sing N N 142 
ASN CB  HB3  sing N N 143 
ASN CG  OD1  doub N N 144 
ASN CG  ND2  sing N N 145 
ASN ND2 HD21 sing N N 146 
ASN ND2 HD22 sing N N 147 
ASN OXT HXT  sing N N 148 
ASP N   CA   sing N N 149 
ASP N   H    sing N N 150 
ASP N   H2   sing N N 151 
ASP CA  C    sing N N 152 
ASP CA  CB   sing N N 153 
ASP CA  HA   sing N N 154 
ASP C   O    doub N N 155 
ASP C   OXT  sing N N 156 
ASP CB  CG   sing N N 157 
ASP CB  HB2  sing N N 158 
ASP CB  HB3  sing N N 159 
ASP CG  OD1  doub N N 160 
ASP CG  OD2  sing N N 161 
ASP OD2 HD2  sing N N 162 
ASP OXT HXT  sing N N 163 
CYS N   CA   sing N N 164 
CYS N   H    sing N N 165 
CYS N   H2   sing N N 166 
CYS CA  C    sing N N 167 
CYS CA  CB   sing N N 168 
CYS CA  HA   sing N N 169 
CYS C   O    doub N N 170 
CYS C   OXT  sing N N 171 
CYS CB  SG   sing N N 172 
CYS CB  HB2  sing N N 173 
CYS CB  HB3  sing N N 174 
CYS SG  HG   sing N N 175 
CYS OXT HXT  sing N N 176 
GLN N   CA   sing N N 177 
GLN N   H    sing N N 178 
GLN N   H2   sing N N 179 
GLN CA  C    sing N N 180 
GLN CA  CB   sing N N 181 
GLN CA  HA   sing N N 182 
GLN C   O    doub N N 183 
GLN C   OXT  sing N N 184 
GLN CB  CG   sing N N 185 
GLN CB  HB2  sing N N 186 
GLN CB  HB3  sing N N 187 
GLN CG  CD   sing N N 188 
GLN CG  HG2  sing N N 189 
GLN CG  HG3  sing N N 190 
GLN CD  OE1  doub N N 191 
GLN CD  NE2  sing N N 192 
GLN NE2 HE21 sing N N 193 
GLN NE2 HE22 sing N N 194 
GLN OXT HXT  sing N N 195 
GLU N   CA   sing N N 196 
GLU N   H    sing N N 197 
GLU N   H2   sing N N 198 
GLU CA  C    sing N N 199 
GLU CA  CB   sing N N 200 
GLU CA  HA   sing N N 201 
GLU C   O    doub N N 202 
GLU C   OXT  sing N N 203 
GLU CB  CG   sing N N 204 
GLU CB  HB2  sing N N 205 
GLU CB  HB3  sing N N 206 
GLU CG  CD   sing N N 207 
GLU CG  HG2  sing N N 208 
GLU CG  HG3  sing N N 209 
GLU CD  OE1  doub N N 210 
GLU CD  OE2  sing N N 211 
GLU OE2 HE2  sing N N 212 
GLU OXT HXT  sing N N 213 
GLY N   CA   sing N N 214 
GLY N   H    sing N N 215 
GLY N   H2   sing N N 216 
GLY CA  C    sing N N 217 
GLY CA  HA2  sing N N 218 
GLY CA  HA3  sing N N 219 
GLY C   O    doub N N 220 
GLY C   OXT  sing N N 221 
GLY OXT HXT  sing N N 222 
HIS N   CA   sing N N 223 
HIS N   H    sing N N 224 
HIS N   H2   sing N N 225 
HIS CA  C    sing N N 226 
HIS CA  CB   sing N N 227 
HIS CA  HA   sing N N 228 
HIS C   O    doub N N 229 
HIS C   OXT  sing N N 230 
HIS CB  CG   sing N N 231 
HIS CB  HB2  sing N N 232 
HIS CB  HB3  sing N N 233 
HIS CG  ND1  sing Y N 234 
HIS CG  CD2  doub Y N 235 
HIS ND1 CE1  doub Y N 236 
HIS ND1 HD1  sing N N 237 
HIS CD2 NE2  sing Y N 238 
HIS CD2 HD2  sing N N 239 
HIS CE1 NE2  sing Y N 240 
HIS CE1 HE1  sing N N 241 
HIS NE2 HE2  sing N N 242 
HIS OXT HXT  sing N N 243 
HOH O   H1   sing N N 244 
HOH O   H2   sing N N 245 
ILE N   CA   sing N N 246 
ILE N   H    sing N N 247 
ILE N   H2   sing N N 248 
ILE CA  C    sing N N 249 
ILE CA  CB   sing N N 250 
ILE CA  HA   sing N N 251 
ILE C   O    doub N N 252 
ILE C   OXT  sing N N 253 
ILE CB  CG1  sing N N 254 
ILE CB  CG2  sing N N 255 
ILE CB  HB   sing N N 256 
ILE CG1 CD1  sing N N 257 
ILE CG1 HG12 sing N N 258 
ILE CG1 HG13 sing N N 259 
ILE CG2 HG21 sing N N 260 
ILE CG2 HG22 sing N N 261 
ILE CG2 HG23 sing N N 262 
ILE CD1 HD11 sing N N 263 
ILE CD1 HD12 sing N N 264 
ILE CD1 HD13 sing N N 265 
ILE OXT HXT  sing N N 266 
LEU N   CA   sing N N 267 
LEU N   H    sing N N 268 
LEU N   H2   sing N N 269 
LEU CA  C    sing N N 270 
LEU CA  CB   sing N N 271 
LEU CA  HA   sing N N 272 
LEU C   O    doub N N 273 
LEU C   OXT  sing N N 274 
LEU CB  CG   sing N N 275 
LEU CB  HB2  sing N N 276 
LEU CB  HB3  sing N N 277 
LEU CG  CD1  sing N N 278 
LEU CG  CD2  sing N N 279 
LEU CG  HG   sing N N 280 
LEU CD1 HD11 sing N N 281 
LEU CD1 HD12 sing N N 282 
LEU CD1 HD13 sing N N 283 
LEU CD2 HD21 sing N N 284 
LEU CD2 HD22 sing N N 285 
LEU CD2 HD23 sing N N 286 
LEU OXT HXT  sing N N 287 
LYS N   CA   sing N N 288 
LYS N   H    sing N N 289 
LYS N   H2   sing N N 290 
LYS CA  C    sing N N 291 
LYS CA  CB   sing N N 292 
LYS CA  HA   sing N N 293 
LYS C   O    doub N N 294 
LYS C   OXT  sing N N 295 
LYS CB  CG   sing N N 296 
LYS CB  HB2  sing N N 297 
LYS CB  HB3  sing N N 298 
LYS CG  CD   sing N N 299 
LYS CG  HG2  sing N N 300 
LYS CG  HG3  sing N N 301 
LYS CD  CE   sing N N 302 
LYS CD  HD2  sing N N 303 
LYS CD  HD3  sing N N 304 
LYS CE  NZ   sing N N 305 
LYS CE  HE2  sing N N 306 
LYS CE  HE3  sing N N 307 
LYS NZ  HZ1  sing N N 308 
LYS NZ  HZ2  sing N N 309 
LYS NZ  HZ3  sing N N 310 
LYS OXT HXT  sing N N 311 
MET N   CA   sing N N 312 
MET N   H    sing N N 313 
MET N   H2   sing N N 314 
MET CA  C    sing N N 315 
MET CA  CB   sing N N 316 
MET CA  HA   sing N N 317 
MET C   O    doub N N 318 
MET C   OXT  sing N N 319 
MET CB  CG   sing N N 320 
MET CB  HB2  sing N N 321 
MET CB  HB3  sing N N 322 
MET CG  SD   sing N N 323 
MET CG  HG2  sing N N 324 
MET CG  HG3  sing N N 325 
MET SD  CE   sing N N 326 
MET CE  HE1  sing N N 327 
MET CE  HE2  sing N N 328 
MET CE  HE3  sing N N 329 
MET OXT HXT  sing N N 330 
PHE N   CA   sing N N 331 
PHE N   H    sing N N 332 
PHE N   H2   sing N N 333 
PHE CA  C    sing N N 334 
PHE CA  CB   sing N N 335 
PHE CA  HA   sing N N 336 
PHE C   O    doub N N 337 
PHE C   OXT  sing N N 338 
PHE CB  CG   sing N N 339 
PHE CB  HB2  sing N N 340 
PHE CB  HB3  sing N N 341 
PHE CG  CD1  doub Y N 342 
PHE CG  CD2  sing Y N 343 
PHE CD1 CE1  sing Y N 344 
PHE CD1 HD1  sing N N 345 
PHE CD2 CE2  doub Y N 346 
PHE CD2 HD2  sing N N 347 
PHE CE1 CZ   doub Y N 348 
PHE CE1 HE1  sing N N 349 
PHE CE2 CZ   sing Y N 350 
PHE CE2 HE2  sing N N 351 
PHE CZ  HZ   sing N N 352 
PHE OXT HXT  sing N N 353 
PRO N   CA   sing N N 354 
PRO N   CD   sing N N 355 
PRO N   H    sing N N 356 
PRO CA  C    sing N N 357 
PRO CA  CB   sing N N 358 
PRO CA  HA   sing N N 359 
PRO C   O    doub N N 360 
PRO C   OXT  sing N N 361 
PRO CB  CG   sing N N 362 
PRO CB  HB2  sing N N 363 
PRO CB  HB3  sing N N 364 
PRO CG  CD   sing N N 365 
PRO CG  HG2  sing N N 366 
PRO CG  HG3  sing N N 367 
PRO CD  HD2  sing N N 368 
PRO CD  HD3  sing N N 369 
PRO OXT HXT  sing N N 370 
THR N   CA   sing N N 371 
THR N   H    sing N N 372 
THR N   H2   sing N N 373 
THR CA  C    sing N N 374 
THR CA  CB   sing N N 375 
THR CA  HA   sing N N 376 
THR C   O    doub N N 377 
THR C   OXT  sing N N 378 
THR CB  OG1  sing N N 379 
THR CB  CG2  sing N N 380 
THR CB  HB   sing N N 381 
THR OG1 HG1  sing N N 382 
THR CG2 HG21 sing N N 383 
THR CG2 HG22 sing N N 384 
THR CG2 HG23 sing N N 385 
THR OXT HXT  sing N N 386 
TRP N   CA   sing N N 387 
TRP N   H    sing N N 388 
TRP N   H2   sing N N 389 
TRP CA  C    sing N N 390 
TRP CA  CB   sing N N 391 
TRP CA  HA   sing N N 392 
TRP C   O    doub N N 393 
TRP C   OXT  sing N N 394 
TRP CB  CG   sing N N 395 
TRP CB  HB2  sing N N 396 
TRP CB  HB3  sing N N 397 
TRP CG  CD1  doub Y N 398 
TRP CG  CD2  sing Y N 399 
TRP CD1 NE1  sing Y N 400 
TRP CD1 HD1  sing N N 401 
TRP CD2 CE2  doub Y N 402 
TRP CD2 CE3  sing Y N 403 
TRP NE1 CE2  sing Y N 404 
TRP NE1 HE1  sing N N 405 
TRP CE2 CZ2  sing Y N 406 
TRP CE3 CZ3  doub Y N 407 
TRP CE3 HE3  sing N N 408 
TRP CZ2 CH2  doub Y N 409 
TRP CZ2 HZ2  sing N N 410 
TRP CZ3 CH2  sing Y N 411 
TRP CZ3 HZ3  sing N N 412 
TRP CH2 HH2  sing N N 413 
TRP OXT HXT  sing N N 414 
TYR N   CA   sing N N 415 
TYR N   H    sing N N 416 
TYR N   H2   sing N N 417 
TYR CA  C    sing N N 418 
TYR CA  CB   sing N N 419 
TYR CA  HA   sing N N 420 
TYR C   O    doub N N 421 
TYR C   OXT  sing N N 422 
TYR CB  CG   sing N N 423 
TYR CB  HB2  sing N N 424 
TYR CB  HB3  sing N N 425 
TYR CG  CD1  doub Y N 426 
TYR CG  CD2  sing Y N 427 
TYR CD1 CE1  sing Y N 428 
TYR CD1 HD1  sing N N 429 
TYR CD2 CE2  doub Y N 430 
TYR CD2 HD2  sing N N 431 
TYR CE1 CZ   doub Y N 432 
TYR CE1 HE1  sing N N 433 
TYR CE2 CZ   sing Y N 434 
TYR CE2 HE2  sing N N 435 
TYR CZ  OH   sing N N 436 
TYR OH  HH   sing N N 437 
TYR OXT HXT  sing N N 438 
VAL N   CA   sing N N 439 
VAL N   H    sing N N 440 
VAL N   H2   sing N N 441 
VAL CA  C    sing N N 442 
VAL CA  CB   sing N N 443 
VAL CA  HA   sing N N 444 
VAL C   O    doub N N 445 
VAL C   OXT  sing N N 446 
VAL CB  CG1  sing N N 447 
VAL CB  CG2  sing N N 448 
VAL CB  HB   sing N N 449 
VAL CG1 HG11 sing N N 450 
VAL CG1 HG12 sing N N 451 
VAL CG1 HG13 sing N N 452 
VAL CG2 HG21 sing N N 453 
VAL CG2 HG22 sing N N 454 
VAL CG2 HG23 sing N N 455 
VAL OXT HXT  sing N N 456 
# 
loop_
_pdbx_entity_nonpoly.entity_id 
_pdbx_entity_nonpoly.name 
_pdbx_entity_nonpoly.comp_id 
2 
'2-[2-HYDROXY-3-(3-HYDROXY-2-METHYL-BENZOYLAMINO)-4-PHENYL SULFANYL-BUTYL]-DECAHYDRO-ISOQUINOLINE-3-CARBOXYLIC ACID TERT-BUTYLAMIDE' 
1UN 
3 'ACETATE ION' ACT 
4 water HOH 
# 
_pdbx_initial_refinement_model.id               1 
_pdbx_initial_refinement_model.entity_id_list   ? 
_pdbx_initial_refinement_model.type             'experimental model' 
_pdbx_initial_refinement_model.source_name      PDB 
_pdbx_initial_refinement_model.accession_code   1F7A 
_pdbx_initial_refinement_model.details          ? 
# 
